data_6TNG
#
_entry.id   6TNG
#
_cell.length_a   1.00
_cell.length_b   1.00
_cell.length_c   1.00
_cell.angle_alpha   90.00
_cell.angle_beta   90.00
_cell.angle_gamma   90.00
#
_symmetry.space_group_name_H-M   'P 1'
#
loop_
_entity.id
_entity.type
_entity.pdbx_description
1 polymer 'Uncharacterized protein'
2 polymer 'Fanconi anemia complementation group I'
#
loop_
_entity_poly.entity_id
_entity_poly.type
_entity_poly.pdbx_seq_one_letter_code
_entity_poly.pdbx_strand_id
1 'polypeptide(L)'
;MVSKRKLSKIDAAEESSKTDLQSRCPETKRSRISDKRAPSQGGLENEGVFEELLRTSGIILKVGEGQNEIAVDQTAFQKK
LRVALEKHPSYPGVVNEFISGLESHIKDRSQFKNCLLPCTPARTEGSRTLVHSYCESLIKLLLGIKILQPAVVTLLLEKI
PEFFFDVVGTFGTNFPRLIVNQFKWLDGLLDSQDLVKKLMQMLSVSPVPIQHDIITSLPEILEDSQQNEVARELSCLLKQ
GRRLTVPILDALSRLDLDAELLAKVRQSAMTIVPSVKLEDLPVVIKFILHNVKAADAVEVISDLRKSLDLSSCVLPLQLL
GSQRKLKSQAQASSSMSQVTTSQNCVKLLFDVIKLAVRFQKDVSEAWIKAIENSTSVSDHKVLDLIVLLLIHSTNSKNRK
QTEKVLRSKIRLGCMPEQLMQNAFQNHSMVIKDFFPSILSLAQTFLHSAHPAVVSFGSCMYKQAFAVFDSYCQQEVVCAL
VTHVCSGNETELDISLDVLTDLVILHPSLLLRYATFVKTILDSMQKLNPCQIRKLFYILSTLAFSQRQEGSYIQDDMHMV
IRKWLSSSVPNHKQMGIIGAVTMMGSVALKRNEADGGLLERPELSIECDGQLSTLLDLVGFCCEQTPEVLALYYDELANL
IEKQKGNLDLQLLDKFGKSLVEDFPNDFVVDLSPTVDGSFLFPVKSLYNLDEDETQGAIAINLLPLVSQSEPGRVADEMS
NSRKRVVSPICLSPCFRLLRLYTGEQNNGSLEEIDALLGCPLYLTDLEVEGKLDSLSKQEREFLCSLLFYALNWFREVVN
AFCQQQDAEMKGKVLTRLQNITELQNVLGKCLAATPGYVPPPATFDSEAPEGVPSINAGGPVRKKNGKKRKSDSSKACSA
ERTQADESSDGNQPDTELSELEKSAAEKETGNPLAQLQSYRPYFRELDLEVFSVLHCGLLTKSILDTEMHTEASEVVQLG
PAELCFLLDDMCWKLEHVLTPGSTRRVPFLKERGNKDVGFSHLCQRSPKEVAVCVVKLLKPLCNHMENMHNYFQTVIPNQ
GVVDESGLNIQEYQLMSSCYHQLLLAFRLLFAWSGFSQHENSNLLRSALQVLADRLKPGETEFLPLEELISESFQYLLNF
QASIPSFQCAFILTQVLMAISEKPMTGWKREKMASLAKQFLCQSWMKPGGDREKGSHFNSALHTLLCVYLEHTDNILKAI
EEISSVGVPELINSAKDGCSSTYPTLSRQTFPVFFRVMMAQLESSVKSIPAGKPSDSGEVQLEKLLKWNIAVRNFHILIN
LVKVFDSRPVLSICLKYGRLFVEAFLKLAMPLLDHSFKKHRDDVQSLLKTLQLSTRQLHHMCGHSKIHQDLGLTNHVPLL
KKSLEQFVYRVKAMLAFNHCQEAFWVGVLKNRDLQGEEILSQASAAPEEDSAEGSEEDTEDSAAEEPDGTDSDSGGAGR
;
A
2 'polypeptide(L)'
;MAQRILQLAAEGSPERLQEALQGLTEGELGDMVTRQALRGRETAALLKGIFKGSPCSQQSGVLRRLQVYKHCVSLVESGD
LHVGKVSEIIGLLMLEARQLPGHALAELATLFVEVIKRGSLSNGKSLELFSTVLTALSNSKESLAYGKGELNGEEFKKQL
INTLCSSKWDPQCVIHLANMFRDIPLSGEELQFVVEKVLRMFSKLDLQEIPPLVYQLLLLSAKGSKKTVLEGIISFFNQL
DKRQKEEQRVPQSADLEVATVPLDQLRHVEGTVILHIVSAINLDQDIGEELIKHLKTEQQKDPGKALCPFSVSLLLSTAV
KHRLQEQIFDFLKTSITRSCKDLQILQASKFLQDLCPQQYDVTAVILEVVKNSAFGWDHVTQGLVDLGFSLMESYEPKKS
FGGKAAETNLGLSKMPAQQACKLGASILLETFKVHEPIRSDILEQVLNRVLTKAASPVSHFIDLLSNIVVSAPLVLQNSS
SRVTETFDNLSFLPIDTVQGLLRAVQPLLKVSMSVRDSLILVLQKAIFSRQLDARKAAVAGFLLLLRNFKILGSLTSSQC
SQAIGATQVQADVHACYNSAANEAFCLEILGSLRRCLSQQADVRLMLYEGFYDVLRRNSQLASSIMETLLSQIKQYYLPQ
QDLLPPLKLEGCIMAQGDQIFLQEPLAHLLCCIQHCLAWYKSTVHLCKGAEDEEEEEDVGFEQNFEEMLESVTRRMIKSE
LEDFELDKSADFSPSSGVGVKNNIYAIQVMGICEVLIEYNFKIGNFSKNKFEDVLGLFTCYNKLSEILKEKAGKNKSTLG
NRIARSFLSMGFVSTLLTALFRDNAQSHEESLAVLRSSTEFMRYAVSVALQKVQQLEEMGQTDGPDGQNPEKMFQNLCKI
TRVLLWRYTSIPTAVEESGKKKGKSISLLCLEGLLRIFNTMQQLYAARIPQFLQALDITDGDAEEADINVTEKAAFQIRQ
FQRSLVNQLSSAEDDFNSKETQLLITILSTLSKLLDPGSQQFLQFLTWTVKICKENALEDLSCCKGLLTLLFSLHVLYKS
PVSLLRELAQDIHACLGDIDQDVEIESRSHFAIVNVKTAAPTVCLLVLGQADKVLEEVDWLIKRLTILGSDTSEDSTQAS
NQTQALEKGVILQLGTLLTVFHELVQTALPAGSCVDSLLRSLSKTYAILTSLIKHYIQACRSTSNTVPGRLEKLVKLSGS
HLTPQCYSFITYVQNIHSESLSFAEEKKKKKKEDETAVVSTVMAKVLRDTKPIPNLIFAIEQYEKFLIHLSKKSKVNLMQ
YMKLSTSRDFRINASMLDSVLQEQNTEDAENEPDNNQSGTAEQPDENQEPQKKRRRKK
;
B
#
# COMPACT_ATOMS: atom_id res chain seq x y z
N GLY A 48 50.50 -47.92 41.89
CA GLY A 48 49.31 -47.17 42.28
C GLY A 48 48.13 -48.04 42.60
N VAL A 49 47.82 -48.17 43.89
CA VAL A 49 46.72 -49.01 44.33
C VAL A 49 45.40 -48.52 43.77
N PHE A 50 45.23 -47.20 43.69
CA PHE A 50 44.04 -46.64 43.07
C PHE A 50 43.98 -46.99 41.58
N GLU A 51 45.14 -47.04 40.94
CA GLU A 51 45.18 -47.39 39.52
C GLU A 51 44.72 -48.81 39.30
N GLU A 52 45.19 -49.74 40.14
CA GLU A 52 44.79 -51.13 39.99
C GLU A 52 43.29 -51.28 40.28
N LEU A 53 42.80 -50.59 41.31
CA LEU A 53 41.38 -50.64 41.62
C LEU A 53 40.55 -50.15 40.45
N LEU A 54 41.00 -49.08 39.80
CA LEU A 54 40.26 -48.57 38.64
C LEU A 54 40.31 -49.55 37.49
N ARG A 55 41.52 -49.98 37.10
CA ARG A 55 41.69 -50.82 35.91
C ARG A 55 40.91 -52.12 36.05
N THR A 56 41.01 -52.78 37.20
CA THR A 56 40.21 -53.96 37.43
C THR A 56 38.73 -53.61 37.45
N SER A 57 38.39 -52.39 37.85
CA SER A 57 37.00 -51.98 37.78
C SER A 57 36.51 -51.95 36.35
N GLY A 58 37.43 -51.90 35.39
CA GLY A 58 37.09 -52.16 34.01
C GLY A 58 37.33 -51.03 33.02
N ILE A 59 37.02 -49.78 33.37
CA ILE A 59 37.13 -48.69 32.41
C ILE A 59 38.60 -48.50 32.06
N ILE A 60 38.97 -48.87 30.84
CA ILE A 60 40.36 -49.12 30.49
C ILE A 60 41.18 -47.85 30.63
N LEU A 61 42.50 -48.02 30.69
CA LEU A 61 43.42 -46.90 30.87
C LEU A 61 43.21 -45.90 29.75
N LYS A 62 43.41 -44.62 30.05
CA LYS A 62 43.05 -43.55 29.12
C LYS A 62 44.30 -42.84 28.60
N VAL A 63 45.44 -43.54 28.71
CA VAL A 63 46.75 -42.97 28.45
C VAL A 63 46.84 -42.41 27.04
N GLY A 64 47.74 -41.46 26.85
CA GLY A 64 47.88 -40.77 25.58
C GLY A 64 46.83 -39.68 25.41
N GLU A 65 47.06 -38.85 24.38
CA GLU A 65 46.16 -37.75 24.10
C GLU A 65 44.81 -38.23 23.58
N GLY A 66 44.70 -39.49 23.22
CA GLY A 66 43.46 -40.00 22.67
C GLY A 66 42.44 -40.29 23.75
N GLN A 67 41.15 -40.28 23.36
CA GLN A 67 40.06 -40.51 24.29
C GLN A 67 40.15 -41.91 24.88
N ASN A 68 40.00 -42.00 26.20
CA ASN A 68 40.14 -43.27 26.88
C ASN A 68 38.95 -44.18 26.58
N GLU A 69 39.21 -45.48 26.54
CA GLU A 69 38.24 -46.47 26.11
C GLU A 69 37.95 -47.43 27.23
N ILE A 70 36.69 -47.47 27.67
CA ILE A 70 36.26 -48.28 28.78
C ILE A 70 35.18 -49.21 28.26
N ALA A 71 35.57 -50.44 27.95
CA ALA A 71 34.71 -51.43 27.28
C ALA A 71 33.99 -52.31 28.30
N VAL A 72 32.86 -51.79 28.77
CA VAL A 72 32.02 -52.45 29.74
C VAL A 72 30.67 -51.75 29.62
N ASP A 73 29.64 -52.33 30.19
CA ASP A 73 28.38 -51.61 30.30
C ASP A 73 28.56 -50.40 31.21
N GLN A 74 27.91 -49.29 30.84
CA GLN A 74 27.99 -48.08 31.63
C GLN A 74 27.39 -48.30 33.01
N THR A 75 26.09 -48.61 33.07
CA THR A 75 25.47 -49.03 34.32
C THR A 75 26.24 -50.18 34.93
N ALA A 76 26.79 -51.03 34.09
CA ALA A 76 27.70 -52.07 34.56
C ALA A 76 28.93 -51.48 35.24
N PHE A 77 29.65 -50.58 34.56
CA PHE A 77 30.94 -50.15 35.09
C PHE A 77 30.77 -49.40 36.39
N GLN A 78 29.74 -48.56 36.45
CA GLN A 78 29.40 -47.86 37.68
C GLN A 78 29.05 -48.82 38.80
N LYS A 79 28.08 -49.72 38.58
CA LYS A 79 27.64 -50.60 39.66
C LYS A 79 28.74 -51.54 40.12
N LYS A 80 29.51 -52.06 39.17
CA LYS A 80 30.57 -52.99 39.48
C LYS A 80 31.64 -52.36 40.34
N LEU A 81 32.17 -51.20 39.90
CA LEU A 81 33.22 -50.55 40.68
C LEU A 81 32.70 -50.10 42.04
N ARG A 82 31.48 -49.58 42.09
CA ARG A 82 31.01 -48.96 43.32
C ARG A 82 30.46 -49.99 44.30
N VAL A 83 30.37 -51.24 43.87
CA VAL A 83 30.20 -52.31 44.84
C VAL A 83 31.56 -52.86 45.26
N ALA A 84 32.35 -53.32 44.28
CA ALA A 84 33.54 -54.10 44.57
C ALA A 84 34.71 -53.22 45.01
N LEU A 85 34.46 -51.95 45.25
CA LEU A 85 35.41 -51.21 46.05
C LEU A 85 35.01 -51.21 47.50
N GLU A 86 33.71 -51.39 47.78
CA GLU A 86 33.20 -51.28 49.14
C GLU A 86 33.74 -52.39 50.03
N LYS A 87 34.19 -53.49 49.43
CA LYS A 87 34.78 -54.59 50.20
C LYS A 87 36.30 -54.48 50.22
N HIS A 88 36.83 -53.32 49.86
CA HIS A 88 38.25 -53.07 50.05
C HIS A 88 38.55 -53.10 51.55
N PRO A 89 39.82 -53.25 51.93
CA PRO A 89 40.13 -53.50 53.35
C PRO A 89 39.65 -52.42 54.30
N SER A 90 40.12 -51.18 54.16
CA SER A 90 39.63 -50.09 55.00
C SER A 90 38.36 -49.53 54.38
N TYR A 91 37.30 -50.31 54.49
CA TYR A 91 36.02 -49.95 53.88
C TYR A 91 35.46 -48.63 54.40
N PRO A 92 35.83 -48.16 55.59
CA PRO A 92 35.55 -46.77 55.92
C PRO A 92 36.74 -45.87 55.67
N GLY A 93 37.87 -46.43 55.28
CA GLY A 93 39.08 -45.63 55.17
C GLY A 93 39.91 -45.78 53.91
N VAL A 94 39.30 -46.00 52.75
CA VAL A 94 40.09 -46.10 51.53
C VAL A 94 39.89 -44.88 50.65
N VAL A 95 38.76 -44.18 50.85
CA VAL A 95 38.30 -43.17 49.91
C VAL A 95 39.33 -42.06 49.74
N ASN A 96 39.88 -41.58 50.86
CA ASN A 96 40.87 -40.52 50.80
C ASN A 96 42.16 -41.00 50.17
N GLU A 97 42.59 -42.21 50.52
CA GLU A 97 43.84 -42.73 50.00
C GLU A 97 43.77 -42.91 48.50
N PHE A 98 42.56 -43.14 47.99
CA PHE A 98 42.41 -43.27 46.54
C PHE A 98 42.27 -41.92 45.85
N ILE A 99 41.40 -41.06 46.37
CA ILE A 99 41.15 -39.77 45.73
C ILE A 99 42.41 -38.94 45.70
N SER A 100 43.33 -39.18 46.66
CA SER A 100 44.62 -38.52 46.63
C SER A 100 45.44 -39.00 45.45
N GLY A 101 45.29 -40.26 45.07
CA GLY A 101 45.80 -40.69 43.80
C GLY A 101 45.11 -40.00 42.64
N LEU A 102 43.81 -39.71 42.82
CA LEU A 102 43.06 -39.02 41.77
C LEU A 102 43.68 -37.65 41.49
N GLU A 103 44.02 -36.94 42.55
CA GLU A 103 44.67 -35.64 42.41
C GLU A 103 46.10 -35.81 41.93
N SER A 104 46.76 -36.90 42.31
CA SER A 104 48.04 -37.25 41.72
C SER A 104 47.87 -37.56 40.24
N HIS A 105 46.63 -37.80 39.82
CA HIS A 105 46.32 -37.94 38.40
C HIS A 105 45.73 -36.65 37.83
N ILE A 106 45.55 -35.63 38.65
CA ILE A 106 44.94 -34.40 38.15
C ILE A 106 45.95 -33.38 37.66
N LYS A 107 47.21 -33.77 37.44
CA LYS A 107 48.25 -32.78 37.18
C LYS A 107 48.29 -32.33 35.73
N ASP A 108 48.62 -33.22 34.80
CA ASP A 108 48.86 -32.82 33.41
C ASP A 108 47.56 -32.46 32.74
N ARG A 109 47.52 -31.28 32.10
CA ARG A 109 46.26 -30.70 31.64
C ARG A 109 45.58 -31.54 30.56
N SER A 110 46.38 -32.20 29.72
CA SER A 110 45.81 -33.14 28.77
C SER A 110 45.03 -34.21 29.50
N GLN A 111 45.57 -34.72 30.61
CA GLN A 111 44.83 -35.62 31.45
C GLN A 111 43.57 -34.96 31.97
N PHE A 112 43.59 -33.65 32.09
CA PHE A 112 42.35 -32.93 32.33
C PHE A 112 41.37 -33.17 31.18
N LYS A 113 41.86 -33.08 29.95
CA LYS A 113 40.95 -33.24 28.83
C LYS A 113 40.40 -34.65 28.78
N ASN A 114 41.28 -35.65 28.81
CA ASN A 114 40.84 -37.02 28.87
C ASN A 114 40.08 -37.29 30.16
N CYS A 115 40.39 -36.55 31.21
CA CYS A 115 39.46 -36.52 32.32
C CYS A 115 38.17 -35.86 31.90
N LEU A 116 38.25 -34.77 31.15
CA LEU A 116 37.05 -33.95 30.95
C LEU A 116 36.20 -34.47 29.80
N LEU A 117 36.84 -35.00 28.75
CA LEU A 117 36.20 -35.18 27.47
C LEU A 117 35.12 -36.26 27.51
N PRO A 118 34.33 -36.39 26.43
CA PRO A 118 33.20 -37.33 26.46
C PRO A 118 33.65 -38.73 26.06
N CYS A 119 32.99 -39.74 26.64
CA CYS A 119 33.38 -41.13 26.44
C CYS A 119 32.44 -42.11 27.10
N CYS A 135 29.48 -43.23 27.08
CA CYS A 135 28.52 -42.42 27.81
C CYS A 135 29.15 -41.12 28.25
N GLU A 136 28.96 -40.76 29.52
CA GLU A 136 29.49 -39.53 30.05
C GLU A 136 31.00 -39.65 30.25
N SER A 137 31.55 -38.77 31.07
CA SER A 137 32.99 -38.78 31.29
C SER A 137 33.36 -39.53 32.57
N LEU A 138 34.61 -40.00 32.60
CA LEU A 138 35.13 -40.71 33.76
C LEU A 138 34.98 -39.84 34.99
N ILE A 139 35.15 -38.54 34.83
CA ILE A 139 34.66 -37.62 35.84
C ILE A 139 33.13 -37.62 35.85
N LYS A 140 32.52 -37.45 34.68
CA LYS A 140 31.14 -36.97 34.63
C LYS A 140 30.17 -38.10 34.79
N LEU A 141 30.70 -39.31 34.86
CA LEU A 141 29.95 -40.42 35.42
C LEU A 141 30.62 -40.96 36.67
N LEU A 142 31.97 -40.91 36.70
CA LEU A 142 32.75 -41.44 37.81
C LEU A 142 32.42 -40.76 39.11
N LEU A 143 31.70 -39.65 39.02
CA LEU A 143 31.02 -39.06 40.15
C LEU A 143 29.59 -39.57 40.26
N GLY A 144 29.36 -40.83 39.99
CA GLY A 144 28.05 -41.38 40.27
C GLY A 144 28.01 -42.28 41.50
N ILE A 145 29.14 -42.86 41.87
CA ILE A 145 29.14 -43.75 43.02
C ILE A 145 28.94 -42.92 44.28
N LYS A 146 27.77 -43.06 44.90
CA LYS A 146 27.39 -42.23 46.05
C LYS A 146 28.40 -42.31 47.19
N ILE A 147 29.10 -43.44 47.33
CA ILE A 147 30.18 -43.55 48.29
C ILE A 147 31.31 -42.59 47.97
N LEU A 148 31.43 -42.18 46.71
CA LEU A 148 32.22 -41.02 46.34
C LEU A 148 31.36 -39.81 46.04
N GLN A 149 30.03 -39.94 46.17
CA GLN A 149 29.10 -38.96 45.62
C GLN A 149 29.15 -37.59 46.28
N PRO A 150 29.57 -37.46 47.54
CA PRO A 150 29.74 -36.11 48.11
C PRO A 150 31.18 -35.64 48.12
N ALA A 151 32.12 -36.48 47.71
CA ALA A 151 33.52 -36.12 47.89
C ALA A 151 34.16 -35.71 46.58
N VAL A 152 33.41 -35.83 45.48
CA VAL A 152 33.97 -35.50 44.18
C VAL A 152 33.83 -34.00 43.88
N VAL A 153 32.66 -33.42 44.16
CA VAL A 153 32.40 -32.03 43.84
C VAL A 153 33.37 -31.13 44.57
N THR A 154 33.81 -31.55 45.75
CA THR A 154 34.72 -30.73 46.53
C THR A 154 36.14 -30.83 46.00
N LEU A 155 36.51 -32.00 45.48
CA LEU A 155 37.82 -32.08 44.83
C LEU A 155 37.81 -31.28 43.56
N LEU A 156 36.66 -31.18 42.92
CA LEU A 156 36.59 -30.49 41.65
C LEU A 156 36.46 -28.98 41.81
N LEU A 157 35.36 -28.52 42.41
CA LEU A 157 34.87 -27.15 42.26
C LEU A 157 35.87 -26.12 42.75
N GLU A 158 36.88 -26.56 43.50
CA GLU A 158 37.98 -25.68 43.82
C GLU A 158 39.00 -25.62 42.69
N LYS A 159 38.80 -26.41 41.63
CA LYS A 159 39.73 -26.35 40.52
C LYS A 159 39.61 -25.04 39.78
N ILE A 160 38.42 -24.42 39.84
CA ILE A 160 38.14 -23.27 38.96
C ILE A 160 38.95 -22.04 39.32
N PRO A 161 39.30 -21.78 40.57
CA PRO A 161 40.10 -20.59 40.84
C PRO A 161 41.50 -20.64 40.26
N GLU A 162 42.31 -21.65 40.62
CA GLU A 162 43.70 -21.66 40.19
C GLU A 162 43.81 -21.96 38.71
N PHE A 163 42.77 -22.55 38.14
CA PHE A 163 42.67 -22.65 36.70
C PHE A 163 41.97 -21.43 36.11
N PHE A 164 41.97 -20.31 36.84
CA PHE A 164 41.43 -19.06 36.30
C PHE A 164 42.49 -17.97 36.23
N PHE A 165 43.76 -18.36 36.10
CA PHE A 165 44.85 -17.38 36.10
C PHE A 165 45.35 -17.05 34.70
N ASP A 166 45.74 -18.07 33.94
CA ASP A 166 46.55 -17.86 32.74
C ASP A 166 45.80 -17.10 31.65
N VAL A 167 46.53 -16.70 30.61
CA VAL A 167 45.94 -15.89 29.56
C VAL A 167 45.15 -16.76 28.60
N VAL A 168 43.82 -16.65 28.67
CA VAL A 168 42.94 -17.53 27.89
C VAL A 168 42.37 -16.81 26.68
N GLY A 169 42.46 -17.46 25.52
CA GLY A 169 42.09 -16.84 24.28
C GLY A 169 41.29 -17.80 23.42
N THR A 170 41.56 -17.74 22.11
CA THR A 170 40.81 -18.44 21.08
C THR A 170 41.44 -19.75 20.65
N PHE A 171 42.09 -20.47 21.56
CA PHE A 171 42.76 -21.71 21.22
C PHE A 171 42.00 -22.93 21.75
N GLY A 172 41.19 -22.74 22.78
CA GLY A 172 40.15 -23.70 23.13
C GLY A 172 40.12 -24.20 24.55
N THR A 173 41.27 -24.49 25.17
CA THR A 173 41.31 -25.33 26.36
C THR A 173 40.89 -24.55 27.61
N ASN A 174 39.73 -23.91 27.51
CA ASN A 174 39.18 -23.11 28.58
C ASN A 174 38.73 -24.08 29.67
N PHE A 175 39.69 -24.51 30.49
CA PHE A 175 39.37 -25.38 31.61
C PHE A 175 38.21 -24.85 32.41
N PRO A 176 38.06 -23.55 32.59
CA PRO A 176 36.83 -23.04 33.23
C PRO A 176 35.57 -23.30 32.44
N ARG A 177 35.69 -23.59 31.16
CA ARG A 177 34.51 -24.08 30.46
C ARG A 177 34.15 -25.46 30.96
N LEU A 178 35.07 -26.40 30.80
CA LEU A 178 34.75 -27.81 30.99
C LEU A 178 34.45 -28.12 32.45
N ILE A 179 35.29 -27.62 33.36
CA ILE A 179 35.22 -28.04 34.76
C ILE A 179 33.90 -27.65 35.39
N VAL A 180 33.10 -26.84 34.71
CA VAL A 180 31.81 -26.45 35.27
C VAL A 180 30.72 -26.71 34.27
N ASN A 181 31.09 -27.20 33.09
CA ASN A 181 30.09 -27.65 32.13
C ASN A 181 29.65 -29.06 32.44
N GLN A 182 30.46 -29.82 33.19
CA GLN A 182 30.15 -31.26 33.42
C GLN A 182 28.95 -31.45 34.34
N PHE A 183 28.74 -30.57 35.32
CA PHE A 183 27.67 -30.76 36.33
C PHE A 183 26.28 -30.72 35.72
N LYS A 184 26.08 -30.00 34.63
CA LYS A 184 24.71 -29.82 34.09
C LYS A 184 24.07 -31.17 33.73
N TRP A 185 22.77 -31.33 34.02
CA TRP A 185 22.04 -32.55 33.63
C TRP A 185 22.21 -33.67 34.68
N LEU A 186 22.90 -33.39 35.80
CA LEU A 186 23.15 -34.42 36.85
C LEU A 186 21.82 -34.88 37.46
N ASP A 187 21.64 -36.19 37.67
CA ASP A 187 20.40 -36.73 38.22
C ASP A 187 20.55 -37.25 39.65
N GLY A 188 21.68 -37.86 39.96
CA GLY A 188 21.92 -38.21 41.34
C GLY A 188 23.23 -37.69 41.88
N LEU A 189 23.13 -36.70 42.75
CA LEU A 189 24.27 -36.06 43.39
C LEU A 189 23.82 -35.68 44.77
N LEU A 190 24.71 -35.89 45.75
CA LEU A 190 24.28 -35.96 47.15
C LEU A 190 23.72 -34.63 47.65
N ASP A 191 24.57 -33.61 47.74
CA ASP A 191 24.20 -32.39 48.43
C ASP A 191 23.29 -31.58 47.51
N SER A 192 22.11 -31.22 48.02
CA SER A 192 21.18 -30.45 47.21
C SER A 192 21.42 -28.95 47.33
N GLN A 193 21.87 -28.49 48.49
CA GLN A 193 22.06 -27.05 48.69
C GLN A 193 23.50 -26.66 48.43
N ASP A 194 24.44 -27.50 48.86
CA ASP A 194 25.84 -27.09 48.94
C ASP A 194 26.42 -26.77 47.57
N LEU A 195 25.81 -27.31 46.51
CA LEU A 195 26.23 -26.98 45.16
C LEU A 195 26.07 -25.50 44.89
N VAL A 196 24.84 -24.99 44.95
CA VAL A 196 24.62 -23.56 44.74
C VAL A 196 25.33 -22.75 45.81
N LYS A 197 25.44 -23.31 47.02
CA LYS A 197 26.06 -22.59 48.11
C LYS A 197 27.50 -22.24 47.80
N LYS A 198 28.34 -23.25 47.61
CA LYS A 198 29.73 -23.00 47.22
C LYS A 198 29.79 -22.23 45.92
N LEU A 199 28.76 -22.36 45.08
CA LEU A 199 28.83 -21.77 43.74
C LEU A 199 28.77 -20.25 43.81
N MET A 200 27.87 -19.71 44.63
CA MET A 200 27.64 -18.27 44.60
C MET A 200 28.89 -17.49 44.97
N GLN A 201 29.51 -17.85 46.09
CA GLN A 201 30.80 -17.27 46.45
C GLN A 201 31.89 -17.72 45.48
N MET A 202 31.70 -18.85 44.80
CA MET A 202 32.62 -19.25 43.74
C MET A 202 32.62 -18.23 42.63
N LEU A 203 31.52 -17.48 42.51
CA LEU A 203 31.49 -16.35 41.61
C LEU A 203 32.10 -15.09 42.21
N SER A 204 32.91 -15.22 43.27
CA SER A 204 33.33 -14.05 44.06
C SER A 204 34.20 -13.10 43.26
N VAL A 205 35.42 -13.50 42.94
CA VAL A 205 36.41 -12.58 42.39
C VAL A 205 37.06 -13.11 41.13
N SER A 206 36.38 -13.88 40.31
CA SER A 206 37.01 -14.32 39.08
C SER A 206 37.01 -13.16 38.08
N PRO A 207 37.55 -13.36 36.88
CA PRO A 207 37.44 -12.32 35.86
C PRO A 207 36.00 -12.14 35.39
N VAL A 208 35.84 -11.34 34.34
CA VAL A 208 34.56 -11.29 33.64
C VAL A 208 34.29 -12.57 32.87
N PRO A 209 35.28 -13.24 32.30
CA PRO A 209 35.00 -14.52 31.63
C PRO A 209 34.46 -15.57 32.57
N ILE A 210 35.15 -15.83 33.68
CA ILE A 210 34.68 -16.79 34.68
C ILE A 210 33.28 -16.41 35.17
N GLN A 211 32.96 -15.12 35.15
CA GLN A 211 31.63 -14.70 35.53
C GLN A 211 30.62 -15.11 34.48
N HIS A 212 30.96 -14.92 33.21
CA HIS A 212 30.08 -15.38 32.15
C HIS A 212 29.88 -16.88 32.24
N ASP A 213 30.91 -17.61 32.66
CA ASP A 213 30.78 -19.05 32.78
C ASP A 213 29.84 -19.43 33.91
N ILE A 214 30.19 -19.09 35.15
CA ILE A 214 29.45 -19.55 36.32
C ILE A 214 28.01 -19.05 36.28
N ILE A 215 27.77 -17.91 35.63
CA ILE A 215 26.39 -17.46 35.51
C ILE A 215 25.79 -17.97 34.22
N THR A 216 26.61 -18.63 33.41
CA THR A 216 26.13 -19.15 32.10
C THR A 216 25.22 -20.37 32.28
N SER A 217 25.66 -21.38 33.04
CA SER A 217 24.90 -22.65 33.16
C SER A 217 23.95 -22.65 34.34
N LEU A 218 23.60 -21.47 34.85
CA LEU A 218 22.77 -21.41 36.09
C LEU A 218 21.46 -22.15 35.86
N PRO A 219 20.85 -22.09 34.66
CA PRO A 219 19.54 -22.73 34.51
C PRO A 219 19.50 -24.25 34.75
N GLU A 220 20.49 -25.00 34.26
CA GLU A 220 20.44 -26.50 34.38
C GLU A 220 21.32 -27.05 35.51
N ILE A 221 22.57 -26.59 35.62
CA ILE A 221 23.53 -27.12 36.65
C ILE A 221 22.95 -26.79 38.02
N LEU A 222 22.38 -25.59 38.15
CA LEU A 222 21.69 -25.26 39.41
C LEU A 222 20.49 -26.19 39.53
N GLU A 223 20.23 -26.69 40.74
CA GLU A 223 19.07 -27.60 40.98
C GLU A 223 17.80 -26.77 41.01
N ASP A 224 16.65 -27.46 40.98
CA ASP A 224 15.35 -26.74 41.00
C ASP A 224 14.82 -26.63 42.43
N SER A 225 15.66 -26.25 43.40
CA SER A 225 15.09 -26.03 44.73
C SER A 225 14.89 -24.55 45.02
N GLN A 226 15.98 -23.79 45.10
CA GLN A 226 15.95 -22.44 45.64
C GLN A 226 15.84 -21.46 44.47
N GLN A 227 14.64 -21.38 43.89
CA GLN A 227 14.43 -20.52 42.73
C GLN A 227 14.38 -19.07 43.13
N ASN A 228 13.40 -18.70 43.96
CA ASN A 228 13.27 -17.33 44.44
C ASN A 228 14.49 -16.89 45.24
N GLU A 229 15.20 -17.82 45.87
CA GLU A 229 16.46 -17.48 46.53
C GLU A 229 17.58 -17.28 45.51
N VAL A 230 17.64 -18.18 44.51
CA VAL A 230 18.61 -18.03 43.43
C VAL A 230 18.35 -16.73 42.70
N ALA A 231 17.08 -16.45 42.42
CA ALA A 231 16.72 -15.19 41.80
C ALA A 231 16.96 -14.02 42.74
N ARG A 232 16.93 -14.29 44.06
CA ARG A 232 17.20 -13.25 45.03
C ARG A 232 18.63 -12.77 44.90
N GLU A 233 19.57 -13.70 44.96
CA GLU A 233 20.97 -13.36 44.73
C GLU A 233 21.14 -12.72 43.37
N LEU A 234 20.33 -13.15 42.41
CA LEU A 234 20.43 -12.66 41.04
C LEU A 234 20.14 -11.18 40.95
N SER A 235 18.92 -10.76 41.32
CA SER A 235 18.43 -9.41 41.00
C SER A 235 19.34 -8.34 41.58
N CYS A 236 19.91 -8.60 42.75
CA CYS A 236 20.86 -7.67 43.34
C CYS A 236 22.26 -7.85 42.77
N LEU A 237 22.60 -9.05 42.29
CA LEU A 237 23.84 -9.18 41.52
C LEU A 237 23.76 -8.37 40.25
N LEU A 238 22.54 -8.00 39.85
CA LEU A 238 22.35 -7.22 38.63
C LEU A 238 21.51 -5.97 38.88
N LYS A 239 21.56 -5.43 40.09
CA LYS A 239 20.91 -4.15 40.40
C LYS A 239 21.48 -2.98 39.60
N GLN A 240 22.81 -2.88 39.49
CA GLN A 240 23.46 -1.90 38.64
C GLN A 240 24.89 -2.38 38.40
N GLY A 241 25.22 -2.70 37.15
CA GLY A 241 26.48 -3.37 36.86
C GLY A 241 27.00 -3.08 35.47
N ARG A 242 28.06 -3.80 35.10
CA ARG A 242 28.81 -3.53 33.87
C ARG A 242 29.04 -4.75 32.99
N ARG A 243 29.24 -5.92 33.57
CA ARG A 243 29.40 -7.15 32.82
C ARG A 243 28.30 -8.15 33.11
N LEU A 244 27.11 -7.64 33.33
CA LEU A 244 25.90 -8.40 33.58
C LEU A 244 24.70 -7.77 32.93
N THR A 245 24.82 -7.35 31.67
CA THR A 245 23.64 -7.02 30.89
C THR A 245 23.36 -8.12 29.86
N VAL A 246 24.39 -8.62 29.22
CA VAL A 246 24.25 -9.79 28.35
C VAL A 246 23.96 -11.01 29.19
N PRO A 247 24.94 -11.53 29.95
CA PRO A 247 24.72 -12.80 30.64
C PRO A 247 23.55 -12.76 31.60
N ILE A 248 23.64 -11.95 32.64
CA ILE A 248 22.64 -12.01 33.70
C ILE A 248 21.31 -11.47 33.21
N LEU A 249 21.34 -10.81 32.06
CA LEU A 249 20.10 -10.34 31.48
C LEU A 249 19.45 -11.46 30.71
N ASP A 250 20.24 -12.45 30.32
CA ASP A 250 19.66 -13.61 29.63
C ASP A 250 19.20 -14.66 30.64
N ALA A 251 20.00 -14.90 31.67
CA ALA A 251 19.79 -16.04 32.57
C ALA A 251 18.48 -15.92 33.35
N LEU A 252 17.71 -14.87 33.05
CA LEU A 252 16.40 -14.69 33.72
C LEU A 252 15.39 -15.64 33.07
N SER A 253 15.61 -15.99 31.81
CA SER A 253 14.71 -16.96 31.11
C SER A 253 14.79 -18.37 31.74
N ARG A 254 15.99 -18.83 32.11
CA ARG A 254 16.19 -20.20 32.66
C ARG A 254 15.47 -20.43 33.99
N LEU A 255 15.49 -19.44 34.90
CA LEU A 255 14.88 -19.64 36.25
C LEU A 255 13.44 -19.15 36.14
N ASP A 256 12.48 -20.06 35.95
CA ASP A 256 11.13 -19.59 35.69
C ASP A 256 10.54 -19.00 36.96
N LEU A 257 10.94 -17.76 37.24
CA LEU A 257 10.65 -17.06 38.49
C LEU A 257 9.16 -16.89 38.71
N ASP A 258 8.80 -16.56 39.96
CA ASP A 258 7.43 -16.71 40.44
C ASP A 258 6.55 -15.53 40.02
N ALA A 259 5.39 -15.44 40.68
CA ALA A 259 4.56 -14.26 40.53
C ALA A 259 5.08 -13.10 41.36
N GLU A 260 5.97 -13.40 42.31
CA GLU A 260 6.40 -12.34 43.21
C GLU A 260 7.49 -11.50 42.60
N LEU A 261 8.69 -12.08 42.42
CA LEU A 261 9.86 -11.26 42.14
C LEU A 261 9.83 -10.67 40.74
N LEU A 262 8.74 -10.87 40.01
CA LEU A 262 8.69 -10.53 38.59
C LEU A 262 8.70 -9.03 38.36
N ALA A 263 7.72 -8.32 38.92
CA ALA A 263 7.68 -6.88 38.77
C ALA A 263 8.91 -6.24 39.39
N LYS A 264 9.46 -6.88 40.41
CA LYS A 264 10.76 -6.46 40.92
C LYS A 264 11.82 -6.52 39.83
N VAL A 265 11.86 -7.62 39.08
CA VAL A 265 12.79 -7.73 37.96
C VAL A 265 12.49 -6.65 36.94
N ARG A 266 11.20 -6.38 36.71
CA ARG A 266 10.80 -5.49 35.62
C ARG A 266 11.17 -4.04 35.91
N GLN A 267 10.70 -3.50 37.04
CA GLN A 267 11.10 -2.17 37.48
C GLN A 267 12.61 -2.08 37.67
N SER A 268 13.27 -3.20 38.02
CA SER A 268 14.72 -3.18 38.11
C SER A 268 15.34 -3.12 36.73
N ALA A 269 14.55 -3.39 35.69
CA ALA A 269 15.07 -3.30 34.34
C ALA A 269 15.36 -1.84 33.95
N MET A 270 14.35 -0.97 34.05
CA MET A 270 14.37 0.33 33.37
C MET A 270 15.50 1.20 33.87
N THR A 271 15.99 0.95 35.07
CA THR A 271 17.06 1.77 35.64
C THR A 271 18.38 1.59 34.90
N ILE A 272 18.65 0.40 34.38
CA ILE A 272 19.86 0.24 33.61
C ILE A 272 19.67 0.78 32.21
N VAL A 273 18.42 0.86 31.77
CA VAL A 273 18.14 1.05 30.35
C VAL A 273 18.46 2.44 29.84
N PRO A 274 18.14 3.52 30.55
CA PRO A 274 18.45 4.87 30.04
C PRO A 274 19.92 5.19 30.06
N SER A 275 20.72 4.38 30.74
CA SER A 275 22.17 4.45 30.65
C SER A 275 22.78 3.13 30.16
N VAL A 276 22.05 2.37 29.33
CA VAL A 276 22.53 1.08 28.85
C VAL A 276 23.73 1.26 27.93
N LYS A 277 24.41 0.16 27.65
CA LYS A 277 25.67 0.21 26.91
C LYS A 277 25.39 0.43 25.43
N LEU A 278 26.43 0.24 24.61
CA LEU A 278 26.31 0.52 23.18
C LEU A 278 25.27 -0.35 22.48
N GLU A 279 25.51 -1.66 22.41
CA GLU A 279 24.70 -2.53 21.56
C GLU A 279 23.48 -3.05 22.30
N ASP A 280 23.62 -3.29 23.60
CA ASP A 280 22.64 -4.08 24.35
C ASP A 280 21.25 -3.44 24.42
N LEU A 281 21.08 -2.25 23.84
CA LEU A 281 19.74 -1.74 23.62
C LEU A 281 18.91 -2.70 22.79
N PRO A 282 19.49 -3.46 21.87
CA PRO A 282 18.75 -4.61 21.32
C PRO A 282 18.29 -5.59 22.38
N VAL A 283 19.21 -6.11 23.21
CA VAL A 283 18.81 -7.10 24.22
C VAL A 283 17.89 -6.46 25.26
N VAL A 284 18.26 -5.29 25.77
CA VAL A 284 17.44 -4.61 26.81
C VAL A 284 16.02 -4.44 26.24
N ILE A 285 15.94 -4.09 24.96
CA ILE A 285 14.62 -3.87 24.31
C ILE A 285 13.83 -5.18 24.32
N LYS A 286 14.48 -6.30 24.02
CA LYS A 286 13.70 -7.56 23.90
C LYS A 286 13.06 -7.86 25.26
N PHE A 287 13.83 -7.71 26.33
CA PHE A 287 13.32 -8.04 27.69
C PHE A 287 12.19 -7.07 28.07
N ILE A 288 12.32 -5.80 27.70
CA ILE A 288 11.33 -4.78 28.16
C ILE A 288 9.94 -5.17 27.65
N LEU A 289 9.83 -5.57 26.39
CA LEU A 289 8.48 -5.86 25.82
C LEU A 289 8.23 -7.36 25.79
N HIS A 290 9.20 -8.17 26.22
CA HIS A 290 9.07 -9.66 26.14
C HIS A 290 7.76 -10.13 26.76
N ASN A 291 7.62 -10.02 28.09
CA ASN A 291 6.40 -10.49 28.80
C ASN A 291 5.53 -9.29 29.17
N VAL A 292 5.81 -8.12 28.59
CA VAL A 292 5.08 -6.88 28.97
C VAL A 292 3.60 -7.02 28.59
N LYS A 293 3.26 -7.95 27.68
CA LYS A 293 1.87 -8.05 27.18
C LYS A 293 0.86 -8.25 28.31
N ALA A 294 -0.27 -7.54 28.24
CA ALA A 294 -1.34 -7.65 29.25
C ALA A 294 -2.02 -6.29 29.35
N ALA A 295 -3.04 -6.14 30.21
CA ALA A 295 -3.65 -4.81 30.42
C ALA A 295 -2.59 -3.93 31.07
N ASP A 296 -1.73 -4.54 31.90
CA ASP A 296 -0.63 -3.83 32.54
C ASP A 296 0.50 -3.58 31.57
N ALA A 297 0.17 -3.42 30.29
CA ALA A 297 1.17 -3.06 29.28
C ALA A 297 1.22 -1.56 29.06
N VAL A 298 0.06 -0.93 28.78
CA VAL A 298 -0.02 0.44 28.28
C VAL A 298 0.77 1.41 29.16
N GLU A 299 0.70 1.21 30.47
CA GLU A 299 1.60 1.93 31.35
C GLU A 299 3.05 1.50 31.10
N VAL A 300 3.24 0.22 30.78
CA VAL A 300 4.55 -0.25 30.37
C VAL A 300 5.04 0.56 29.19
N ILE A 301 4.12 0.89 28.27
CA ILE A 301 4.46 1.63 27.06
C ILE A 301 4.76 3.08 27.40
N SER A 302 3.97 3.68 28.30
CA SER A 302 4.21 5.04 28.74
C SER A 302 5.60 5.17 29.36
N ASP A 303 5.94 4.24 30.25
CA ASP A 303 7.26 4.25 30.86
C ASP A 303 8.35 4.04 29.81
N LEU A 304 8.12 3.09 28.88
CA LEU A 304 9.13 2.76 27.89
C LEU A 304 9.39 3.94 26.99
N ARG A 305 8.34 4.66 26.66
CA ARG A 305 8.48 5.89 25.89
C ARG A 305 9.29 6.91 26.64
N LYS A 306 8.95 7.14 27.91
CA LYS A 306 9.61 8.19 28.68
C LYS A 306 11.09 7.89 28.82
N SER A 307 11.43 6.64 29.04
CA SER A 307 12.83 6.28 29.14
C SER A 307 13.55 6.50 27.83
N LEU A 308 13.04 5.92 26.74
CA LEU A 308 13.85 5.81 25.53
C LEU A 308 13.99 7.16 24.85
N ASP A 309 12.90 7.67 24.30
CA ASP A 309 12.59 9.09 24.10
C ASP A 309 13.33 9.91 23.05
N LEU A 310 14.44 9.42 22.50
CA LEU A 310 15.06 10.18 21.42
C LEU A 310 16.35 9.48 21.03
N SER A 311 16.80 9.78 19.81
CA SER A 311 18.03 9.23 19.30
C SER A 311 19.17 10.25 19.48
N SER A 312 20.35 9.74 19.82
CA SER A 312 21.54 10.56 19.85
C SER A 312 21.90 10.84 18.42
N THR A 341 23.44 7.48 17.41
CA THR A 341 24.22 7.21 16.20
C THR A 341 23.70 5.95 15.54
N SER A 342 24.60 4.99 15.29
CA SER A 342 24.24 3.58 15.07
C SER A 342 23.35 3.37 13.84
N GLN A 343 23.96 3.45 12.66
CA GLN A 343 23.29 2.98 11.45
C GLN A 343 22.68 1.60 11.67
N ASN A 344 23.51 0.61 11.97
CA ASN A 344 22.98 -0.67 12.38
C ASN A 344 22.23 -0.55 13.69
N CYS A 345 22.57 0.45 14.50
CA CYS A 345 21.92 0.61 15.79
C CYS A 345 20.51 1.15 15.64
N VAL A 346 20.35 2.28 14.95
CA VAL A 346 19.00 2.83 14.73
C VAL A 346 18.18 1.86 13.91
N LYS A 347 18.82 1.17 12.97
CA LYS A 347 18.15 0.15 12.18
C LYS A 347 17.68 -1.02 13.05
N LEU A 348 18.55 -1.56 13.90
CA LEU A 348 18.17 -2.70 14.70
C LEU A 348 17.14 -2.32 15.72
N LEU A 349 17.19 -1.08 16.21
CA LEU A 349 16.18 -0.61 17.15
C LEU A 349 14.84 -0.57 16.47
N PHE A 350 14.82 -0.11 15.23
CA PHE A 350 13.65 -0.27 14.40
C PHE A 350 13.35 -1.76 14.19
N ASP A 351 14.40 -2.58 14.16
CA ASP A 351 14.20 -3.99 13.93
C ASP A 351 13.35 -4.59 15.03
N VAL A 352 13.87 -4.56 16.26
CA VAL A 352 13.17 -5.05 17.44
C VAL A 352 11.80 -4.40 17.55
N ILE A 353 11.71 -3.10 17.25
CA ILE A 353 10.42 -2.40 17.36
C ILE A 353 9.44 -2.93 16.32
N LYS A 354 9.96 -3.49 15.23
CA LYS A 354 9.07 -3.99 14.19
C LYS A 354 8.74 -5.45 14.40
N LEU A 355 9.75 -6.23 14.80
CA LEU A 355 9.53 -7.60 15.21
C LEU A 355 8.47 -7.65 16.29
N ALA A 356 8.56 -6.76 17.27
CA ALA A 356 7.48 -6.62 18.23
C ALA A 356 6.30 -5.88 17.63
N VAL A 357 6.52 -5.14 16.53
CA VAL A 357 5.50 -4.24 16.00
C VAL A 357 4.32 -5.04 15.46
N ARG A 358 4.55 -6.30 15.13
CA ARG A 358 3.48 -7.16 14.65
C ARG A 358 3.52 -8.56 15.22
N PHE A 359 4.27 -8.79 16.29
CA PHE A 359 4.43 -10.14 16.84
C PHE A 359 3.75 -10.34 18.19
N GLN A 360 3.81 -9.37 19.10
CA GLN A 360 3.10 -9.46 20.37
C GLN A 360 1.62 -9.23 20.12
N LYS A 361 0.83 -9.23 21.18
CA LYS A 361 -0.59 -9.01 20.98
C LYS A 361 -0.91 -7.53 20.88
N ASP A 362 -0.74 -6.78 21.96
CA ASP A 362 -1.27 -5.44 22.06
C ASP A 362 -0.24 -4.34 21.88
N VAL A 363 0.99 -4.69 21.44
CA VAL A 363 2.03 -3.69 21.20
C VAL A 363 1.59 -2.70 20.14
N SER A 364 0.75 -3.14 19.21
CA SER A 364 0.15 -2.25 18.23
C SER A 364 -0.65 -1.14 18.90
N GLU A 365 -1.64 -1.48 19.72
CA GLU A 365 -2.42 -0.45 20.40
C GLU A 365 -1.53 0.38 21.32
N ALA A 366 -0.56 -0.25 21.97
CA ALA A 366 0.18 0.46 23.00
C ALA A 366 1.19 1.45 22.41
N TRP A 367 2.20 0.95 21.67
CA TRP A 367 3.36 1.75 21.28
C TRP A 367 2.92 2.95 20.51
N ILE A 368 1.73 2.88 19.92
CA ILE A 368 1.04 4.04 19.40
C ILE A 368 0.49 4.89 20.53
N LYS A 369 -0.26 4.29 21.48
CA LYS A 369 -1.03 5.09 22.44
C LYS A 369 -0.13 5.92 23.35
N ALA A 370 1.10 5.47 23.58
CA ALA A 370 1.96 6.14 24.54
C ALA A 370 2.51 7.44 23.98
N ILE A 371 2.62 7.55 22.67
CA ILE A 371 2.86 8.86 22.06
C ILE A 371 1.60 9.38 21.42
N GLU A 372 0.46 8.74 21.67
CA GLU A 372 -0.74 9.01 20.88
C GLU A 372 -1.67 9.95 21.61
N ASN A 373 -1.40 10.20 22.89
CA ASN A 373 -2.07 11.30 23.58
C ASN A 373 -1.15 11.95 24.59
N SER A 374 0.08 11.47 24.69
CA SER A 374 0.89 11.68 25.87
C SER A 374 2.19 12.40 25.61
N THR A 375 2.16 13.47 24.86
CA THR A 375 3.16 14.50 24.96
C THR A 375 2.38 15.81 24.88
N SER A 376 1.91 16.29 26.05
CA SER A 376 1.09 17.48 26.06
C SER A 376 1.88 18.68 25.61
N VAL A 377 3.16 18.71 25.98
CA VAL A 377 4.11 19.75 25.64
C VAL A 377 5.15 18.99 24.85
N SER A 378 6.30 19.60 24.57
CA SER A 378 7.25 19.06 23.60
C SER A 378 7.79 17.72 24.08
N ASP A 379 6.93 16.71 23.90
CA ASP A 379 7.24 15.31 24.05
C ASP A 379 7.33 14.56 22.72
N HIS A 380 6.75 15.09 21.64
CA HIS A 380 6.96 14.48 20.33
C HIS A 380 8.43 14.59 19.97
N LYS A 381 9.01 13.50 19.47
CA LYS A 381 10.42 13.48 19.15
C LYS A 381 10.64 12.71 17.85
N VAL A 382 11.91 12.62 17.43
CA VAL A 382 12.25 11.94 16.19
C VAL A 382 11.78 10.49 16.21
N LEU A 383 12.31 9.67 17.13
CA LEU A 383 11.94 8.27 17.25
C LEU A 383 10.45 8.11 17.42
N ASP A 384 9.83 9.00 18.17
CA ASP A 384 8.41 8.90 18.38
C ASP A 384 7.63 9.45 17.20
N LEU A 385 8.32 9.84 16.12
CA LEU A 385 7.63 10.19 14.88
C LEU A 385 7.87 9.16 13.77
N ILE A 386 9.14 8.85 13.49
CA ILE A 386 9.54 7.80 12.56
C ILE A 386 8.78 6.53 12.84
N VAL A 387 8.47 6.26 14.10
CA VAL A 387 7.61 5.13 14.43
C VAL A 387 6.21 5.30 13.84
N LEU A 388 5.81 6.51 13.46
CA LEU A 388 4.45 6.68 12.96
C LEU A 388 4.26 5.94 11.65
N LEU A 389 5.31 5.87 10.84
CA LEU A 389 5.22 5.22 9.54
C LEU A 389 5.33 3.70 9.67
N LEU A 390 6.29 3.21 10.47
CA LEU A 390 6.42 1.77 10.72
C LEU A 390 5.12 1.17 11.18
N ILE A 391 4.45 1.80 12.12
CA ILE A 391 3.16 1.27 12.53
C ILE A 391 2.10 1.53 11.48
N HIS A 392 2.30 2.52 10.61
CA HIS A 392 1.18 2.95 9.76
C HIS A 392 1.21 2.30 8.39
N SER A 393 2.31 1.64 8.07
CA SER A 393 2.46 0.95 6.80
C SER A 393 3.14 -0.40 6.96
N THR A 394 3.22 -0.94 8.19
CA THR A 394 3.81 -2.27 8.40
C THR A 394 2.75 -3.35 8.52
N ASN A 395 1.72 -3.12 9.29
CA ASN A 395 0.67 -4.10 9.48
C ASN A 395 -0.65 -3.49 9.02
N SER A 396 -1.31 -4.16 8.09
CA SER A 396 -2.28 -3.49 7.23
C SER A 396 -3.60 -3.18 7.95
N LYS A 397 -3.66 -3.33 9.26
CA LYS A 397 -4.92 -3.05 9.93
C LYS A 397 -4.97 -1.61 10.40
N ASN A 398 -3.94 -0.83 10.06
CA ASN A 398 -3.71 0.42 10.78
C ASN A 398 -3.63 1.63 9.84
N ARG A 399 -4.26 1.55 8.67
CA ARG A 399 -4.36 2.73 7.83
C ARG A 399 -5.11 3.84 8.56
N LYS A 400 -6.40 3.62 8.83
CA LYS A 400 -7.20 4.66 9.46
C LYS A 400 -6.70 4.97 10.86
N GLN A 401 -5.90 4.07 11.42
CA GLN A 401 -5.34 4.29 12.74
C GLN A 401 -4.18 5.26 12.69
N THR A 402 -3.14 4.96 11.90
CA THR A 402 -2.03 5.90 11.79
C THR A 402 -2.51 7.26 11.29
N GLU A 403 -3.59 7.26 10.51
CA GLU A 403 -4.03 8.50 9.85
C GLU A 403 -4.45 9.57 10.86
N LYS A 404 -5.55 9.33 11.58
CA LYS A 404 -6.13 10.37 12.44
C LYS A 404 -5.14 10.82 13.50
N VAL A 405 -4.27 9.91 13.94
CA VAL A 405 -3.16 10.28 14.80
C VAL A 405 -2.27 11.31 14.11
N LEU A 406 -1.83 11.02 12.87
CA LEU A 406 -0.92 11.93 12.18
C LEU A 406 -1.57 13.27 11.91
N ARG A 407 -2.86 13.24 11.62
CA ARG A 407 -3.60 14.46 11.30
C ARG A 407 -3.72 15.37 12.51
N SER A 408 -4.16 14.83 13.64
CA SER A 408 -4.26 15.64 14.85
C SER A 408 -2.89 16.15 15.30
N LYS A 409 -1.90 15.27 15.34
CA LYS A 409 -0.61 15.69 15.88
C LYS A 409 0.21 16.46 14.86
N ILE A 410 -0.37 16.73 13.68
CA ILE A 410 0.27 17.66 12.75
C ILE A 410 -0.44 19.00 12.76
N ARG A 411 -1.77 18.98 12.79
CA ARG A 411 -2.50 20.23 12.69
C ARG A 411 -2.55 20.95 14.03
N LEU A 412 -2.34 20.23 15.12
CA LEU A 412 -2.60 20.80 16.44
C LEU A 412 -1.40 21.48 17.05
N GLY A 413 -0.49 21.99 16.26
CA GLY A 413 0.68 22.66 16.79
C GLY A 413 1.85 21.77 17.08
N CYS A 414 1.61 20.50 17.41
CA CYS A 414 2.71 19.56 17.45
C CYS A 414 3.01 19.09 16.04
N MET A 415 4.04 18.28 15.89
CA MET A 415 4.45 17.83 14.58
C MET A 415 4.87 19.04 13.77
N PRO A 416 6.01 19.62 14.07
CA PRO A 416 6.48 20.74 13.24
C PRO A 416 7.18 20.20 12.01
N GLU A 417 7.10 20.98 10.93
CA GLU A 417 7.83 20.65 9.72
C GLU A 417 9.33 20.56 9.97
N GLN A 418 9.81 21.25 11.01
CA GLN A 418 11.19 21.08 11.41
C GLN A 418 11.50 19.62 11.71
N LEU A 419 10.54 18.91 12.29
CA LEU A 419 10.74 17.50 12.61
C LEU A 419 10.98 16.69 11.34
N MET A 420 10.02 16.71 10.40
CA MET A 420 10.08 15.82 9.24
C MET A 420 11.24 16.17 8.36
N GLN A 421 11.53 17.46 8.23
CA GLN A 421 12.76 17.86 7.58
C GLN A 421 13.95 17.24 8.28
N ASN A 422 13.90 17.13 9.61
CA ASN A 422 14.96 16.43 10.32
C ASN A 422 14.92 14.96 9.98
N ALA A 423 13.71 14.45 9.76
CA ALA A 423 13.54 13.02 9.57
C ALA A 423 14.26 12.59 8.33
N PHE A 424 14.19 13.40 7.29
CA PHE A 424 14.91 13.10 6.07
C PHE A 424 16.41 13.17 6.31
N GLN A 425 16.83 13.93 7.31
CA GLN A 425 18.25 14.07 7.56
C GLN A 425 18.78 12.93 8.42
N ASN A 426 17.87 12.20 9.08
CA ASN A 426 18.30 11.10 9.95
C ASN A 426 17.68 9.75 9.61
N HIS A 427 16.69 9.70 8.72
CA HIS A 427 16.01 8.47 8.41
C HIS A 427 16.21 8.02 6.96
N SER A 428 17.44 8.07 6.44
CA SER A 428 17.68 7.50 5.12
C SER A 428 17.42 6.00 5.14
N MET A 429 18.29 5.25 5.85
CA MET A 429 18.20 3.80 5.83
C MET A 429 16.90 3.35 6.47
N VAL A 430 16.52 3.97 7.57
CA VAL A 430 15.31 3.56 8.25
C VAL A 430 14.08 3.99 7.48
N ILE A 431 14.25 4.94 6.56
CA ILE A 431 13.10 5.43 5.82
C ILE A 431 12.90 4.66 4.53
N LYS A 432 14.01 4.18 3.94
CA LYS A 432 14.04 3.71 2.54
C LYS A 432 12.94 2.72 2.25
N ASP A 433 12.67 1.82 3.17
CA ASP A 433 11.53 0.93 3.01
C ASP A 433 10.20 1.60 3.33
N PHE A 434 10.13 2.91 3.40
CA PHE A 434 8.82 3.49 3.62
C PHE A 434 8.01 3.55 2.35
N PHE A 435 8.64 3.22 1.21
CA PHE A 435 8.24 3.70 -0.12
C PHE A 435 6.76 3.75 -0.43
N PRO A 436 5.94 2.78 -0.07
CA PRO A 436 4.51 2.99 -0.25
C PRO A 436 3.94 4.00 0.71
N SER A 437 4.57 4.20 1.85
CA SER A 437 3.91 4.99 2.90
C SER A 437 3.97 6.49 2.62
N ILE A 438 5.19 7.05 2.51
CA ILE A 438 5.36 8.48 2.24
C ILE A 438 4.51 8.89 1.05
N LEU A 439 4.64 8.15 -0.04
CA LEU A 439 3.93 8.48 -1.27
C LEU A 439 2.43 8.32 -1.13
N SER A 440 1.94 7.21 -0.59
CA SER A 440 0.51 6.96 -0.67
C SER A 440 -0.22 7.82 0.31
N LEU A 441 0.48 8.36 1.29
CA LEU A 441 -0.20 9.24 2.22
C LEU A 441 -0.16 10.67 1.71
N ALA A 442 1.00 11.08 1.16
CA ALA A 442 1.27 12.49 0.93
C ALA A 442 0.21 13.12 0.05
N GLN A 443 -0.34 12.36 -0.89
CA GLN A 443 -1.38 12.89 -1.74
C GLN A 443 -2.74 12.88 -1.04
N THR A 444 -2.79 12.36 0.18
CA THR A 444 -4.01 12.45 0.96
C THR A 444 -3.89 13.56 2.00
N PHE A 445 -2.66 13.89 2.35
CA PHE A 445 -2.42 14.98 3.30
C PHE A 445 -1.67 16.11 2.63
N LEU A 446 -1.81 16.23 1.31
CA LEU A 446 -1.15 17.28 0.54
C LEU A 446 -2.09 17.83 -0.52
N HIS A 447 -3.35 17.45 -0.41
CA HIS A 447 -4.50 18.06 -1.02
C HIS A 447 -5.65 18.16 -0.04
N SER A 448 -5.39 18.62 1.18
CA SER A 448 -6.42 18.74 2.21
C SER A 448 -6.40 20.15 2.79
N ALA A 449 -7.58 20.60 3.27
CA ALA A 449 -7.91 22.03 3.38
C ALA A 449 -7.72 22.62 4.78
N HIS A 450 -6.47 22.73 5.21
CA HIS A 450 -6.07 23.44 6.43
C HIS A 450 -4.59 23.75 6.21
N PRO A 451 -4.19 25.02 6.30
CA PRO A 451 -2.92 25.43 5.70
C PRO A 451 -1.69 24.70 6.21
N ALA A 452 -1.75 24.19 7.43
CA ALA A 452 -0.61 23.46 7.95
C ALA A 452 -0.41 22.15 7.21
N VAL A 453 -1.51 21.44 6.92
CA VAL A 453 -1.41 20.13 6.29
C VAL A 453 -0.82 20.24 4.88
N VAL A 454 -1.32 21.22 4.11
CA VAL A 454 -0.82 21.45 2.76
C VAL A 454 0.66 21.82 2.77
N SER A 455 1.06 22.72 3.68
CA SER A 455 2.47 23.08 3.77
C SER A 455 3.30 21.88 4.20
N PHE A 456 2.72 21.02 5.03
CA PHE A 456 3.41 19.81 5.43
C PHE A 456 3.63 18.90 4.23
N GLY A 457 2.56 18.58 3.52
CA GLY A 457 2.67 17.66 2.41
C GLY A 457 3.60 18.16 1.33
N SER A 458 3.59 19.47 1.09
CA SER A 458 4.53 20.03 0.14
C SER A 458 5.95 19.79 0.58
N CYS A 459 6.20 19.93 1.90
CA CYS A 459 7.49 19.54 2.46
C CYS A 459 7.74 18.08 2.21
N MET A 460 6.66 17.30 2.20
CA MET A 460 6.76 15.87 1.94
C MET A 460 7.26 15.61 0.53
N TYR A 461 6.57 16.18 -0.46
CA TYR A 461 6.84 15.87 -1.87
C TYR A 461 8.23 16.33 -2.22
N LYS A 462 8.56 17.56 -1.85
CA LYS A 462 9.89 18.08 -2.16
C LYS A 462 10.95 17.24 -1.48
N GLN A 463 10.70 16.85 -0.23
CA GLN A 463 11.68 16.02 0.47
C GLN A 463 11.76 14.67 -0.19
N ALA A 464 10.64 14.18 -0.72
CA ALA A 464 10.62 12.90 -1.39
C ALA A 464 11.56 12.94 -2.56
N PHE A 465 11.52 14.04 -3.29
CA PHE A 465 12.45 14.23 -4.40
C PHE A 465 13.88 14.30 -3.89
N ALA A 466 14.06 14.74 -2.66
CA ALA A 466 15.40 14.76 -2.09
C ALA A 466 15.94 13.35 -1.88
N VAL A 467 15.08 12.39 -1.55
CA VAL A 467 15.53 11.08 -1.06
C VAL A 467 14.73 9.96 -1.71
N PHE A 468 15.36 9.23 -2.62
CA PHE A 468 14.70 8.10 -3.25
C PHE A 468 15.68 7.37 -4.15
N ASP A 469 15.20 6.31 -4.79
CA ASP A 469 15.92 5.63 -5.85
C ASP A 469 15.35 6.08 -7.20
N SER A 470 15.80 5.42 -8.27
CA SER A 470 15.39 5.81 -9.61
C SER A 470 13.88 5.75 -9.76
N TYR A 471 13.29 4.58 -9.50
CA TYR A 471 11.84 4.42 -9.61
C TYR A 471 11.11 5.38 -8.68
N CYS A 472 11.74 5.73 -7.56
CA CYS A 472 11.17 6.75 -6.70
C CYS A 472 11.20 8.10 -7.39
N GLN A 473 12.36 8.45 -7.96
CA GLN A 473 12.49 9.72 -8.64
C GLN A 473 11.40 9.86 -9.69
N GLN A 474 11.12 8.76 -10.40
CA GLN A 474 10.08 8.79 -11.43
C GLN A 474 8.68 8.85 -10.83
N GLU A 475 8.45 8.11 -9.75
CA GLU A 475 7.12 8.06 -9.17
C GLU A 475 6.70 9.43 -8.70
N VAL A 476 7.67 10.22 -8.25
CA VAL A 476 7.38 11.61 -7.89
C VAL A 476 6.82 12.35 -9.09
N VAL A 477 7.63 12.49 -10.17
CA VAL A 477 7.31 13.37 -11.30
C VAL A 477 6.01 12.94 -11.93
N CYS A 478 5.74 11.64 -11.87
CA CYS A 478 4.46 11.13 -12.36
C CYS A 478 3.31 11.56 -11.49
N ALA A 479 3.46 11.51 -10.17
CA ALA A 479 2.35 11.92 -9.32
C ALA A 479 2.07 13.39 -9.50
N LEU A 480 3.14 14.16 -9.69
CA LEU A 480 2.99 15.57 -10.00
C LEU A 480 2.19 15.76 -11.27
N VAL A 481 2.71 15.26 -12.40
CA VAL A 481 2.10 15.52 -13.71
C VAL A 481 0.66 15.01 -13.73
N THR A 482 0.39 13.96 -12.97
CA THR A 482 -0.98 13.47 -12.87
C THR A 482 -1.83 14.48 -12.15
N HIS A 483 -1.22 15.21 -11.22
CA HIS A 483 -1.97 16.26 -10.57
C HIS A 483 -2.17 17.39 -11.53
N VAL A 484 -1.19 17.61 -12.39
CA VAL A 484 -1.16 18.79 -13.23
C VAL A 484 -2.23 18.69 -14.33
N CYS A 485 -2.35 17.50 -14.95
CA CYS A 485 -3.34 17.29 -15.99
C CYS A 485 -4.75 17.50 -15.47
N SER A 486 -5.21 16.63 -14.57
CA SER A 486 -6.54 16.78 -13.99
C SER A 486 -6.33 17.11 -12.53
N GLY A 487 -7.13 18.03 -12.00
CA GLY A 487 -6.93 18.47 -10.63
C GLY A 487 -8.05 19.34 -10.11
N ASN A 488 -7.80 19.93 -8.94
CA ASN A 488 -8.66 20.93 -8.34
C ASN A 488 -7.91 22.26 -8.23
N GLU A 489 -8.53 23.23 -7.57
CA GLU A 489 -7.96 24.57 -7.54
C GLU A 489 -6.69 24.62 -6.68
N THR A 490 -6.83 24.39 -5.37
CA THR A 490 -5.69 24.52 -4.47
C THR A 490 -4.65 23.46 -4.80
N GLU A 491 -5.09 22.32 -5.32
CA GLU A 491 -4.16 21.32 -5.85
C GLU A 491 -3.48 21.85 -7.09
N LEU A 492 -4.20 22.65 -7.89
CA LEU A 492 -3.59 23.29 -9.04
C LEU A 492 -2.42 24.14 -8.60
N ASP A 493 -2.69 25.14 -7.76
CA ASP A 493 -1.64 26.06 -7.35
C ASP A 493 -0.52 25.32 -6.63
N ILE A 494 -0.86 24.34 -5.80
CA ILE A 494 0.14 23.57 -5.10
C ILE A 494 0.96 22.77 -6.09
N SER A 495 0.33 22.29 -7.16
CA SER A 495 1.06 21.51 -8.13
C SER A 495 2.09 22.39 -8.80
N LEU A 496 1.67 23.58 -9.20
CA LEU A 496 2.59 24.46 -9.90
C LEU A 496 3.68 24.94 -8.96
N ASP A 497 3.32 25.22 -7.72
CA ASP A 497 4.30 25.66 -6.76
C ASP A 497 5.32 24.58 -6.51
N VAL A 498 4.86 23.35 -6.28
CA VAL A 498 5.76 22.24 -6.06
C VAL A 498 6.68 22.11 -7.25
N LEU A 499 6.12 22.38 -8.44
CA LEU A 499 6.88 22.21 -9.67
C LEU A 499 7.98 23.24 -9.77
N THR A 500 7.59 24.52 -9.74
CA THR A 500 8.53 25.60 -9.91
C THR A 500 9.61 25.51 -8.86
N ASP A 501 9.24 25.05 -7.67
CA ASP A 501 10.22 24.82 -6.64
C ASP A 501 11.19 23.73 -7.06
N LEU A 502 10.69 22.61 -7.57
CA LEU A 502 11.58 21.50 -7.90
C LEU A 502 12.52 21.91 -9.02
N VAL A 503 12.01 22.70 -9.95
CA VAL A 503 12.66 22.89 -11.25
C VAL A 503 13.62 24.06 -11.19
N ILE A 504 13.34 25.04 -10.33
CA ILE A 504 14.28 26.12 -10.10
C ILE A 504 15.06 25.87 -8.83
N LEU A 505 14.87 24.70 -8.21
CA LEU A 505 15.60 24.38 -6.99
C LEU A 505 16.95 23.74 -7.30
N HIS A 506 16.95 22.71 -8.13
CA HIS A 506 18.18 22.14 -8.61
C HIS A 506 17.84 21.86 -10.06
N PRO A 507 18.43 22.58 -11.02
CA PRO A 507 18.08 22.32 -12.41
C PRO A 507 18.58 20.97 -12.89
N SER A 508 19.86 20.68 -12.68
CA SER A 508 20.57 19.69 -13.48
C SER A 508 20.12 18.26 -13.20
N LEU A 509 19.33 18.05 -12.16
CA LEU A 509 18.76 16.74 -11.96
C LEU A 509 17.38 16.64 -12.58
N LEU A 510 16.61 17.73 -12.52
CA LEU A 510 15.17 17.64 -12.71
C LEU A 510 14.80 17.48 -14.17
N LEU A 511 15.75 17.10 -15.02
CA LEU A 511 15.53 17.04 -16.46
C LEU A 511 15.22 15.62 -16.94
N ARG A 512 15.61 14.63 -16.16
CA ARG A 512 15.46 13.24 -16.57
C ARG A 512 14.01 12.87 -16.83
N TYR A 513 13.09 13.43 -16.06
CA TYR A 513 11.68 13.25 -16.32
C TYR A 513 11.15 14.24 -17.34
N ALA A 514 12.01 14.72 -18.25
CA ALA A 514 11.63 15.78 -19.17
C ALA A 514 10.46 15.39 -20.05
N THR A 515 10.61 14.35 -20.87
CA THR A 515 9.58 13.98 -21.84
C THR A 515 8.29 13.60 -21.13
N PHE A 516 8.40 13.05 -19.94
CA PHE A 516 7.24 12.92 -19.08
C PHE A 516 6.71 14.29 -18.69
N VAL A 517 7.60 15.27 -18.55
CA VAL A 517 7.14 16.62 -18.24
C VAL A 517 6.34 17.17 -19.40
N LYS A 518 6.69 16.76 -20.61
CA LYS A 518 6.11 17.37 -21.79
C LYS A 518 4.72 16.85 -22.05
N THR A 519 4.42 15.66 -21.53
CA THR A 519 3.17 14.99 -21.84
C THR A 519 1.98 15.75 -21.31
N ILE A 520 2.21 16.78 -20.50
CA ILE A 520 1.12 17.62 -20.07
C ILE A 520 0.90 18.69 -21.10
N LEU A 521 1.87 18.85 -22.00
CA LEU A 521 1.90 20.03 -22.85
C LEU A 521 0.81 19.97 -23.88
N ASP A 522 0.40 18.74 -24.22
CA ASP A 522 -0.61 18.49 -25.25
C ASP A 522 -1.85 17.87 -24.64
N SER A 523 -2.02 18.00 -23.33
CA SER A 523 -3.26 17.66 -22.65
C SER A 523 -3.71 18.75 -21.69
N MET A 524 -2.87 19.75 -21.42
CA MET A 524 -3.11 20.71 -20.37
C MET A 524 -4.26 21.62 -20.79
N GLN A 525 -5.46 21.19 -20.45
CA GLN A 525 -6.64 21.93 -20.87
C GLN A 525 -7.02 23.01 -19.87
N LYS A 526 -6.05 23.50 -19.10
CA LYS A 526 -6.34 24.38 -17.98
C LYS A 526 -5.29 25.46 -17.81
N LEU A 527 -5.73 26.69 -17.90
CA LEU A 527 -4.85 27.79 -17.65
C LEU A 527 -5.68 28.96 -17.15
N ASN A 528 -5.06 29.72 -16.27
CA ASN A 528 -5.39 31.12 -16.05
C ASN A 528 -4.22 31.82 -16.71
N PRO A 529 -4.31 33.14 -16.87
CA PRO A 529 -3.10 33.86 -17.26
C PRO A 529 -1.96 33.55 -16.32
N CYS A 530 -2.24 33.50 -15.02
CA CYS A 530 -1.19 33.22 -14.04
C CYS A 530 -0.54 31.87 -14.29
N GLN A 531 -1.33 30.79 -14.19
CA GLN A 531 -0.76 29.46 -14.34
C GLN A 531 -0.16 29.30 -15.73
N ILE A 532 -0.70 30.03 -16.70
CA ILE A 532 -0.14 30.02 -18.06
C ILE A 532 1.27 30.56 -18.05
N ARG A 533 1.49 31.68 -17.35
CA ARG A 533 2.83 32.20 -17.17
C ARG A 533 3.68 31.20 -16.45
N LYS A 534 3.09 30.47 -15.52
CA LYS A 534 3.83 29.50 -14.75
C LYS A 534 4.32 28.36 -15.62
N LEU A 535 3.40 27.72 -16.33
CA LEU A 535 3.73 26.58 -17.16
C LEU A 535 4.71 26.99 -18.23
N PHE A 536 4.54 28.18 -18.80
CA PHE A 536 5.50 28.66 -19.76
C PHE A 536 6.85 28.79 -19.11
N TYR A 537 6.87 29.16 -17.83
CA TYR A 537 8.13 29.36 -17.14
C TYR A 537 8.84 28.03 -16.96
N ILE A 538 8.07 27.01 -16.60
CA ILE A 538 8.66 25.67 -16.45
C ILE A 538 9.21 25.21 -17.78
N LEU A 539 8.43 25.42 -18.84
CA LEU A 539 8.84 24.91 -20.14
C LEU A 539 9.98 25.73 -20.71
N SER A 540 10.04 27.00 -20.37
CA SER A 540 11.16 27.78 -20.84
C SER A 540 12.43 27.33 -20.16
N THR A 541 12.37 27.15 -18.84
CA THR A 541 13.55 26.76 -18.09
C THR A 541 14.02 25.39 -18.54
N LEU A 542 13.09 24.53 -18.93
CA LEU A 542 13.49 23.24 -19.48
C LEU A 542 14.02 23.40 -20.89
N ALA A 543 13.34 24.21 -21.71
CA ALA A 543 13.58 24.19 -23.14
C ALA A 543 14.95 24.71 -23.47
N PHE A 544 15.42 25.69 -22.71
CA PHE A 544 16.76 26.21 -22.97
C PHE A 544 17.85 25.26 -22.50
N SER A 545 17.47 24.03 -22.12
CA SER A 545 18.45 23.06 -21.66
C SER A 545 18.88 22.12 -22.78
N GLN A 546 17.94 21.35 -23.35
CA GLN A 546 18.27 20.29 -24.29
C GLN A 546 18.38 20.88 -25.68
N ARG A 547 18.79 20.07 -26.64
CA ARG A 547 18.83 20.55 -28.02
C ARG A 547 17.57 20.16 -28.78
N GLN A 548 17.32 18.86 -28.94
CA GLN A 548 16.26 18.42 -29.85
C GLN A 548 14.92 18.29 -29.13
N GLU A 549 14.94 17.90 -27.87
CA GLU A 549 13.73 18.00 -27.06
C GLU A 549 13.31 19.45 -26.90
N GLY A 550 14.26 20.35 -26.82
CA GLY A 550 13.93 21.77 -26.89
C GLY A 550 13.47 22.16 -28.28
N SER A 551 13.92 21.43 -29.29
CA SER A 551 13.34 21.58 -30.60
C SER A 551 11.86 21.26 -30.58
N TYR A 552 11.49 20.07 -30.10
CA TYR A 552 10.09 19.65 -30.12
C TYR A 552 9.26 20.49 -29.15
N ILE A 553 9.90 21.02 -28.12
CA ILE A 553 9.26 22.01 -27.29
C ILE A 553 9.06 23.27 -28.09
N GLN A 554 10.01 23.59 -28.97
CA GLN A 554 9.80 24.67 -29.92
C GLN A 554 8.67 24.32 -30.87
N ASP A 555 8.52 23.03 -31.17
CA ASP A 555 7.46 22.59 -32.07
C ASP A 555 6.12 22.82 -31.42
N ASP A 556 6.00 22.42 -30.15
CA ASP A 556 4.77 22.64 -29.41
C ASP A 556 4.60 24.12 -29.06
N MET A 557 5.69 24.88 -29.13
CA MET A 557 5.64 26.26 -28.67
C MET A 557 5.35 27.22 -29.81
N HIS A 558 6.08 27.10 -30.90
CA HIS A 558 5.54 27.58 -32.15
C HIS A 558 4.15 27.03 -32.39
N MET A 559 3.88 25.78 -31.99
CA MET A 559 2.60 25.16 -32.34
C MET A 559 1.47 25.83 -31.60
N VAL A 560 1.56 25.84 -30.27
CA VAL A 560 0.64 26.61 -29.45
C VAL A 560 0.69 28.08 -29.84
N ILE A 561 1.84 28.56 -30.33
CA ILE A 561 1.92 29.94 -30.76
C ILE A 561 0.99 30.14 -31.92
N ARG A 562 1.30 29.52 -33.06
CA ARG A 562 0.61 29.80 -34.31
C ARG A 562 -0.87 29.51 -34.16
N LYS A 563 -1.18 28.45 -33.42
CA LYS A 563 -2.57 28.10 -33.19
C LYS A 563 -3.22 29.13 -32.30
N TRP A 564 -2.48 29.67 -31.35
CA TRP A 564 -3.00 30.77 -30.59
C TRP A 564 -3.25 31.94 -31.51
N LEU A 565 -2.19 32.37 -32.21
CA LEU A 565 -2.18 33.61 -32.97
C LEU A 565 -3.33 33.63 -33.95
N SER A 566 -3.67 32.47 -34.49
CA SER A 566 -4.83 32.40 -35.41
C SER A 566 -6.15 32.33 -34.62
N SER A 567 -6.09 32.04 -33.32
CA SER A 567 -7.34 31.82 -32.55
C SER A 567 -8.20 33.08 -32.50
N SER A 568 -9.51 32.92 -32.69
CA SER A 568 -10.45 34.06 -32.56
C SER A 568 -11.17 33.94 -31.22
N VAL A 569 -10.89 32.88 -30.46
CA VAL A 569 -11.50 32.72 -29.10
C VAL A 569 -10.97 33.87 -28.24
N PRO A 570 -11.79 34.50 -27.37
CA PRO A 570 -11.31 35.70 -26.67
C PRO A 570 -10.08 35.48 -25.78
N ASN A 571 -10.06 34.41 -25.01
CA ASN A 571 -8.89 34.10 -24.14
C ASN A 571 -7.68 33.80 -25.02
N HIS A 572 -7.88 33.10 -26.14
CA HIS A 572 -6.71 32.65 -26.95
C HIS A 572 -5.88 33.82 -27.43
N LYS A 573 -6.51 34.92 -27.86
CA LYS A 573 -5.73 36.02 -28.47
C LYS A 573 -4.74 36.61 -27.46
N GLN A 574 -5.16 36.85 -26.22
CA GLN A 574 -4.27 37.50 -25.23
C GLN A 574 -3.32 36.42 -24.71
N MET A 575 -3.87 35.23 -24.44
CA MET A 575 -3.06 34.13 -23.95
C MET A 575 -1.85 33.94 -24.82
N GLY A 576 -2.04 34.15 -26.11
CA GLY A 576 -0.92 34.07 -27.01
C GLY A 576 0.15 35.04 -26.65
N ILE A 577 -0.22 36.30 -26.44
CA ILE A 577 0.78 37.32 -26.20
C ILE A 577 1.46 37.07 -24.87
N ILE A 578 0.69 36.59 -23.87
CA ILE A 578 1.19 36.43 -22.49
C ILE A 578 2.25 35.35 -22.45
N GLY A 579 1.97 34.24 -23.12
CA GLY A 579 3.00 33.24 -23.26
C GLY A 579 4.04 33.61 -24.28
N ALA A 580 3.67 34.45 -25.24
CA ALA A 580 4.60 34.82 -26.28
C ALA A 580 5.74 35.61 -25.69
N VAL A 581 5.40 36.71 -25.04
CA VAL A 581 6.31 37.41 -24.14
C VAL A 581 6.95 36.45 -23.15
N THR A 582 6.18 35.47 -22.61
CA THR A 582 6.69 34.59 -21.55
C THR A 582 7.85 33.74 -22.06
N MET A 583 7.68 33.14 -23.22
CA MET A 583 8.72 32.32 -23.79
C MET A 583 9.83 33.18 -24.34
N MET A 584 9.50 34.39 -24.76
CA MET A 584 10.53 35.29 -25.24
C MET A 584 11.47 35.65 -24.12
N GLY A 585 10.91 36.17 -23.03
CA GLY A 585 11.71 36.47 -21.87
C GLY A 585 12.46 35.26 -21.35
N SER A 586 11.82 34.08 -21.39
CA SER A 586 12.56 32.85 -21.10
C SER A 586 13.75 32.72 -22.01
N VAL A 587 13.61 33.21 -23.25
CA VAL A 587 14.74 33.36 -24.14
C VAL A 587 15.74 34.37 -23.61
N ALA A 588 15.29 35.33 -22.80
CA ALA A 588 15.99 36.60 -22.62
C ALA A 588 17.38 36.46 -21.99
N LEU A 589 17.75 35.28 -21.54
CA LEU A 589 19.10 35.06 -21.00
C LEU A 589 19.33 35.77 -19.67
N ILE A 606 21.70 27.33 -31.16
CA ILE A 606 21.93 26.89 -32.52
C ILE A 606 21.28 27.90 -33.44
N GLU A 607 20.25 27.48 -34.15
CA GLU A 607 19.43 28.35 -34.97
C GLU A 607 18.34 29.03 -34.15
N CYS A 608 18.56 29.15 -32.84
CA CYS A 608 17.58 29.78 -31.97
C CYS A 608 17.41 31.25 -32.32
N ASP A 609 18.49 31.89 -32.79
CA ASP A 609 18.38 33.27 -33.27
C ASP A 609 17.40 33.36 -34.44
N GLY A 610 17.38 32.36 -35.30
CA GLY A 610 16.53 32.42 -36.47
C GLY A 610 15.10 32.01 -36.17
N GLN A 611 14.93 30.92 -35.43
CA GLN A 611 13.59 30.55 -35.01
C GLN A 611 12.96 31.68 -34.24
N LEU A 612 13.73 32.28 -33.33
CA LEU A 612 13.21 33.38 -32.53
C LEU A 612 12.99 34.61 -33.37
N SER A 613 13.77 34.81 -34.43
CA SER A 613 13.46 35.91 -35.32
C SER A 613 12.14 35.65 -36.04
N THR A 614 11.91 34.40 -36.43
CA THR A 614 10.65 34.04 -37.08
C THR A 614 9.50 34.33 -36.15
N LEU A 615 9.69 34.02 -34.88
CA LEU A 615 8.71 34.41 -33.89
C LEU A 615 8.71 35.92 -33.70
N LEU A 616 9.84 36.56 -33.95
CA LEU A 616 9.95 37.98 -33.64
C LEU A 616 9.06 38.76 -34.59
N ASP A 617 9.32 38.63 -35.87
CA ASP A 617 8.42 39.17 -36.87
C ASP A 617 7.03 38.58 -36.75
N LEU A 618 6.93 37.34 -36.26
CA LEU A 618 5.63 36.69 -36.13
C LEU A 618 4.77 37.46 -35.16
N VAL A 619 5.30 37.72 -33.97
CA VAL A 619 4.61 38.53 -32.99
C VAL A 619 4.40 39.91 -33.53
N GLY A 620 5.36 40.37 -34.34
CA GLY A 620 5.30 41.72 -34.86
C GLY A 620 4.07 41.95 -35.70
N PHE A 621 3.90 41.16 -36.75
CA PHE A 621 2.67 41.22 -37.52
C PHE A 621 1.48 40.89 -36.65
N CYS A 622 1.68 40.01 -35.65
CA CYS A 622 0.57 39.48 -34.87
C CYS A 622 -0.06 40.54 -34.01
N CYS A 623 0.70 41.57 -33.71
CA CYS A 623 0.19 42.67 -32.92
C CYS A 623 0.04 43.94 -33.71
N GLU A 624 0.75 44.06 -34.84
CA GLU A 624 0.97 45.36 -35.48
C GLU A 624 -0.30 46.02 -35.97
N GLN A 625 -1.44 45.34 -35.83
CA GLN A 625 -2.73 45.96 -36.02
C GLN A 625 -3.57 45.92 -34.75
N THR A 626 -3.03 45.41 -33.64
CA THR A 626 -3.81 45.32 -32.42
C THR A 626 -3.28 46.32 -31.39
N PRO A 627 -4.08 47.27 -30.91
CA PRO A 627 -3.56 48.18 -29.87
C PRO A 627 -3.39 47.54 -28.51
N GLU A 628 -4.46 46.93 -27.98
CA GLU A 628 -4.41 46.29 -26.68
C GLU A 628 -3.32 45.24 -26.63
N VAL A 629 -3.26 44.38 -27.65
CA VAL A 629 -2.13 43.46 -27.79
C VAL A 629 -0.82 44.22 -27.80
N LEU A 630 -0.84 45.44 -28.31
CA LEU A 630 0.26 46.35 -28.05
C LEU A 630 0.53 46.41 -26.57
N ALA A 631 -0.48 46.79 -25.79
CA ALA A 631 -0.27 47.07 -24.38
C ALA A 631 0.18 45.82 -23.66
N LEU A 632 -0.30 44.68 -24.12
CA LEU A 632 0.26 43.41 -23.72
C LEU A 632 1.75 43.40 -23.95
N TYR A 633 2.19 43.70 -25.18
CA TYR A 633 3.60 43.64 -25.52
C TYR A 633 4.41 44.57 -24.61
N TYR A 634 3.88 45.75 -24.35
CA TYR A 634 4.61 46.69 -23.52
C TYR A 634 4.64 46.23 -22.07
N ASP A 635 3.46 46.22 -21.42
CA ASP A 635 3.37 45.99 -19.99
C ASP A 635 4.05 44.70 -19.63
N GLU A 636 3.76 43.65 -20.40
CA GLU A 636 4.45 42.38 -20.24
C GLU A 636 5.91 42.51 -20.64
N LEU A 637 6.27 43.57 -21.35
CA LEU A 637 7.69 43.85 -21.47
C LEU A 637 8.25 44.31 -20.14
N ALA A 638 7.41 44.94 -19.33
CA ALA A 638 7.94 45.59 -18.13
C ALA A 638 8.43 44.56 -17.12
N ASN A 639 7.52 43.69 -16.65
CA ASN A 639 7.77 42.82 -15.51
C ASN A 639 9.00 41.96 -15.72
N LEU A 640 9.20 41.48 -16.94
CA LEU A 640 10.41 40.72 -17.22
C LEU A 640 11.63 41.60 -17.13
N ILE A 641 11.47 42.89 -17.46
CA ILE A 641 12.60 43.81 -17.36
C ILE A 641 13.02 43.95 -15.91
N GLU A 642 12.07 44.29 -15.03
CA GLU A 642 12.41 44.74 -13.69
C GLU A 642 12.84 43.60 -12.79
N LYS A 643 12.28 42.40 -12.99
CA LYS A 643 12.53 41.30 -12.08
C LYS A 643 13.80 40.54 -12.44
N GLN A 644 14.66 41.13 -13.24
CA GLN A 644 16.00 40.62 -13.51
C GLN A 644 16.96 41.71 -13.05
N LYS A 645 18.21 41.33 -12.75
CA LYS A 645 19.18 42.30 -12.25
C LYS A 645 20.49 42.27 -13.02
N GLY A 646 20.90 41.10 -13.51
CA GLY A 646 22.09 40.99 -14.34
C GLY A 646 21.94 39.96 -15.43
N ASN A 647 20.71 39.46 -15.61
CA ASN A 647 20.46 38.48 -16.64
C ASN A 647 19.91 39.14 -17.90
N LEU A 648 19.18 40.24 -17.73
CA LEU A 648 18.85 41.08 -18.87
C LEU A 648 20.14 41.71 -19.40
N ASP A 649 20.46 41.44 -20.67
CA ASP A 649 21.75 41.75 -21.27
C ASP A 649 21.59 42.66 -22.48
N LEU A 650 22.46 43.67 -22.57
CA LEU A 650 22.22 44.82 -23.44
C LEU A 650 22.25 44.45 -24.91
N GLN A 651 23.24 43.66 -25.32
CA GLN A 651 23.27 43.20 -26.70
C GLN A 651 22.04 42.36 -27.01
N LEU A 652 21.64 41.51 -26.07
CA LEU A 652 20.40 40.76 -26.23
C LEU A 652 19.19 41.69 -26.11
N LEU A 653 19.25 42.66 -25.19
CA LEU A 653 18.07 43.46 -24.91
C LEU A 653 17.77 44.42 -26.03
N ASP A 654 18.75 44.64 -26.91
CA ASP A 654 18.62 45.68 -27.92
C ASP A 654 17.55 45.34 -28.94
N LYS A 655 17.30 44.04 -29.16
CA LYS A 655 16.41 43.61 -30.22
C LYS A 655 14.99 44.09 -30.00
N PHE A 656 14.33 43.62 -28.93
CA PHE A 656 12.91 43.88 -28.75
C PHE A 656 12.66 45.34 -28.39
N GLY A 657 13.71 46.07 -28.07
CA GLY A 657 13.52 47.41 -27.59
C GLY A 657 13.69 48.52 -28.61
N LYS A 658 14.37 48.28 -29.72
CA LYS A 658 14.72 49.37 -30.63
C LYS A 658 13.49 49.97 -31.29
N SER A 659 12.55 49.13 -31.71
CA SER A 659 11.25 49.62 -32.17
C SER A 659 10.49 50.28 -31.02
N LEU A 660 10.88 49.96 -29.79
CA LEU A 660 10.56 50.73 -28.62
C LEU A 660 11.68 51.70 -28.25
N VAL A 661 12.41 52.21 -29.23
CA VAL A 661 13.43 53.20 -28.92
C VAL A 661 12.84 54.61 -28.98
N GLU A 662 12.42 55.04 -30.15
CA GLU A 662 11.91 56.38 -30.30
C GLU A 662 10.41 56.41 -30.24
N ASP A 663 9.77 55.24 -30.09
CA ASP A 663 8.33 55.12 -30.34
C ASP A 663 7.51 55.99 -29.40
N PHE A 664 7.99 56.22 -28.19
CA PHE A 664 7.30 57.13 -27.29
C PHE A 664 7.43 58.57 -27.73
N PRO A 665 8.63 59.13 -27.90
CA PRO A 665 8.74 60.50 -28.42
C PRO A 665 8.34 60.60 -29.87
N ASN A 666 8.22 59.47 -30.56
CA ASN A 666 7.93 59.51 -31.98
C ASN A 666 6.48 59.92 -32.23
N ASP A 667 5.56 59.45 -31.41
CA ASP A 667 4.15 59.71 -31.67
C ASP A 667 3.31 60.03 -30.46
N PHE A 668 3.83 59.88 -29.24
CA PHE A 668 2.97 59.67 -28.08
C PHE A 668 2.13 60.89 -27.75
N VAL A 669 2.78 62.05 -27.62
CA VAL A 669 2.15 63.26 -27.11
C VAL A 669 2.55 64.42 -28.01
N VAL A 670 1.55 65.03 -28.64
CA VAL A 670 1.79 65.95 -29.75
C VAL A 670 2.38 67.24 -29.21
N ASP A 671 3.19 67.91 -30.03
CA ASP A 671 4.03 69.01 -29.58
C ASP A 671 3.20 70.21 -29.13
N LEU A 672 3.87 71.15 -28.47
CA LEU A 672 3.20 72.32 -27.88
C LEU A 672 3.78 73.59 -28.50
N SER A 673 3.11 74.06 -29.55
CA SER A 673 3.39 75.35 -30.17
C SER A 673 2.10 76.15 -30.02
N PRO A 674 2.18 77.46 -29.84
CA PRO A 674 1.00 78.20 -29.31
C PRO A 674 -0.12 78.42 -30.31
N THR A 675 -0.10 77.78 -31.45
CA THR A 675 -1.15 77.99 -32.44
C THR A 675 -1.82 76.71 -32.90
N VAL A 676 -1.58 75.59 -32.23
CA VAL A 676 -2.01 74.32 -32.78
C VAL A 676 -3.48 74.10 -32.49
N ASP A 677 -4.34 74.64 -33.34
CA ASP A 677 -5.77 74.42 -33.20
C ASP A 677 -6.21 73.29 -34.11
N GLY A 678 -7.52 73.12 -34.22
CA GLY A 678 -8.07 72.07 -35.05
C GLY A 678 -9.40 71.61 -34.52
N SER A 679 -9.55 70.29 -34.44
CA SER A 679 -10.77 69.66 -33.93
C SER A 679 -10.67 69.50 -32.40
N PHE A 680 -11.43 70.35 -31.72
CA PHE A 680 -11.60 70.26 -30.27
C PHE A 680 -12.76 71.17 -29.86
N LEU A 681 -13.45 70.82 -28.79
CA LEU A 681 -14.40 71.75 -28.20
C LEU A 681 -13.74 72.52 -27.06
N PHE A 682 -13.05 71.81 -26.20
CA PHE A 682 -12.40 72.42 -25.05
C PHE A 682 -11.08 73.05 -25.49
N PRO A 683 -10.90 74.35 -25.25
CA PRO A 683 -9.67 75.01 -25.70
C PRO A 683 -8.45 74.45 -24.99
N VAL A 684 -7.60 73.79 -25.77
CA VAL A 684 -6.51 73.07 -25.15
C VAL A 684 -5.41 74.05 -24.83
N LYS A 685 -5.49 74.67 -23.66
CA LYS A 685 -4.41 75.50 -23.17
C LYS A 685 -3.35 74.62 -22.52
N SER A 686 -2.49 75.26 -21.73
CA SER A 686 -1.73 74.54 -20.72
C SER A 686 -2.53 74.56 -19.41
N LEU A 687 -3.79 74.17 -19.53
CA LEU A 687 -4.67 74.17 -18.38
C LEU A 687 -4.34 72.97 -17.51
N TYR A 688 -4.36 73.18 -16.19
CA TYR A 688 -3.80 72.22 -15.24
C TYR A 688 -2.29 72.04 -15.45
N ASN A 689 -1.69 72.96 -16.21
CA ASN A 689 -0.34 72.78 -16.72
C ASN A 689 0.65 72.95 -15.58
N LEU A 690 1.47 71.92 -15.37
CA LEU A 690 2.44 71.96 -14.30
C LEU A 690 3.45 73.07 -14.52
N ASP A 691 4.28 72.96 -15.55
CA ASP A 691 5.42 73.81 -15.76
C ASP A 691 6.36 73.79 -14.55
N GLU A 692 6.52 72.65 -13.88
CA GLU A 692 7.51 72.54 -12.82
C GLU A 692 8.88 72.20 -13.40
N ASP A 693 8.93 72.00 -14.70
CA ASP A 693 10.16 71.82 -15.46
C ASP A 693 10.66 73.17 -15.96
N GLU A 694 11.49 73.13 -16.98
CA GLU A 694 12.15 74.33 -17.49
C GLU A 694 11.17 75.24 -18.24
N THR A 695 11.70 76.31 -18.85
CA THR A 695 10.86 77.37 -19.42
C THR A 695 10.94 77.42 -20.95
N GLN A 696 11.47 76.37 -21.59
CA GLN A 696 11.54 76.28 -23.04
C GLN A 696 11.39 74.83 -23.48
N GLY A 697 10.41 74.56 -24.36
CA GLY A 697 10.16 73.20 -24.77
C GLY A 697 9.07 72.94 -25.80
N ALA A 698 9.13 71.75 -26.38
CA ALA A 698 8.10 71.19 -27.24
C ALA A 698 7.51 69.89 -26.70
N ILE A 699 7.69 69.59 -25.42
CA ILE A 699 6.92 68.51 -24.83
C ILE A 699 5.64 69.14 -24.33
N ALA A 700 4.69 69.34 -25.23
CA ALA A 700 3.55 70.19 -24.97
C ALA A 700 2.49 69.47 -24.17
N ILE A 701 1.28 70.01 -24.23
CA ILE A 701 0.13 69.27 -23.75
C ILE A 701 -0.27 68.23 -24.78
N ASN A 702 0.33 67.04 -24.68
CA ASN A 702 0.18 65.99 -25.67
C ASN A 702 -1.13 65.26 -25.56
N LEU A 703 -1.90 65.52 -24.51
CA LEU A 703 -3.10 64.74 -24.27
C LEU A 703 -4.16 65.03 -25.32
N LEU A 704 -4.66 66.25 -25.37
CA LEU A 704 -5.67 66.62 -26.35
C LEU A 704 -5.01 66.60 -27.71
N PRO A 705 -3.69 66.75 -27.75
CA PRO A 705 -3.02 66.85 -29.05
C PRO A 705 -2.74 65.52 -29.72
N LEU A 706 -2.66 64.43 -28.97
CA LEU A 706 -2.31 63.14 -29.57
C LEU A 706 -3.08 61.95 -29.00
N VAL A 707 -4.16 62.18 -28.27
CA VAL A 707 -4.95 61.05 -27.79
C VAL A 707 -6.44 61.18 -28.05
N SER A 708 -7.08 62.15 -27.41
CA SER A 708 -8.51 62.05 -27.18
C SER A 708 -9.31 62.30 -28.45
N GLN A 709 -9.17 63.48 -29.03
CA GLN A 709 -10.02 63.92 -30.13
C GLN A 709 -9.80 63.13 -31.41
N LYS A 724 -6.68 62.97 -30.52
CA LYS A 724 -5.83 62.15 -31.37
C LYS A 724 -6.67 61.33 -32.34
N ARG A 725 -6.35 60.05 -32.44
CA ARG A 725 -7.15 59.08 -33.16
C ARG A 725 -8.32 58.64 -32.27
N VAL A 726 -8.81 57.42 -32.50
CA VAL A 726 -9.82 56.88 -31.53
C VAL A 726 -9.07 56.87 -30.19
N VAL A 727 -9.77 56.93 -29.05
CA VAL A 727 -9.04 57.07 -27.76
C VAL A 727 -8.01 55.94 -27.62
N SER A 728 -6.78 56.30 -27.21
CA SER A 728 -5.71 55.27 -27.03
C SER A 728 -5.77 54.77 -25.59
N PRO A 729 -6.16 53.51 -25.34
CA PRO A 729 -6.33 53.05 -23.97
C PRO A 729 -5.07 53.01 -23.10
N ILE A 730 -3.96 52.48 -23.63
CA ILE A 730 -2.76 52.33 -22.76
C ILE A 730 -1.54 52.97 -23.41
N CYS A 731 -1.66 53.39 -24.67
CA CYS A 731 -0.44 53.90 -25.36
C CYS A 731 0.05 55.14 -24.61
N LEU A 732 -0.86 56.01 -24.18
CA LEU A 732 -0.43 57.27 -23.52
C LEU A 732 0.06 57.00 -22.10
N SER A 733 -0.42 55.94 -21.45
CA SER A 733 -0.07 55.70 -20.06
C SER A 733 0.75 54.43 -19.87
N PRO A 734 0.20 53.25 -20.20
CA PRO A 734 0.99 52.02 -20.08
C PRO A 734 2.22 52.04 -20.95
N CYS A 735 2.13 52.65 -22.13
CA CYS A 735 3.29 52.70 -23.00
C CYS A 735 4.30 53.68 -22.48
N PHE A 736 3.83 54.75 -21.84
CA PHE A 736 4.73 55.61 -21.12
C PHE A 736 5.37 54.84 -20.00
N ARG A 737 4.62 53.94 -19.40
CA ARG A 737 5.18 53.11 -18.35
C ARG A 737 6.28 52.23 -18.92
N LEU A 738 6.07 51.72 -20.11
CA LEU A 738 7.06 50.82 -20.71
C LEU A 738 8.28 51.60 -21.12
N LEU A 739 8.09 52.84 -21.56
CA LEU A 739 9.22 53.62 -22.02
C LEU A 739 9.97 54.19 -20.85
N ARG A 740 9.25 54.55 -19.80
CA ARG A 740 9.90 54.88 -18.55
C ARG A 740 10.53 53.63 -17.94
N LEU A 741 9.99 52.45 -18.27
CA LEU A 741 10.61 51.23 -17.80
C LEU A 741 11.92 51.00 -18.52
N TYR A 742 11.94 51.29 -19.81
CA TYR A 742 13.18 51.24 -20.54
C TYR A 742 14.08 52.37 -20.10
N THR A 743 13.48 53.46 -19.62
CA THR A 743 14.26 54.56 -19.11
C THR A 743 14.92 54.16 -17.80
N GLY A 744 14.21 53.40 -16.98
CA GLY A 744 14.82 52.92 -15.76
C GLY A 744 15.78 51.76 -16.01
N GLU A 745 15.23 50.60 -16.35
CA GLU A 745 16.07 49.44 -16.59
C GLU A 745 16.78 49.56 -17.91
N GLN A 746 16.04 49.89 -18.97
CA GLN A 746 16.65 50.17 -20.27
C GLN A 746 17.67 51.29 -20.17
N ASN A 747 17.47 52.24 -19.27
CA ASN A 747 18.53 53.20 -18.99
C ASN A 747 19.61 52.58 -18.13
N ASN A 748 19.26 52.15 -16.92
CA ASN A 748 20.23 51.85 -15.86
C ASN A 748 20.81 53.10 -15.18
N GLY A 749 19.94 54.06 -14.85
CA GLY A 749 20.35 55.33 -14.26
C GLY A 749 19.89 56.55 -15.04
N SER A 750 18.75 56.47 -15.73
CA SER A 750 18.31 57.50 -16.66
C SER A 750 17.70 58.67 -15.90
N LEU A 751 18.03 59.90 -16.32
CA LEU A 751 17.66 61.11 -15.58
C LEU A 751 17.11 62.27 -16.41
N GLU A 752 17.45 62.38 -17.69
CA GLU A 752 16.99 63.55 -18.44
C GLU A 752 16.02 63.15 -19.54
N GLU A 753 15.92 61.84 -19.81
CA GLU A 753 15.07 61.33 -20.88
C GLU A 753 13.60 61.59 -20.61
N ILE A 754 13.24 61.78 -19.34
CA ILE A 754 11.93 62.32 -18.99
C ILE A 754 12.02 63.76 -18.52
N ASP A 755 13.22 64.32 -18.45
CA ASP A 755 13.33 65.71 -18.05
C ASP A 755 12.71 66.62 -19.09
N ALA A 756 12.88 66.30 -20.37
CA ALA A 756 12.64 67.24 -21.46
C ALA A 756 11.17 67.63 -21.58
N LEU A 757 10.31 67.01 -20.79
CA LEU A 757 8.99 67.54 -20.49
C LEU A 757 8.62 67.32 -19.05
N LEU A 758 9.61 67.34 -18.14
CA LEU A 758 9.44 66.90 -16.75
C LEU A 758 8.26 67.58 -16.06
N GLY A 759 7.88 68.75 -16.56
CA GLY A 759 6.58 69.33 -16.36
C GLY A 759 5.88 69.75 -17.63
N CYS A 760 6.00 68.99 -18.71
CA CYS A 760 5.20 69.29 -19.89
C CYS A 760 3.74 69.06 -19.53
N PRO A 761 2.95 70.11 -19.36
CA PRO A 761 1.61 69.93 -18.77
C PRO A 761 0.54 69.63 -19.80
N LEU A 762 -0.38 68.73 -19.46
CA LEU A 762 -1.30 68.17 -20.45
C LEU A 762 -2.22 69.24 -21.01
N TYR A 763 -2.71 68.99 -22.22
CA TYR A 763 -3.49 69.99 -22.95
C TYR A 763 -4.98 69.76 -22.72
N LEU A 764 -5.36 69.79 -21.46
CA LEU A 764 -6.76 69.81 -21.07
C LEU A 764 -7.07 71.24 -20.65
N THR A 765 -8.18 71.78 -21.14
CA THR A 765 -8.56 73.14 -20.78
C THR A 765 -9.00 73.18 -19.32
N ASP A 766 -8.96 74.37 -18.73
CA ASP A 766 -9.20 74.53 -17.30
C ASP A 766 -10.61 74.09 -16.92
N LEU A 767 -10.69 73.03 -16.12
CA LEU A 767 -11.97 72.39 -15.81
C LEU A 767 -12.48 72.87 -14.45
N GLU A 768 -13.01 74.09 -14.47
CA GLU A 768 -13.67 74.62 -13.28
C GLU A 768 -15.19 74.70 -13.47
N VAL A 769 -15.65 74.67 -14.72
CA VAL A 769 -17.07 74.70 -15.03
C VAL A 769 -17.56 73.26 -15.11
N GLU A 770 -17.81 72.64 -13.95
CA GLU A 770 -18.48 71.35 -13.94
C GLU A 770 -19.97 71.53 -14.19
N GLY A 771 -20.56 72.54 -13.55
CA GLY A 771 -21.85 73.02 -14.00
C GLY A 771 -21.77 73.70 -15.35
N LYS A 772 -20.55 74.11 -15.73
CA LYS A 772 -20.30 74.52 -17.10
C LYS A 772 -20.21 73.31 -18.02
N LEU A 773 -20.37 72.10 -17.48
CA LEU A 773 -20.63 70.94 -18.31
C LEU A 773 -22.10 70.53 -18.25
N ASP A 774 -22.86 71.15 -17.35
CA ASP A 774 -24.27 70.80 -17.20
C ASP A 774 -25.11 71.43 -18.31
N SER A 775 -26.14 70.71 -18.73
CA SER A 775 -26.85 71.02 -19.96
C SER A 775 -26.18 70.41 -21.20
N LEU A 776 -25.17 69.56 -20.99
CA LEU A 776 -24.56 68.78 -22.06
C LEU A 776 -24.05 67.48 -21.46
N SER A 777 -23.67 66.53 -22.32
CA SER A 777 -23.11 65.29 -21.83
C SER A 777 -22.72 64.39 -22.99
N LYS A 778 -22.07 63.28 -22.65
CA LYS A 778 -21.78 62.15 -23.52
C LYS A 778 -20.73 62.43 -24.56
N GLN A 779 -20.30 63.68 -24.74
CA GLN A 779 -19.13 63.97 -25.55
C GLN A 779 -18.10 64.64 -24.67
N GLU A 780 -18.52 65.72 -23.99
CA GLU A 780 -17.66 66.33 -22.99
C GLU A 780 -17.71 65.54 -21.70
N ARG A 781 -18.79 64.80 -21.47
CA ARG A 781 -18.88 63.99 -20.27
C ARG A 781 -17.91 62.81 -20.33
N GLU A 782 -18.10 61.92 -21.29
CA GLU A 782 -17.19 60.80 -21.45
C GLU A 782 -15.81 61.26 -21.92
N PHE A 783 -15.77 62.34 -22.70
CA PHE A 783 -14.48 62.91 -23.08
C PHE A 783 -13.72 63.37 -21.86
N LEU A 784 -14.42 64.02 -20.93
CA LEU A 784 -13.78 64.42 -19.69
C LEU A 784 -13.43 63.19 -18.85
N CYS A 785 -14.25 62.15 -18.92
CA CYS A 785 -14.01 60.98 -18.08
C CYS A 785 -12.74 60.26 -18.52
N SER A 786 -12.61 60.00 -19.82
CA SER A 786 -11.40 59.40 -20.35
C SER A 786 -10.23 60.36 -20.21
N LEU A 787 -10.50 61.68 -20.23
CA LEU A 787 -9.42 62.64 -20.06
C LEU A 787 -8.92 62.66 -18.63
N LEU A 788 -9.83 62.57 -17.67
CA LEU A 788 -9.44 62.54 -16.28
C LEU A 788 -8.72 61.24 -15.96
N PHE A 789 -9.21 60.13 -16.50
CA PHE A 789 -8.51 58.86 -16.32
C PHE A 789 -7.11 58.94 -16.90
N TYR A 790 -6.99 59.49 -18.12
CA TYR A 790 -5.68 59.60 -18.73
C TYR A 790 -4.79 60.55 -17.96
N ALA A 791 -5.36 61.61 -17.41
CA ALA A 791 -4.54 62.60 -16.75
C ALA A 791 -4.02 62.05 -15.45
N LEU A 792 -4.90 61.42 -14.68
CA LEU A 792 -4.48 60.72 -13.49
C LEU A 792 -3.44 59.68 -13.85
N ASN A 793 -3.58 59.07 -15.02
CA ASN A 793 -2.56 58.13 -15.47
C ASN A 793 -1.24 58.83 -15.69
N TRP A 794 -1.26 59.93 -16.45
CA TRP A 794 -0.03 60.61 -16.84
C TRP A 794 0.71 61.08 -15.62
N PHE A 795 -0.04 61.58 -14.63
CA PHE A 795 0.57 62.09 -13.42
C PHE A 795 1.00 60.98 -12.50
N ARG A 796 0.15 59.98 -12.28
CA ARG A 796 0.50 58.92 -11.36
C ARG A 796 1.68 58.15 -11.86
N GLU A 797 1.82 58.03 -13.18
CA GLU A 797 3.03 57.43 -13.72
C GLU A 797 4.20 58.38 -13.56
N VAL A 798 3.94 59.69 -13.71
CA VAL A 798 5.02 60.67 -13.62
C VAL A 798 5.62 60.65 -12.24
N VAL A 799 4.81 60.29 -11.25
CA VAL A 799 5.29 60.21 -9.87
C VAL A 799 5.79 58.79 -9.56
N ASN A 800 5.11 57.77 -10.09
CA ASN A 800 5.46 56.40 -9.77
C ASN A 800 6.83 56.07 -10.33
N ALA A 801 7.16 56.64 -11.48
CA ALA A 801 8.53 56.56 -11.95
C ALA A 801 9.33 57.74 -11.42
N PHE A 802 8.66 58.75 -10.90
CA PHE A 802 9.38 59.92 -10.44
C PHE A 802 9.65 59.86 -8.94
N CYS A 803 9.03 58.91 -8.23
CA CYS A 803 9.16 58.88 -6.77
C CYS A 803 10.59 58.63 -6.31
N GLN A 804 11.12 57.43 -6.55
CA GLN A 804 12.34 57.01 -5.87
C GLN A 804 13.58 57.71 -6.43
N GLN A 805 13.41 58.51 -7.47
CA GLN A 805 14.52 59.31 -7.96
C GLN A 805 14.82 60.41 -6.96
N GLN A 806 16.06 60.44 -6.46
CA GLN A 806 16.43 61.21 -5.27
C GLN A 806 17.16 62.53 -5.55
N ASP A 807 17.05 63.07 -6.76
CA ASP A 807 17.52 64.42 -7.00
C ASP A 807 16.63 65.41 -6.26
N ALA A 808 17.18 66.59 -5.99
CA ALA A 808 16.43 67.57 -5.22
C ALA A 808 15.23 68.07 -6.01
N GLU A 809 15.49 68.63 -7.20
CA GLU A 809 14.43 69.19 -8.03
C GLU A 809 13.40 68.13 -8.36
N MET A 810 13.83 66.87 -8.42
CA MET A 810 12.89 65.76 -8.41
C MET A 810 12.05 65.76 -7.15
N LYS A 811 12.65 66.09 -6.00
CA LYS A 811 11.90 66.11 -4.76
C LYS A 811 10.82 67.19 -4.79
N GLY A 812 11.18 68.36 -5.26
CA GLY A 812 10.22 69.44 -5.33
C GLY A 812 9.15 69.19 -6.38
N LYS A 813 9.56 68.63 -7.51
CA LYS A 813 8.58 68.27 -8.53
C LYS A 813 7.63 67.21 -8.02
N VAL A 814 8.12 66.28 -7.20
CA VAL A 814 7.25 65.25 -6.65
C VAL A 814 6.25 65.88 -5.70
N LEU A 815 6.69 66.87 -4.95
CA LEU A 815 5.77 67.59 -4.09
C LEU A 815 4.71 68.30 -4.94
N THR A 816 5.14 68.97 -6.00
CA THR A 816 4.19 69.65 -6.86
C THR A 816 3.27 68.66 -7.53
N ARG A 817 3.78 67.47 -7.80
CA ARG A 817 2.96 66.46 -8.47
C ARG A 817 1.91 65.94 -7.53
N LEU A 818 2.28 65.69 -6.28
CA LEU A 818 1.29 65.25 -5.31
C LEU A 818 0.25 66.34 -5.10
N GLN A 819 0.68 67.60 -5.15
CA GLN A 819 -0.28 68.69 -5.01
C GLN A 819 -1.26 68.71 -6.18
N ASN A 820 -0.73 68.65 -7.41
CA ASN A 820 -1.60 68.59 -8.58
C ASN A 820 -2.45 67.34 -8.56
N ILE A 821 -1.94 66.26 -7.98
CA ILE A 821 -2.67 65.01 -7.93
C ILE A 821 -3.86 65.15 -7.02
N THR A 822 -3.65 65.75 -5.85
CA THR A 822 -4.77 65.96 -4.93
C THR A 822 -5.77 66.92 -5.52
N GLU A 823 -5.29 67.96 -6.21
CA GLU A 823 -6.21 68.97 -6.75
C GLU A 823 -7.02 68.42 -7.91
N LEU A 824 -6.35 67.77 -8.88
CA LEU A 824 -7.06 67.12 -9.95
C LEU A 824 -7.92 65.98 -9.43
N GLN A 825 -7.56 65.41 -8.28
CA GLN A 825 -8.41 64.40 -7.69
C GLN A 825 -9.67 65.02 -7.14
N ASN A 826 -9.56 66.24 -6.63
CA ASN A 826 -10.76 66.96 -6.21
C ASN A 826 -11.65 67.27 -7.41
N VAL A 827 -11.05 67.77 -8.49
CA VAL A 827 -11.81 68.03 -9.71
C VAL A 827 -12.36 66.73 -10.28
N LEU A 828 -11.60 65.65 -10.12
CA LEU A 828 -12.01 64.38 -10.67
C LEU A 828 -13.10 63.76 -9.82
N GLY A 829 -13.11 64.02 -8.53
CA GLY A 829 -14.22 63.60 -7.72
C GLY A 829 -15.47 64.40 -8.02
N LYS A 830 -15.31 65.68 -8.31
CA LYS A 830 -16.44 66.49 -8.77
C LYS A 830 -16.96 65.97 -10.09
N CYS A 831 -16.07 65.46 -10.94
CA CYS A 831 -16.50 64.83 -12.17
C CYS A 831 -17.00 63.42 -11.92
N LEU A 832 -16.60 62.81 -10.80
CA LEU A 832 -17.12 61.50 -10.45
C LEU A 832 -18.58 61.61 -10.07
N ALA A 833 -18.91 62.62 -9.24
CA ALA A 833 -20.30 63.00 -9.07
C ALA A 833 -20.90 63.43 -10.40
N ALA A 834 -20.12 64.14 -11.22
CA ALA A 834 -20.59 64.55 -12.53
C ALA A 834 -20.53 63.40 -13.52
N THR A 835 -20.04 62.27 -13.09
CA THR A 835 -20.24 61.08 -13.91
C THR A 835 -21.06 60.12 -13.07
N PRO A 836 -22.16 60.57 -12.48
CA PRO A 836 -23.08 59.63 -11.85
C PRO A 836 -23.77 58.81 -12.94
N GLY A 837 -23.45 57.52 -12.99
CA GLY A 837 -24.12 56.59 -13.86
C GLY A 837 -23.25 55.86 -14.88
N TYR A 838 -22.37 56.57 -15.61
CA TYR A 838 -21.53 55.95 -16.63
C TYR A 838 -20.21 56.71 -16.78
N VAL A 839 -19.18 56.20 -16.12
CA VAL A 839 -17.79 56.66 -16.28
C VAL A 839 -16.94 55.39 -16.28
N PRO A 840 -16.98 54.59 -17.35
CA PRO A 840 -16.47 53.23 -17.27
C PRO A 840 -14.97 53.21 -17.16
N PRO A 841 -14.36 52.05 -16.95
CA PRO A 841 -12.92 51.98 -16.88
C PRO A 841 -12.32 52.07 -18.26
N PRO A 842 -12.14 53.27 -18.77
CA PRO A 842 -11.34 53.39 -19.99
C PRO A 842 -9.85 53.36 -19.70
N ALA A 843 -9.47 53.27 -18.44
CA ALA A 843 -8.07 53.18 -18.12
C ALA A 843 -7.52 51.82 -18.54
N THR A 844 -6.20 51.70 -18.49
CA THR A 844 -5.57 50.42 -18.73
C THR A 844 -6.00 49.46 -17.65
N PHE A 845 -6.86 48.52 -18.01
CA PHE A 845 -7.46 47.57 -17.07
C PHE A 845 -6.55 46.37 -16.82
N ASP A 846 -5.24 46.60 -16.85
CA ASP A 846 -4.19 45.60 -16.82
C ASP A 846 -3.99 44.93 -18.17
N SER A 847 -4.95 45.09 -19.08
CA SER A 847 -4.91 44.57 -20.45
C SER A 847 -4.44 43.11 -20.53
N GLU A 848 -4.79 42.33 -19.51
CA GLU A 848 -4.25 40.99 -19.34
C GLU A 848 -5.37 40.01 -19.02
N ALA A 849 -6.53 40.54 -18.68
CA ALA A 849 -7.68 39.73 -18.34
C ALA A 849 -8.39 39.29 -19.62
N PRO A 850 -9.52 38.61 -19.50
CA PRO A 850 -10.34 38.17 -20.64
C PRO A 850 -11.83 38.07 -20.32
N ALA A 915 -20.34 58.33 -8.91
CA ALA A 915 -19.74 59.07 -7.82
C ALA A 915 -19.82 58.29 -6.51
N GLN A 916 -18.79 57.50 -6.22
CA GLN A 916 -18.73 56.70 -5.00
C GLN A 916 -17.30 56.61 -4.51
N LEU A 917 -17.09 55.78 -3.49
CA LEU A 917 -15.76 55.66 -2.90
C LEU A 917 -14.93 54.58 -3.59
N GLN A 918 -15.57 53.52 -4.07
CA GLN A 918 -14.86 52.39 -4.65
C GLN A 918 -15.08 52.26 -6.15
N SER A 919 -15.69 53.27 -6.79
CA SER A 919 -15.95 53.19 -8.22
C SER A 919 -14.65 53.32 -9.02
N TYR A 920 -13.59 53.81 -8.38
CA TYR A 920 -12.27 53.88 -8.99
C TYR A 920 -11.26 52.93 -8.36
N ARG A 921 -11.66 51.72 -8.00
CA ARG A 921 -10.70 50.74 -7.50
C ARG A 921 -9.93 50.07 -8.63
N PRO A 922 -10.56 49.60 -9.70
CA PRO A 922 -9.76 48.95 -10.76
C PRO A 922 -8.90 49.88 -11.59
N TYR A 923 -9.48 50.91 -12.20
CA TYR A 923 -8.84 51.56 -13.34
C TYR A 923 -7.57 52.32 -12.95
N PHE A 924 -7.25 52.40 -11.68
CA PHE A 924 -6.04 53.09 -11.28
C PHE A 924 -4.83 52.24 -11.63
N ARG A 925 -3.70 52.91 -11.85
CA ARG A 925 -2.46 52.23 -12.15
C ARG A 925 -1.91 51.54 -10.92
N GLU A 926 -0.68 51.04 -11.01
CA GLU A 926 -0.11 50.27 -9.92
C GLU A 926 1.01 51.05 -9.24
N LEU A 927 0.81 51.38 -7.95
CA LEU A 927 1.78 52.17 -7.20
C LEU A 927 2.99 51.32 -6.85
N ASP A 928 4.13 51.99 -6.66
CA ASP A 928 5.43 51.33 -6.75
C ASP A 928 5.74 50.46 -5.53
N LEU A 929 6.96 49.92 -5.50
CA LEU A 929 7.33 48.95 -4.47
C LEU A 929 8.51 49.41 -3.62
N GLU A 930 9.27 50.39 -4.10
CA GLU A 930 10.27 51.07 -3.28
C GLU A 930 10.00 52.57 -3.14
N VAL A 931 9.06 53.10 -3.94
CA VAL A 931 8.78 54.53 -3.97
C VAL A 931 7.48 54.87 -3.27
N PHE A 932 7.12 54.11 -2.24
CA PHE A 932 6.15 54.52 -1.24
C PHE A 932 6.82 55.05 0.03
N SER A 933 8.11 55.36 -0.05
CA SER A 933 8.90 55.73 1.11
C SER A 933 9.63 57.04 0.83
N VAL A 934 9.21 58.09 1.51
CA VAL A 934 9.98 59.32 1.66
C VAL A 934 9.90 59.76 3.12
N LEU A 935 10.93 59.43 3.91
CA LEU A 935 10.84 59.63 5.36
C LEU A 935 11.11 61.06 5.78
N HIS A 936 11.00 62.01 4.84
CA HIS A 936 11.26 63.40 5.17
C HIS A 936 10.13 64.35 4.75
N CYS A 937 8.93 63.86 4.43
CA CYS A 937 7.82 64.75 4.19
C CYS A 937 7.45 65.42 5.51
N GLY A 938 7.83 66.69 5.64
CA GLY A 938 7.73 67.37 6.92
C GLY A 938 6.30 67.70 7.32
N LEU A 939 6.17 68.58 8.29
CA LEU A 939 4.87 68.90 8.86
C LEU A 939 4.09 69.91 8.02
N LEU A 940 2.82 69.57 7.76
CA LEU A 940 1.89 70.53 7.18
C LEU A 940 0.70 70.73 8.13
N THR A 941 0.02 71.86 7.97
CA THR A 941 -1.15 72.15 8.78
C THR A 941 -1.38 73.65 8.84
N LEU A 959 6.04 67.65 3.41
CA LEU A 959 4.80 66.90 3.42
C LEU A 959 3.68 67.86 3.75
N GLY A 960 2.88 68.20 2.74
CA GLY A 960 1.80 69.14 2.89
C GLY A 960 0.62 68.60 3.68
N PRO A 961 -0.58 69.11 3.41
CA PRO A 961 -1.74 68.67 4.21
C PRO A 961 -2.25 67.29 3.86
N ALA A 962 -2.44 67.00 2.57
CA ALA A 962 -3.10 65.76 2.18
C ALA A 962 -2.10 64.66 1.88
N GLU A 963 -0.81 65.00 1.91
CA GLU A 963 0.22 64.10 1.41
C GLU A 963 0.40 62.88 2.29
N LEU A 964 0.37 63.07 3.60
CA LEU A 964 0.38 61.93 4.50
C LEU A 964 -0.80 61.02 4.24
N CYS A 965 -1.99 61.61 4.02
CA CYS A 965 -3.20 60.80 3.81
C CYS A 965 -3.10 60.00 2.53
N PHE A 966 -2.53 60.59 1.48
CA PHE A 966 -2.44 59.91 0.20
C PHE A 966 -1.40 58.78 0.23
N LEU A 967 -0.15 59.12 0.55
CA LEU A 967 0.91 58.12 0.57
C LEU A 967 0.63 57.04 1.59
N LEU A 968 -0.10 57.37 2.66
CA LEU A 968 -0.42 56.38 3.68
C LEU A 968 -1.61 55.52 3.27
N ASP A 969 -2.62 56.10 2.62
CA ASP A 969 -3.72 55.28 2.13
C ASP A 969 -3.21 54.29 1.12
N ASP A 970 -2.20 54.70 0.35
CA ASP A 970 -1.59 53.79 -0.60
C ASP A 970 -0.65 52.81 0.08
N MET A 971 -0.15 53.15 1.26
CA MET A 971 0.51 52.12 2.06
C MET A 971 -0.52 51.10 2.57
N CYS A 972 -1.65 51.58 3.06
CA CYS A 972 -2.51 50.75 3.88
C CYS A 972 -3.45 49.90 3.04
N TRP A 973 -3.77 50.35 1.82
CA TRP A 973 -4.79 49.65 1.04
C TRP A 973 -4.33 48.27 0.60
N LYS A 974 -3.06 47.95 0.80
CA LYS A 974 -2.56 46.60 0.62
C LYS A 974 -1.52 46.19 1.66
N LEU A 975 -1.11 47.08 2.57
CA LEU A 975 -0.05 46.73 3.51
C LEU A 975 -0.53 45.73 4.54
N GLU A 976 -1.86 45.57 4.63
CA GLU A 976 -2.43 44.54 5.48
C GLU A 976 -2.69 43.28 4.68
N HIS A 977 -2.70 43.39 3.36
CA HIS A 977 -2.88 42.20 2.53
C HIS A 977 -1.69 41.26 2.65
N VAL A 978 -0.49 41.80 2.80
CA VAL A 978 0.69 40.96 2.77
C VAL A 978 1.02 40.43 4.16
N LEU A 979 0.49 41.06 5.23
CA LEU A 979 1.13 40.91 6.53
C LEU A 979 0.69 39.65 7.28
N THR A 980 -0.57 39.58 7.68
CA THR A 980 -1.05 38.48 8.54
C THR A 980 -1.14 38.83 10.04
N PHE A 1000 -4.17 43.37 -8.37
CA PHE A 1000 -2.81 43.83 -8.17
C PHE A 1000 -1.86 42.65 -8.27
N SER A 1001 -0.90 42.74 -9.17
CA SER A 1001 0.03 41.62 -9.36
C SER A 1001 1.47 42.07 -9.16
N HIS A 1002 1.80 43.28 -9.62
CA HIS A 1002 3.13 43.79 -9.37
C HIS A 1002 3.30 44.10 -7.90
N LEU A 1003 2.18 44.26 -7.20
CA LEU A 1003 2.24 44.45 -5.76
C LEU A 1003 2.62 43.16 -5.05
N CYS A 1004 1.92 42.06 -5.34
CA CYS A 1004 2.14 40.82 -4.61
C CYS A 1004 3.36 40.07 -5.12
N GLN A 1005 3.96 40.55 -6.22
CA GLN A 1005 5.12 39.86 -6.77
C GLN A 1005 6.31 40.00 -5.84
N ARG A 1006 6.31 41.01 -5.01
CA ARG A 1006 7.31 41.10 -3.96
C ARG A 1006 7.04 40.05 -2.89
N SER A 1007 7.80 40.10 -1.81
CA SER A 1007 7.66 39.10 -0.75
C SER A 1007 7.07 39.73 0.52
N PRO A 1008 6.11 39.07 1.17
CA PRO A 1008 5.64 39.58 2.46
C PRO A 1008 6.69 39.49 3.54
N LYS A 1009 7.58 38.50 3.44
CA LYS A 1009 8.79 38.51 4.26
C LYS A 1009 9.69 39.67 3.88
N GLU A 1010 9.82 39.95 2.59
CA GLU A 1010 10.49 41.18 2.18
C GLU A 1010 9.66 42.39 2.55
N VAL A 1011 8.34 42.22 2.63
CA VAL A 1011 7.48 43.33 3.04
C VAL A 1011 7.78 43.71 4.49
N ALA A 1012 7.92 42.70 5.35
CA ALA A 1012 8.36 42.95 6.71
C ALA A 1012 9.76 43.52 6.73
N VAL A 1013 10.65 43.03 5.86
CA VAL A 1013 12.04 43.49 5.86
C VAL A 1013 12.11 44.97 5.53
N CYS A 1014 11.36 45.41 4.55
CA CYS A 1014 11.35 46.83 4.20
C CYS A 1014 10.61 47.64 5.26
N VAL A 1015 9.55 47.08 5.85
CA VAL A 1015 8.82 47.80 6.87
C VAL A 1015 9.70 48.06 8.08
N VAL A 1016 10.49 47.06 8.48
CA VAL A 1016 11.45 47.25 9.55
C VAL A 1016 12.50 48.25 9.13
N LYS A 1017 12.93 48.20 7.86
CA LYS A 1017 14.01 49.07 7.45
C LYS A 1017 13.57 50.53 7.31
N LEU A 1018 12.26 50.77 7.20
CA LEU A 1018 11.81 52.12 6.94
C LEU A 1018 10.55 52.56 7.67
N LEU A 1019 10.18 51.91 8.78
CA LEU A 1019 8.92 52.27 9.41
C LEU A 1019 9.09 53.37 10.44
N LYS A 1020 10.04 53.20 11.35
CA LYS A 1020 10.14 54.11 12.48
C LYS A 1020 10.46 55.53 12.07
N PRO A 1021 11.30 55.77 11.07
CA PRO A 1021 11.71 57.15 10.76
C PRO A 1021 10.58 58.06 10.28
N LEU A 1022 9.43 57.49 9.90
CA LEU A 1022 8.32 58.34 9.46
C LEU A 1022 7.23 58.42 10.51
N CYS A 1023 6.78 57.25 10.99
CA CYS A 1023 5.68 57.22 11.95
C CYS A 1023 6.07 57.86 13.27
N ASN A 1024 7.37 57.85 13.60
CA ASN A 1024 7.84 58.50 14.84
C ASN A 1024 7.49 59.98 14.84
N HIS A 1025 8.05 60.73 13.88
CA HIS A 1025 7.81 62.16 13.83
C HIS A 1025 6.33 62.48 13.59
N MET A 1026 5.67 61.64 12.79
CA MET A 1026 4.27 61.87 12.49
C MET A 1026 3.40 61.78 13.73
N GLU A 1027 3.43 60.64 14.45
CA GLU A 1027 2.61 60.48 15.64
C GLU A 1027 2.97 61.53 16.69
N ASN A 1028 4.28 61.80 16.85
CA ASN A 1028 4.73 62.69 17.91
C ASN A 1028 4.20 64.10 17.73
N MET A 1029 4.23 64.62 16.51
CA MET A 1029 3.60 65.92 16.28
C MET A 1029 2.08 65.81 16.38
N HIS A 1030 1.50 64.79 15.73
CA HIS A 1030 0.10 64.86 15.33
C HIS A 1030 -0.84 64.62 16.49
N ASN A 1031 -0.49 63.74 17.43
CA ASN A 1031 -1.39 63.48 18.55
C ASN A 1031 -1.60 64.73 19.41
N TYR A 1032 -0.49 65.37 19.82
CA TYR A 1032 -0.60 66.59 20.60
C TYR A 1032 -1.16 67.74 19.77
N PHE A 1033 -0.92 67.72 18.45
CA PHE A 1033 -1.49 68.76 17.62
C PHE A 1033 -3.01 68.65 17.57
N GLN A 1034 -3.52 67.43 17.48
CA GLN A 1034 -4.95 67.23 17.52
C GLN A 1034 -5.49 67.41 18.93
N THR A 1035 -4.62 67.34 19.95
CA THR A 1035 -5.06 67.50 21.34
C THR A 1035 -5.14 68.96 21.74
N VAL A 1036 -4.27 69.81 21.19
CA VAL A 1036 -4.27 71.23 21.52
C VAL A 1036 -5.01 72.09 20.49
N ILE A 1037 -5.01 71.71 19.21
CA ILE A 1037 -5.83 72.42 18.23
C ILE A 1037 -7.33 72.21 18.45
N PRO A 1038 -7.77 71.16 19.13
CA PRO A 1038 -9.21 70.95 19.30
C PRO A 1038 -9.91 72.05 20.09
N ASN A 1039 -9.23 72.63 21.07
CA ASN A 1039 -9.79 73.78 21.77
C ASN A 1039 -9.88 74.96 20.83
N GLN A 1040 -8.93 75.09 19.91
CA GLN A 1040 -9.02 76.11 18.87
C GLN A 1040 -10.20 75.84 17.95
N GLY A 1041 -10.63 74.58 17.87
CA GLY A 1041 -11.89 74.29 17.20
C GLY A 1041 -13.08 74.82 17.96
N VAL A 1042 -12.88 75.20 19.23
CA VAL A 1042 -13.99 75.69 20.04
C VAL A 1042 -14.26 77.16 19.79
N VAL A 1043 -13.35 77.82 19.07
CA VAL A 1043 -13.49 79.25 18.77
C VAL A 1043 -14.30 79.52 17.51
N ASP A 1044 -15.02 78.53 16.99
CA ASP A 1044 -15.56 78.61 15.64
C ASP A 1044 -14.50 78.18 14.63
N GLU A 1045 -13.41 77.58 15.11
CA GLU A 1045 -12.27 77.19 14.27
C GLU A 1045 -12.53 75.85 13.57
N SER A 1046 -13.68 75.78 12.90
CA SER A 1046 -13.98 74.64 12.04
C SER A 1046 -13.22 74.74 10.73
N GLY A 1047 -12.97 75.97 10.27
CA GLY A 1047 -12.01 76.15 9.20
C GLY A 1047 -10.63 75.64 9.59
N LEU A 1048 -10.34 75.64 10.90
CA LEU A 1048 -9.21 74.89 11.40
C LEU A 1048 -9.60 73.44 11.70
N ASN A 1049 -10.84 73.21 12.10
CA ASN A 1049 -11.26 71.84 12.41
C ASN A 1049 -11.38 71.00 11.15
N ILE A 1050 -12.19 71.44 10.18
CA ILE A 1050 -12.36 70.72 8.91
C ILE A 1050 -11.38 71.17 7.85
N GLN A 1051 -10.38 71.96 8.21
CA GLN A 1051 -9.32 72.39 7.30
C GLN A 1051 -7.95 71.98 7.80
N GLU A 1052 -7.65 72.17 9.09
CA GLU A 1052 -6.34 71.79 9.61
C GLU A 1052 -6.23 70.28 9.74
N TYR A 1053 -7.22 69.64 10.34
CA TYR A 1053 -7.21 68.19 10.49
C TYR A 1053 -8.58 67.55 10.28
N GLN A 1054 -9.32 67.99 9.26
CA GLN A 1054 -10.69 67.49 9.04
C GLN A 1054 -10.71 65.98 8.85
N LEU A 1055 -9.63 65.43 8.32
CA LEU A 1055 -9.34 64.02 8.42
C LEU A 1055 -7.96 63.78 9.03
N MET A 1056 -7.45 64.75 9.79
CA MET A 1056 -6.16 64.56 10.47
C MET A 1056 -6.31 63.48 11.52
N SER A 1057 -7.49 63.40 12.14
CA SER A 1057 -7.78 62.27 13.00
C SER A 1057 -7.81 60.98 12.21
N SER A 1058 -8.41 61.00 11.01
CA SER A 1058 -8.49 59.79 10.19
C SER A 1058 -7.09 59.32 9.81
N CYS A 1059 -6.20 60.26 9.53
CA CYS A 1059 -4.82 59.93 9.22
C CYS A 1059 -4.12 59.34 10.43
N TYR A 1060 -4.43 59.88 11.61
CA TYR A 1060 -3.88 59.28 12.83
C TYR A 1060 -4.38 57.86 13.00
N HIS A 1061 -5.66 57.62 12.72
CA HIS A 1061 -6.25 56.30 12.96
C HIS A 1061 -5.71 55.27 11.99
N GLN A 1062 -5.55 55.68 10.74
CA GLN A 1062 -4.78 54.90 9.79
C GLN A 1062 -3.40 54.57 10.35
N LEU A 1063 -2.64 55.60 10.78
CA LEU A 1063 -1.25 55.39 11.16
C LEU A 1063 -1.14 54.44 12.33
N LEU A 1064 -2.09 54.52 13.26
CA LEU A 1064 -2.11 53.59 14.37
C LEU A 1064 -2.42 52.18 13.89
N LEU A 1065 -3.37 52.04 12.96
CA LEU A 1065 -3.70 50.72 12.44
C LEU A 1065 -2.51 50.11 11.75
N ALA A 1066 -1.70 50.96 11.11
CA ALA A 1066 -0.49 50.50 10.45
C ALA A 1066 0.51 50.00 11.48
N PHE A 1067 0.63 50.73 12.59
CA PHE A 1067 1.52 50.30 13.67
C PHE A 1067 1.10 48.94 14.21
N ARG A 1068 -0.21 48.74 14.34
CA ARG A 1068 -0.70 47.50 14.91
C ARG A 1068 -0.51 46.34 13.94
N LEU A 1069 -0.74 46.60 12.65
CA LEU A 1069 -0.64 45.53 11.66
C LEU A 1069 0.79 45.12 11.43
N LEU A 1070 1.71 46.09 11.46
CA LEU A 1070 3.10 45.79 11.15
C LEU A 1070 3.83 45.22 12.35
N PHE A 1071 3.73 45.90 13.51
CA PHE A 1071 4.56 45.54 14.66
C PHE A 1071 4.19 44.17 15.21
N ALA A 1072 2.95 43.77 15.01
CA ALA A 1072 2.51 42.42 15.31
C ALA A 1072 2.27 41.74 13.97
N TRP A 1073 3.28 41.05 13.47
CA TRP A 1073 3.07 40.15 12.37
C TRP A 1073 2.53 38.84 12.92
N SER A 1074 1.51 38.31 12.26
CA SER A 1074 0.94 37.05 12.71
C SER A 1074 1.96 35.94 12.67
N GLY A 1075 2.81 35.94 11.66
CA GLY A 1075 3.81 34.89 11.51
C GLY A 1075 5.07 35.14 12.32
N PHE A 1076 4.99 35.94 13.37
CA PHE A 1076 6.15 36.14 14.23
C PHE A 1076 6.55 34.86 14.95
N SER A 1077 5.63 33.90 15.08
CA SER A 1077 5.85 32.68 15.85
C SER A 1077 6.63 31.69 14.99
N GLN A 1078 7.93 31.93 14.92
CA GLN A 1078 8.82 31.07 14.15
C GLN A 1078 10.25 31.51 14.43
N HIS A 1079 11.17 30.90 13.69
CA HIS A 1079 12.59 31.22 13.87
C HIS A 1079 12.94 32.59 13.30
N GLU A 1080 11.98 33.27 12.67
CA GLU A 1080 12.31 34.52 11.99
C GLU A 1080 11.53 35.71 12.54
N ASN A 1081 10.20 35.59 12.60
CA ASN A 1081 9.38 36.76 12.86
C ASN A 1081 9.41 37.16 14.33
N SER A 1082 9.85 36.27 15.20
CA SER A 1082 10.09 36.66 16.59
C SER A 1082 11.30 37.58 16.69
N ASN A 1083 12.43 37.19 16.11
CA ASN A 1083 13.59 38.06 16.04
C ASN A 1083 13.26 39.33 15.27
N LEU A 1084 12.34 39.23 14.31
CA LEU A 1084 11.86 40.41 13.61
C LEU A 1084 11.16 41.37 14.57
N LEU A 1085 10.20 40.87 15.36
CA LEU A 1085 9.47 41.72 16.29
C LEU A 1085 10.43 42.35 17.30
N ARG A 1086 11.51 41.64 17.64
CA ARG A 1086 12.53 42.20 18.53
C ARG A 1086 13.36 43.28 17.86
N SER A 1087 13.73 43.08 16.59
CA SER A 1087 14.49 44.08 15.86
C SER A 1087 13.63 45.29 15.52
N ALA A 1088 12.32 45.15 15.66
CA ALA A 1088 11.44 46.31 15.54
C ALA A 1088 11.30 47.04 16.87
N LEU A 1089 11.19 46.28 17.96
CA LEU A 1089 11.18 46.89 19.28
C LEU A 1089 12.46 47.69 19.54
N GLN A 1090 13.59 47.22 18.99
CA GLN A 1090 14.88 47.86 19.24
C GLN A 1090 14.99 49.24 18.60
N VAL A 1091 13.97 49.66 17.85
CA VAL A 1091 13.84 51.05 17.44
C VAL A 1091 12.49 51.63 17.85
N LEU A 1092 11.62 50.83 18.49
CA LEU A 1092 10.35 51.35 18.96
C LEU A 1092 10.54 52.40 20.06
N ALA A 1093 11.69 52.40 20.73
CA ALA A 1093 11.92 53.17 21.97
C ALA A 1093 11.93 54.67 21.66
N ASP A 1094 10.75 55.27 21.80
CA ASP A 1094 10.56 56.65 21.38
C ASP A 1094 11.29 57.62 22.28
N ARG A 1095 10.92 57.67 23.56
CA ARG A 1095 11.39 58.77 24.41
C ARG A 1095 12.83 58.58 24.82
N LEU A 1096 13.12 57.52 25.57
CA LEU A 1096 14.43 57.28 26.14
C LEU A 1096 15.03 56.00 25.56
N LYS A 1097 16.21 55.65 26.07
CA LYS A 1097 17.04 54.68 25.38
C LYS A 1097 16.48 53.27 25.53
N PRO A 1098 17.02 52.29 24.78
CA PRO A 1098 16.71 50.89 25.10
C PRO A 1098 17.67 50.28 26.09
N GLY A 1099 18.87 50.83 26.20
CA GLY A 1099 19.84 50.38 27.16
C GLY A 1099 21.15 49.94 26.51
N GLU A 1100 21.54 48.72 26.86
CA GLU A 1100 22.83 48.16 26.47
C GLU A 1100 22.71 47.42 25.15
N THR A 1101 23.74 46.59 24.87
CA THR A 1101 23.78 45.77 23.67
C THR A 1101 22.64 44.74 23.63
N GLU A 1102 22.01 44.47 24.77
CA GLU A 1102 20.79 43.67 24.82
C GLU A 1102 20.05 44.02 26.10
N PHE A 1103 18.72 44.18 26.01
CA PHE A 1103 17.86 44.37 27.18
C PHE A 1103 16.65 43.42 27.04
N LEU A 1104 16.85 42.18 27.48
CA LEU A 1104 15.89 41.12 27.20
C LEU A 1104 14.54 41.32 27.86
N PRO A 1105 14.42 42.08 28.96
CA PRO A 1105 13.10 42.24 29.60
C PRO A 1105 12.31 43.33 28.91
N LEU A 1106 11.06 43.00 28.55
CA LEU A 1106 10.29 43.77 27.59
C LEU A 1106 9.78 45.08 28.13
N GLU A 1107 10.09 45.42 29.38
CA GLU A 1107 9.53 46.60 30.02
C GLU A 1107 10.01 47.88 29.36
N GLU A 1108 11.21 47.85 28.76
CA GLU A 1108 11.60 48.94 27.87
C GLU A 1108 10.62 49.03 26.71
N LEU A 1109 10.08 47.89 26.27
CA LEU A 1109 9.08 47.89 25.22
C LEU A 1109 7.74 48.43 25.71
N ILE A 1110 7.22 47.88 26.79
CA ILE A 1110 5.93 48.33 27.31
C ILE A 1110 6.02 49.77 27.81
N SER A 1111 7.24 50.23 28.12
CA SER A 1111 7.45 51.57 28.64
C SER A 1111 7.61 52.58 27.52
N GLU A 1112 8.21 52.17 26.41
CA GLU A 1112 8.06 52.93 25.17
C GLU A 1112 6.59 52.99 24.76
N SER A 1113 5.82 51.95 25.11
CA SER A 1113 4.40 51.92 24.78
C SER A 1113 3.59 52.84 25.68
N PHE A 1114 3.88 52.85 26.98
CA PHE A 1114 3.22 53.79 27.86
C PHE A 1114 3.61 55.21 27.52
N GLN A 1115 4.88 55.43 27.16
CA GLN A 1115 5.34 56.75 26.77
C GLN A 1115 4.70 57.18 25.45
N TYR A 1116 4.38 56.22 24.58
CA TYR A 1116 3.64 56.54 23.37
C TYR A 1116 2.20 56.87 23.71
N LEU A 1117 1.58 56.09 24.60
CA LEU A 1117 0.18 56.31 24.95
C LEU A 1117 0.00 57.59 25.75
N LEU A 1118 1.12 58.14 26.25
CA LEU A 1118 1.08 59.45 26.89
C LEU A 1118 0.59 60.55 25.96
N ASN A 1119 0.84 60.41 24.65
CA ASN A 1119 0.37 61.44 23.74
C ASN A 1119 -1.15 61.41 23.61
N PHE A 1120 -1.68 60.31 23.05
CA PHE A 1120 -3.09 60.18 22.73
C PHE A 1120 -3.94 59.71 23.89
N GLN A 1121 -3.41 59.75 25.12
CA GLN A 1121 -4.28 59.72 26.28
C GLN A 1121 -4.80 61.10 26.60
N ALA A 1122 -4.53 62.09 25.74
CA ALA A 1122 -5.02 63.44 25.99
C ALA A 1122 -6.13 63.83 25.02
N SER A 1123 -5.92 63.64 23.72
CA SER A 1123 -6.91 63.98 22.71
C SER A 1123 -6.96 62.88 21.66
N ILE A 1124 -7.81 61.88 21.89
CA ILE A 1124 -8.14 60.87 20.90
C ILE A 1124 -9.30 61.42 20.09
N PRO A 1125 -9.23 61.41 18.75
CA PRO A 1125 -10.19 62.21 17.97
C PRO A 1125 -11.62 61.71 17.99
N SER A 1126 -11.86 60.46 18.35
CA SER A 1126 -13.23 59.96 18.36
C SER A 1126 -13.26 58.51 18.81
N PHE A 1127 -14.48 58.00 18.97
CA PHE A 1127 -14.64 56.63 19.46
C PHE A 1127 -14.27 55.63 18.39
N GLN A 1128 -14.54 55.97 17.12
CA GLN A 1128 -14.02 55.17 16.02
C GLN A 1128 -12.52 55.02 16.13
N CYS A 1129 -11.83 56.09 16.53
CA CYS A 1129 -10.41 55.97 16.87
C CYS A 1129 -10.23 55.38 18.26
N ALA A 1130 -11.29 55.37 19.07
CA ALA A 1130 -11.19 54.75 20.38
C ALA A 1130 -10.92 53.26 20.26
N PHE A 1131 -11.72 52.55 19.47
CA PHE A 1131 -11.53 51.12 19.30
C PHE A 1131 -10.17 50.83 18.68
N ILE A 1132 -9.65 51.78 17.92
CA ILE A 1132 -8.33 51.63 17.30
C ILE A 1132 -7.22 51.74 18.34
N LEU A 1133 -7.26 52.79 19.17
CA LEU A 1133 -6.26 52.94 20.22
C LEU A 1133 -6.28 51.73 21.14
N THR A 1134 -7.46 51.17 21.37
CA THR A 1134 -7.60 49.96 22.17
C THR A 1134 -6.95 48.76 21.51
N GLN A 1135 -7.28 48.50 20.24
CA GLN A 1135 -6.72 47.32 19.57
C GLN A 1135 -5.21 47.43 19.41
N VAL A 1136 -4.72 48.65 19.19
CA VAL A 1136 -3.29 48.84 18.97
C VAL A 1136 -2.52 48.73 20.27
N LEU A 1137 -3.15 49.11 21.39
CA LEU A 1137 -2.56 48.76 22.67
C LEU A 1137 -2.58 47.25 22.88
N MET A 1138 -3.69 46.61 22.48
CA MET A 1138 -3.93 45.23 22.87
C MET A 1138 -3.05 44.27 22.08
N ALA A 1139 -2.65 44.64 20.87
CA ALA A 1139 -1.89 43.71 20.04
C ALA A 1139 -0.48 43.48 20.59
N ILE A 1140 0.30 44.55 20.73
CA ILE A 1140 1.71 44.47 21.11
C ILE A 1140 1.95 44.96 22.54
N SER A 1141 1.25 46.02 22.97
CA SER A 1141 1.37 46.46 24.35
C SER A 1141 0.64 45.51 25.29
N GLU A 1142 -0.25 44.68 24.74
CA GLU A 1142 -1.05 43.79 25.57
C GLU A 1142 -0.57 42.34 25.49
N LYS A 1143 0.75 42.12 25.45
CA LYS A 1143 1.26 40.76 25.58
C LYS A 1143 1.17 40.21 27.00
N PRO A 1144 1.83 40.78 28.00
CA PRO A 1144 1.69 40.26 29.35
C PRO A 1144 0.61 41.02 30.10
N MET A 1145 -0.17 40.28 30.89
CA MET A 1145 -1.31 40.83 31.66
C MET A 1145 -1.03 40.65 33.15
N THR A 1146 -0.31 41.61 33.72
CA THR A 1146 0.16 41.51 35.09
C THR A 1146 0.20 42.91 35.66
N GLY A 1147 0.95 43.04 36.76
CA GLY A 1147 1.13 44.28 37.50
C GLY A 1147 1.45 45.48 36.65
N TRP A 1148 0.57 46.48 36.69
CA TRP A 1148 0.59 47.71 35.93
C TRP A 1148 0.22 47.50 34.47
N LYS A 1149 0.05 46.25 34.04
CA LYS A 1149 -0.33 45.94 32.67
C LYS A 1149 -1.65 45.19 32.60
N ARG A 1150 -1.79 44.08 33.32
CA ARG A 1150 -3.12 43.54 33.52
C ARG A 1150 -3.93 44.51 34.37
N GLU A 1151 -3.33 45.00 35.44
CA GLU A 1151 -3.89 46.15 36.13
C GLU A 1151 -3.90 47.36 35.21
N LYS A 1152 -2.91 47.48 34.33
CA LYS A 1152 -3.01 48.46 33.27
C LYS A 1152 -4.19 48.16 32.37
N MET A 1153 -4.55 46.88 32.24
CA MET A 1153 -5.78 46.52 31.55
C MET A 1153 -6.99 47.05 32.30
N ALA A 1154 -6.90 47.05 33.63
CA ALA A 1154 -7.92 47.72 34.42
C ALA A 1154 -7.94 49.21 34.11
N SER A 1155 -6.77 49.82 33.99
CA SER A 1155 -6.70 51.24 33.69
C SER A 1155 -7.29 51.54 32.33
N LEU A 1156 -7.04 50.66 31.37
CA LEU A 1156 -7.50 50.88 30.01
C LEU A 1156 -9.01 50.68 29.89
N ALA A 1157 -9.55 49.61 30.48
CA ALA A 1157 -10.99 49.40 30.40
C ALA A 1157 -11.74 50.49 31.17
N LYS A 1158 -11.21 50.90 32.33
CA LYS A 1158 -11.87 51.94 33.10
C LYS A 1158 -11.72 53.30 32.44
N GLN A 1159 -10.67 53.50 31.65
CA GLN A 1159 -10.56 54.75 30.91
C GLN A 1159 -11.45 54.72 29.67
N PHE A 1160 -11.61 53.55 29.06
CA PHE A 1160 -12.50 53.43 27.92
C PHE A 1160 -13.94 53.64 28.34
N LEU A 1161 -14.32 53.11 29.50
CA LEU A 1161 -15.57 53.52 30.09
C LEU A 1161 -15.53 55.00 30.50
N CYS A 1162 -14.35 55.48 30.89
CA CYS A 1162 -14.25 56.84 31.42
C CYS A 1162 -14.22 57.87 30.30
N GLN A 1163 -13.95 57.44 29.08
CA GLN A 1163 -13.97 58.36 27.96
C GLN A 1163 -15.40 58.79 27.70
N SER A 1164 -15.71 60.05 28.05
CA SER A 1164 -17.07 60.54 28.02
C SER A 1164 -17.58 60.64 26.59
N TRP A 1165 -18.84 60.29 26.38
CA TRP A 1165 -19.35 60.01 25.04
C TRP A 1165 -19.41 61.25 24.16
N MET A 1166 -19.05 61.08 22.89
CA MET A 1166 -19.17 62.12 21.87
C MET A 1166 -19.66 61.46 20.58
N LYS A 1167 -20.97 61.58 20.33
CA LYS A 1167 -21.59 61.00 19.14
C LYS A 1167 -22.88 61.75 18.82
N PRO A 1168 -22.97 62.44 17.68
CA PRO A 1168 -24.26 62.96 17.23
C PRO A 1168 -25.19 61.83 16.80
N GLY A 1169 -26.46 62.15 16.64
CA GLY A 1169 -27.50 61.16 16.46
C GLY A 1169 -28.06 61.12 15.06
N GLY A 1170 -27.95 59.95 14.43
CA GLY A 1170 -28.46 59.71 13.10
C GLY A 1170 -28.96 58.29 12.88
N ASP A 1171 -28.48 57.64 11.83
CA ASP A 1171 -28.80 56.24 11.60
C ASP A 1171 -28.04 55.36 12.59
N ARG A 1172 -28.28 54.07 12.49
CA ARG A 1172 -27.71 53.10 13.42
C ARG A 1172 -26.43 52.47 12.91
N GLU A 1173 -25.63 53.20 12.13
CA GLU A 1173 -24.39 52.65 11.59
C GLU A 1173 -23.38 52.37 12.69
N LYS A 1174 -23.15 53.34 13.56
CA LYS A 1174 -22.17 53.17 14.64
C LYS A 1174 -22.64 52.17 15.68
N GLY A 1175 -23.90 51.75 15.62
CA GLY A 1175 -24.37 50.69 16.51
C GLY A 1175 -24.12 49.30 15.96
N SER A 1176 -23.31 49.19 14.90
CA SER A 1176 -22.91 47.88 14.39
C SER A 1176 -21.57 47.43 14.99
N HIS A 1177 -20.68 48.38 15.28
CA HIS A 1177 -19.41 48.03 15.89
C HIS A 1177 -19.20 48.76 17.21
N PHE A 1178 -20.02 49.79 17.47
CA PHE A 1178 -19.86 50.58 18.68
C PHE A 1178 -20.38 49.86 19.91
N ASN A 1179 -20.84 48.62 19.73
CA ASN A 1179 -21.09 47.73 20.86
C ASN A 1179 -20.25 46.46 20.73
N SER A 1180 -19.90 46.08 19.50
CA SER A 1180 -18.90 45.03 19.32
C SER A 1180 -17.56 45.49 19.86
N ALA A 1181 -17.20 46.75 19.62
CA ALA A 1181 -16.02 47.31 20.25
C ALA A 1181 -16.22 47.50 21.74
N LEU A 1182 -17.45 47.80 22.17
CA LEU A 1182 -17.71 48.00 23.59
C LEU A 1182 -17.54 46.70 24.35
N HIS A 1183 -17.85 45.58 23.69
CA HIS A 1183 -17.64 44.27 24.30
C HIS A 1183 -16.18 44.03 24.55
N THR A 1184 -15.33 44.39 23.59
CA THR A 1184 -13.90 44.28 23.78
C THR A 1184 -13.41 45.22 24.86
N LEU A 1185 -13.99 46.42 24.97
CA LEU A 1185 -13.49 47.42 25.91
C LEU A 1185 -13.80 47.03 27.36
N LEU A 1186 -15.07 46.76 27.64
CA LEU A 1186 -15.46 46.27 28.97
C LEU A 1186 -14.79 44.93 29.26
N CYS A 1187 -14.71 44.05 28.25
CA CYS A 1187 -14.04 42.78 28.42
C CYS A 1187 -12.54 42.94 28.46
N VAL A 1188 -12.02 44.14 28.19
CA VAL A 1188 -10.59 44.38 28.32
C VAL A 1188 -10.25 44.86 29.72
N TYR A 1189 -11.10 45.74 30.26
CA TYR A 1189 -11.02 46.06 31.68
C TYR A 1189 -11.23 44.82 32.53
N LEU A 1190 -11.99 43.86 32.01
CA LEU A 1190 -12.08 42.54 32.64
C LEU A 1190 -11.26 41.50 31.87
N GLU A 1191 -10.36 41.94 31.02
CA GLU A 1191 -9.43 41.01 30.39
C GLU A 1191 -8.09 41.05 31.09
N HIS A 1192 -7.59 42.26 31.37
CA HIS A 1192 -6.45 42.36 32.28
C HIS A 1192 -6.78 41.73 33.61
N THR A 1193 -7.96 42.02 34.12
CA THR A 1193 -8.48 41.29 35.26
C THR A 1193 -9.28 40.09 34.77
N ASP A 1194 -10.07 39.50 35.67
CA ASP A 1194 -11.00 38.43 35.37
C ASP A 1194 -12.39 38.98 35.05
N ASN A 1195 -13.36 38.07 34.91
CA ASN A 1195 -14.73 38.49 34.67
C ASN A 1195 -15.23 39.32 35.84
N ILE A 1196 -15.76 40.50 35.55
CA ILE A 1196 -16.05 41.49 36.58
C ILE A 1196 -17.43 41.28 37.17
N LEU A 1197 -17.53 40.30 38.06
CA LEU A 1197 -18.77 40.10 38.80
C LEU A 1197 -18.87 41.11 39.94
N LYS A 1198 -17.90 42.02 40.04
CA LYS A 1198 -18.02 43.11 41.00
C LYS A 1198 -18.55 44.37 40.32
N ALA A 1199 -17.91 44.78 39.23
CA ALA A 1199 -18.32 46.01 38.57
C ALA A 1199 -19.54 45.79 37.70
N ILE A 1200 -19.82 44.53 37.36
CA ILE A 1200 -20.92 44.25 36.45
C ILE A 1200 -22.26 44.56 37.08
N GLU A 1201 -22.30 44.56 38.43
CA GLU A 1201 -23.54 44.89 39.13
C GLU A 1201 -23.94 46.34 38.89
N GLU A 1202 -23.04 47.28 39.14
CA GLU A 1202 -23.35 48.67 38.86
C GLU A 1202 -23.40 48.94 37.36
N ILE A 1203 -22.73 48.09 36.56
CA ILE A 1203 -22.76 48.27 35.10
C ILE A 1203 -24.14 47.93 34.56
N SER A 1204 -24.76 46.89 35.10
CA SER A 1204 -26.17 46.66 34.81
C SER A 1204 -27.03 47.73 35.45
N SER A 1205 -26.63 48.20 36.64
CA SER A 1205 -27.27 49.36 37.22
C SER A 1205 -26.99 50.59 36.37
N VAL A 1206 -25.89 50.55 35.61
CA VAL A 1206 -25.66 51.57 34.59
C VAL A 1206 -26.71 51.45 33.49
N GLY A 1207 -27.26 50.25 33.30
CA GLY A 1207 -28.42 50.15 32.44
C GLY A 1207 -29.65 50.76 33.09
N VAL A 1208 -29.69 50.75 34.43
CA VAL A 1208 -30.79 51.43 35.13
C VAL A 1208 -30.74 52.94 34.96
N PRO A 1209 -29.57 53.58 34.84
CA PRO A 1209 -29.57 54.95 34.32
C PRO A 1209 -29.54 54.98 32.81
N GLU A 1210 -29.19 53.86 32.16
CA GLU A 1210 -28.98 53.85 30.71
C GLU A 1210 -30.29 54.00 29.94
N LEU A 1211 -31.42 53.67 30.58
CA LEU A 1211 -32.71 54.03 30.04
C LEU A 1211 -33.23 55.31 30.70
N ILE A 1212 -32.33 56.11 31.26
CA ILE A 1212 -32.74 57.38 31.84
C ILE A 1212 -33.25 58.32 30.76
N ASN A 1213 -32.52 58.44 29.66
CA ASN A 1213 -32.88 59.36 28.58
C ASN A 1213 -32.01 59.06 27.37
N SER A 1214 -32.02 60.01 26.42
CA SER A 1214 -31.01 60.00 25.36
C SER A 1214 -29.69 60.42 26.00
N ALA A 1215 -29.02 59.43 26.59
CA ALA A 1215 -27.80 59.66 27.37
C ALA A 1215 -27.12 58.32 27.60
N LYS A 1216 -25.82 58.37 27.86
CA LYS A 1216 -24.97 57.19 27.87
C LYS A 1216 -25.15 56.42 29.18
N ASP A 1217 -24.21 55.51 29.44
CA ASP A 1217 -24.23 54.71 30.66
C ASP A 1217 -24.24 55.62 31.88
N GLY A 1218 -25.37 55.63 32.58
CA GLY A 1218 -25.64 56.65 33.56
C GLY A 1218 -26.36 56.18 34.82
N CYS A 1219 -26.15 54.94 35.22
CA CYS A 1219 -26.54 54.50 36.56
C CYS A 1219 -25.44 54.92 37.53
N SER A 1220 -25.33 56.24 37.70
CA SER A 1220 -24.28 56.97 38.41
C SER A 1220 -23.00 57.27 37.62
N SER A 1221 -22.93 56.94 36.32
CA SER A 1221 -21.71 57.17 35.55
C SER A 1221 -21.78 58.40 34.65
N THR A 1222 -22.69 58.41 33.68
CA THR A 1222 -22.88 59.55 32.78
C THR A 1222 -21.64 59.81 31.92
N TYR A 1223 -21.32 58.85 31.05
CA TYR A 1223 -20.16 58.94 30.18
C TYR A 1223 -20.26 57.87 29.11
N PRO A 1224 -19.26 57.76 28.24
CA PRO A 1224 -19.26 56.69 27.24
C PRO A 1224 -19.07 55.32 27.88
N THR A 1225 -18.98 54.31 27.02
CA THR A 1225 -19.11 52.92 27.47
C THR A 1225 -20.58 52.55 27.57
N LEU A 1226 -21.44 53.47 27.15
CA LEU A 1226 -22.89 53.27 27.10
C LEU A 1226 -23.46 54.28 26.10
N SER A 1227 -24.73 54.11 25.77
CA SER A 1227 -25.36 54.96 24.77
C SER A 1227 -26.86 54.68 24.74
N ARG A 1228 -27.54 55.33 23.78
CA ARG A 1228 -28.99 55.19 23.68
C ARG A 1228 -29.39 53.76 23.40
N GLN A 1229 -28.91 53.19 22.30
CA GLN A 1229 -29.14 51.78 21.99
C GLN A 1229 -28.00 50.89 22.45
N THR A 1230 -26.85 51.47 22.76
CA THR A 1230 -25.66 50.65 23.03
C THR A 1230 -25.67 50.11 24.45
N PHE A 1231 -26.39 50.78 25.35
CA PHE A 1231 -26.61 50.23 26.67
C PHE A 1231 -27.30 48.87 26.62
N PRO A 1232 -28.27 48.61 25.72
CA PRO A 1232 -28.95 47.30 25.73
C PRO A 1232 -28.04 46.13 25.38
N VAL A 1233 -27.39 46.18 24.21
CA VAL A 1233 -26.48 45.10 23.83
C VAL A 1233 -25.27 45.06 24.75
N PHE A 1234 -24.81 46.22 25.23
CA PHE A 1234 -23.61 46.26 26.06
C PHE A 1234 -23.85 45.63 27.43
N PHE A 1235 -24.96 45.99 28.08
CA PHE A 1235 -25.34 45.32 29.31
C PHE A 1235 -25.61 43.84 29.07
N ARG A 1236 -26.11 43.48 27.88
CA ARG A 1236 -26.32 42.06 27.57
C ARG A 1236 -24.99 41.30 27.50
N VAL A 1237 -23.97 41.92 26.91
CA VAL A 1237 -22.67 41.27 26.83
C VAL A 1237 -22.00 41.23 28.20
N MET A 1238 -22.23 42.25 29.03
CA MET A 1238 -21.68 42.24 30.38
C MET A 1238 -22.32 41.15 31.23
N MET A 1239 -23.64 40.97 31.06
CA MET A 1239 -24.31 39.83 31.66
C MET A 1239 -23.77 38.53 31.10
N ALA A 1240 -23.35 38.54 29.84
CA ALA A 1240 -22.71 37.36 29.26
C ALA A 1240 -21.38 37.05 29.95
N GLN A 1241 -20.51 38.06 30.07
CA GLN A 1241 -19.17 37.84 30.60
C GLN A 1241 -19.19 37.53 32.10
N LEU A 1242 -20.27 37.88 32.78
CA LEU A 1242 -20.41 37.48 34.17
C LEU A 1242 -21.12 36.13 34.35
N GLU A 1243 -22.22 35.88 33.61
CA GLU A 1243 -23.07 34.73 33.90
C GLU A 1243 -22.80 33.57 32.95
N SER A 1244 -21.78 33.69 32.10
CA SER A 1244 -21.28 32.52 31.39
C SER A 1244 -20.20 31.83 32.21
N SER A 1245 -19.72 32.50 33.26
CA SER A 1245 -18.70 31.91 34.12
C SER A 1245 -19.21 31.69 35.54
N VAL A 1246 -19.99 32.62 36.06
CA VAL A 1246 -20.39 32.54 37.46
C VAL A 1246 -21.46 31.47 37.67
N LYS A 1247 -21.98 30.91 36.59
CA LYS A 1247 -23.05 29.92 36.68
C LYS A 1247 -22.57 28.61 37.29
N MET B 1 12.55 40.58 -57.58
CA MET B 1 11.42 41.49 -57.50
C MET B 1 11.45 42.32 -56.22
N ALA B 2 12.66 42.47 -55.68
CA ALA B 2 12.82 43.11 -54.38
C ALA B 2 12.38 44.56 -54.42
N GLN B 3 12.60 45.23 -55.55
CA GLN B 3 12.15 46.60 -55.67
C GLN B 3 10.66 46.67 -56.00
N ARG B 4 10.02 45.52 -56.24
CA ARG B 4 8.73 45.54 -56.93
C ARG B 4 7.57 45.93 -56.02
N ILE B 5 7.26 45.10 -55.03
CA ILE B 5 6.20 45.47 -54.10
C ILE B 5 6.62 46.69 -53.30
N LEU B 6 7.92 46.79 -52.99
CA LEU B 6 8.41 47.87 -52.13
C LEU B 6 8.74 49.12 -52.94
N GLN B 7 8.36 49.15 -54.21
CA GLN B 7 8.38 50.41 -54.93
C GLN B 7 6.97 50.77 -55.41
N LEU B 8 6.14 49.76 -55.68
CA LEU B 8 4.75 50.07 -55.94
C LEU B 8 4.09 50.53 -54.66
N ALA B 9 3.93 49.62 -53.70
CA ALA B 9 3.37 49.98 -52.40
C ALA B 9 4.42 50.34 -51.35
N ALA B 10 5.69 50.51 -51.75
CA ALA B 10 6.71 50.94 -50.80
C ALA B 10 6.40 52.33 -50.25
N GLU B 11 6.36 53.33 -51.10
CA GLU B 11 5.98 54.68 -50.70
C GLU B 11 4.74 55.08 -51.48
N GLY B 12 3.60 55.12 -50.80
CA GLY B 12 2.39 55.64 -51.41
C GLY B 12 1.16 54.80 -51.13
N SER B 13 0.10 55.50 -50.71
CA SER B 13 -1.18 54.89 -50.30
C SER B 13 -2.20 54.60 -51.39
N PRO B 14 -2.56 55.57 -52.24
CA PRO B 14 -3.81 55.41 -53.03
C PRO B 14 -3.64 54.82 -54.42
N GLU B 15 -2.47 54.97 -55.04
CA GLU B 15 -2.27 54.48 -56.39
C GLU B 15 -0.88 53.88 -56.60
N ARG B 16 -0.14 53.68 -55.51
CA ARG B 16 1.24 53.23 -55.67
C ARG B 16 1.31 51.74 -55.99
N LEU B 17 0.79 50.90 -55.10
CA LEU B 17 0.90 49.47 -55.29
C LEU B 17 -0.04 48.97 -56.39
N GLN B 18 -1.29 49.44 -56.37
CA GLN B 18 -2.25 49.07 -57.39
C GLN B 18 -1.71 49.37 -58.79
N GLU B 19 -1.05 50.52 -58.95
CA GLU B 19 -0.48 50.87 -60.25
C GLU B 19 0.77 50.05 -60.54
N ALA B 20 1.75 50.08 -59.65
CA ALA B 20 3.06 49.48 -59.92
C ALA B 20 2.98 47.97 -60.00
N LEU B 21 1.83 47.38 -59.67
CA LEU B 21 1.54 45.98 -59.98
C LEU B 21 0.08 45.73 -60.35
N GLN B 22 -0.53 46.57 -61.18
CA GLN B 22 -1.87 46.24 -61.67
C GLN B 22 -1.84 45.03 -62.57
N GLY B 23 -0.69 44.75 -63.18
CA GLY B 23 -0.50 43.63 -64.07
C GLY B 23 0.87 42.97 -63.99
N LEU B 24 1.47 42.90 -62.80
CA LEU B 24 2.85 42.45 -62.66
C LEU B 24 3.10 41.07 -63.27
N THR B 25 2.04 40.26 -63.42
CA THR B 25 1.89 39.17 -64.37
C THR B 25 2.94 38.05 -64.39
N GLU B 26 3.41 37.56 -63.25
CA GLU B 26 4.26 36.38 -63.29
C GLU B 26 3.43 35.11 -63.19
N GLY B 27 2.16 35.18 -63.57
CA GLY B 27 1.17 34.21 -63.17
C GLY B 27 0.15 34.85 -62.26
N GLU B 28 0.28 34.54 -60.97
CA GLU B 28 -0.20 35.43 -59.92
C GLU B 28 0.91 35.70 -58.91
N LEU B 29 2.01 34.95 -59.05
CA LEU B 29 2.97 34.66 -58.00
C LEU B 29 4.40 34.87 -58.44
N GLY B 30 4.75 36.08 -58.85
CA GLY B 30 6.05 36.28 -59.46
C GLY B 30 7.21 36.00 -58.54
N ASP B 31 7.41 36.84 -57.54
CA ASP B 31 8.73 36.92 -56.91
C ASP B 31 9.02 35.73 -56.01
N MET B 32 8.06 35.32 -55.15
CA MET B 32 8.29 34.26 -54.17
C MET B 32 8.62 32.93 -54.85
N VAL B 33 8.15 32.77 -56.09
CA VAL B 33 8.70 31.80 -57.02
C VAL B 33 9.35 32.47 -58.22
N THR B 34 9.85 33.69 -58.08
CA THR B 34 10.87 34.19 -58.97
C THR B 34 12.20 34.26 -58.26
N ARG B 35 12.17 34.40 -56.94
CA ARG B 35 13.35 34.25 -56.10
C ARG B 35 13.02 33.25 -55.01
N GLN B 36 13.18 31.96 -55.32
CA GLN B 36 12.85 30.92 -54.35
C GLN B 36 13.75 31.03 -53.12
N ALA B 37 15.04 31.13 -53.34
CA ALA B 37 15.99 31.43 -52.27
C ALA B 37 16.02 32.95 -52.17
N LEU B 38 14.93 33.52 -51.66
CA LEU B 38 14.72 34.96 -51.69
C LEU B 38 15.57 35.65 -50.63
N ARG B 39 15.23 36.90 -50.36
CA ARG B 39 16.04 37.73 -49.49
C ARG B 39 15.59 37.63 -48.05
N GLY B 40 16.02 36.57 -47.37
CA GLY B 40 15.84 36.45 -45.94
C GLY B 40 14.38 36.49 -45.57
N ARG B 41 13.97 37.62 -45.01
CA ARG B 41 12.58 37.87 -44.64
C ARG B 41 11.78 38.37 -45.82
N GLU B 42 12.25 38.12 -47.02
CA GLU B 42 11.48 38.46 -48.19
C GLU B 42 10.18 37.69 -48.22
N THR B 43 10.10 36.51 -47.56
CA THR B 43 8.88 35.71 -47.58
C THR B 43 7.69 36.52 -47.10
N ALA B 44 7.88 37.24 -46.02
CA ALA B 44 6.82 38.10 -45.50
C ALA B 44 6.90 39.50 -46.07
N ALA B 45 8.08 39.90 -46.54
CA ALA B 45 8.18 41.14 -47.28
C ALA B 45 7.25 41.12 -48.49
N LEU B 46 7.52 40.21 -49.42
CA LEU B 46 6.62 40.01 -50.55
C LEU B 46 5.23 39.58 -50.11
N LEU B 47 5.11 38.87 -48.96
CA LEU B 47 3.80 38.40 -48.50
C LEU B 47 2.90 39.57 -48.18
N LYS B 48 3.42 40.56 -47.46
CA LYS B 48 2.73 41.83 -47.35
C LYS B 48 2.79 42.59 -48.65
N GLY B 49 3.73 42.22 -49.53
CA GLY B 49 3.77 42.81 -50.85
C GLY B 49 2.45 42.60 -51.59
N ILE B 50 2.17 41.35 -51.92
CA ILE B 50 0.86 40.98 -52.45
C ILE B 50 -0.24 41.47 -51.51
N PHE B 51 0.04 41.45 -50.20
CA PHE B 51 -0.95 41.88 -49.21
C PHE B 51 -1.31 43.34 -49.40
N LYS B 52 -0.45 44.09 -50.07
CA LYS B 52 -0.83 45.45 -50.47
C LYS B 52 -2.03 45.43 -51.41
N GLY B 53 -2.21 44.34 -52.17
CA GLY B 53 -3.38 44.26 -53.02
C GLY B 53 -4.65 44.21 -52.23
N SER B 54 -4.76 43.23 -51.35
CA SER B 54 -6.00 43.00 -50.61
C SER B 54 -5.69 42.07 -49.45
N PRO B 55 -6.70 41.76 -48.63
CA PRO B 55 -6.47 41.00 -47.41
C PRO B 55 -6.18 39.54 -47.71
N CYS B 56 -6.20 38.75 -46.63
CA CYS B 56 -6.01 37.30 -46.73
C CYS B 56 -7.33 36.59 -46.98
N SER B 57 -7.29 35.49 -47.73
CA SER B 57 -8.53 34.75 -48.10
C SER B 57 -9.49 35.65 -48.88
N GLN B 58 -9.08 36.88 -49.21
CA GLN B 58 -9.98 37.87 -49.89
C GLN B 58 -10.32 37.47 -51.34
N GLN B 59 -11.57 37.69 -51.76
CA GLN B 59 -12.04 37.36 -53.14
C GLN B 59 -11.33 38.22 -54.19
N SER B 60 -11.04 39.48 -53.87
CA SER B 60 -10.46 40.42 -54.87
C SER B 60 -9.15 39.87 -55.41
N GLY B 61 -8.36 39.19 -54.58
CA GLY B 61 -7.15 38.55 -55.13
C GLY B 61 -7.54 37.23 -55.75
N VAL B 62 -8.32 37.29 -56.84
CA VAL B 62 -8.74 36.05 -57.57
C VAL B 62 -7.49 35.37 -58.11
N LEU B 63 -6.53 36.17 -58.60
CA LEU B 63 -5.24 35.60 -59.07
C LEU B 63 -4.14 35.94 -58.07
N ARG B 64 -4.23 37.09 -57.41
CA ARG B 64 -3.18 37.50 -56.48
C ARG B 64 -3.18 36.66 -55.21
N ARG B 65 -4.22 36.78 -54.39
CA ARG B 65 -4.26 36.07 -53.12
C ARG B 65 -4.33 34.58 -53.36
N LEU B 66 -5.40 34.12 -54.02
CA LEU B 66 -5.62 32.70 -54.23
C LEU B 66 -4.48 32.04 -54.98
N GLN B 67 -3.61 32.83 -55.63
CA GLN B 67 -2.53 32.25 -56.39
C GLN B 67 -1.24 32.22 -55.59
N VAL B 68 -1.07 33.19 -54.68
CA VAL B 68 -0.15 32.96 -53.57
C VAL B 68 -0.53 31.67 -52.87
N TYR B 69 -1.84 31.43 -52.74
CA TYR B 69 -2.31 30.21 -52.10
C TYR B 69 -1.97 28.98 -52.93
N LYS B 70 -2.31 28.99 -54.22
CA LYS B 70 -2.06 27.86 -55.08
C LYS B 70 -0.58 27.55 -55.13
N HIS B 71 0.26 28.58 -55.13
CA HIS B 71 1.70 28.35 -55.14
C HIS B 71 2.17 27.69 -53.85
N CYS B 72 1.81 28.26 -52.70
CA CYS B 72 2.39 27.79 -51.46
C CYS B 72 1.84 26.43 -51.04
N VAL B 73 0.53 26.24 -51.13
CA VAL B 73 -0.11 25.05 -50.57
C VAL B 73 0.37 23.80 -51.29
N SER B 74 0.96 23.95 -52.47
CA SER B 74 1.41 22.81 -53.24
C SER B 74 2.92 22.73 -53.40
N LEU B 75 3.55 23.78 -53.94
CA LEU B 75 4.97 23.70 -54.27
C LEU B 75 5.81 23.63 -53.01
N VAL B 76 5.63 24.61 -52.13
CA VAL B 76 6.15 24.49 -50.79
C VAL B 76 5.23 23.62 -49.93
N GLU B 77 4.20 23.05 -50.52
CA GLU B 77 3.37 22.09 -49.81
C GLU B 77 4.01 20.71 -49.76
N SER B 78 4.83 20.38 -50.76
CA SER B 78 5.41 19.05 -50.82
C SER B 78 6.85 18.99 -51.26
N GLY B 79 7.39 20.06 -51.81
CA GLY B 79 8.63 19.96 -52.56
C GLY B 79 9.85 20.11 -51.69
N ASP B 80 10.56 21.22 -51.86
CA ASP B 80 11.62 21.66 -50.97
C ASP B 80 11.47 23.16 -50.74
N LEU B 81 11.62 23.57 -49.49
CA LEU B 81 11.71 24.98 -49.15
C LEU B 81 12.76 25.07 -48.05
N HIS B 82 12.75 26.19 -47.35
CA HIS B 82 13.34 26.23 -46.02
C HIS B 82 12.28 25.79 -44.98
N VAL B 83 12.65 24.79 -44.16
CA VAL B 83 11.74 24.30 -43.12
C VAL B 83 11.26 25.45 -42.28
N GLY B 84 12.15 26.40 -41.99
CA GLY B 84 11.75 27.63 -41.34
C GLY B 84 10.86 28.50 -42.21
N LYS B 85 11.15 28.59 -43.50
CA LYS B 85 10.23 29.29 -44.40
C LYS B 85 8.96 28.48 -44.55
N VAL B 86 9.07 27.15 -44.29
CA VAL B 86 7.92 26.25 -44.21
C VAL B 86 7.15 26.50 -42.93
N SER B 87 7.73 27.27 -42.01
CA SER B 87 6.95 27.84 -40.93
C SER B 87 6.43 29.23 -41.29
N GLU B 88 7.26 30.01 -41.97
CA GLU B 88 6.98 31.44 -42.12
C GLU B 88 5.83 31.68 -43.09
N ILE B 89 5.86 31.04 -44.27
CA ILE B 89 4.83 31.23 -45.29
C ILE B 89 3.48 30.86 -44.73
N ILE B 90 3.46 29.81 -43.92
CA ILE B 90 2.23 29.34 -43.27
C ILE B 90 1.86 30.24 -42.11
N GLY B 91 2.86 30.81 -41.44
CA GLY B 91 2.56 31.77 -40.42
C GLY B 91 1.77 32.92 -40.99
N LEU B 92 2.42 33.70 -41.86
CA LEU B 92 1.81 34.88 -42.46
C LEU B 92 0.50 34.52 -43.13
N LEU B 93 0.42 33.30 -43.69
CA LEU B 93 -0.82 32.84 -44.31
C LEU B 93 -1.91 32.70 -43.27
N MET B 94 -1.61 31.98 -42.19
CA MET B 94 -2.61 31.72 -41.18
C MET B 94 -3.08 33.03 -40.59
N LEU B 95 -2.15 33.96 -40.46
CA LEU B 95 -2.47 35.26 -39.91
C LEU B 95 -3.46 35.98 -40.79
N GLU B 96 -3.14 36.13 -42.07
CA GLU B 96 -4.06 36.82 -42.96
C GLU B 96 -5.37 36.07 -43.13
N ALA B 97 -5.38 34.77 -42.80
CA ALA B 97 -6.48 33.87 -43.17
C ALA B 97 -7.79 34.24 -42.49
N ARG B 98 -7.76 35.09 -41.47
CA ARG B 98 -8.99 35.36 -40.76
C ARG B 98 -9.91 36.28 -41.56
N GLN B 99 -9.37 36.94 -42.59
CA GLN B 99 -10.10 38.03 -43.23
C GLN B 99 -10.60 37.63 -44.62
N LEU B 100 -10.98 36.37 -44.82
CA LEU B 100 -11.23 35.84 -46.15
C LEU B 100 -12.57 36.33 -46.69
N PRO B 101 -12.83 36.17 -47.97
CA PRO B 101 -14.18 36.42 -48.48
C PRO B 101 -15.02 35.16 -48.44
N GLY B 102 -16.25 35.32 -47.96
CA GLY B 102 -17.14 34.23 -47.59
C GLY B 102 -17.45 33.20 -48.66
N HIS B 103 -16.99 33.46 -49.86
CA HIS B 103 -16.94 32.42 -50.87
C HIS B 103 -15.49 32.33 -51.32
N ALA B 104 -14.81 33.47 -51.40
CA ALA B 104 -13.54 33.54 -52.08
C ALA B 104 -12.46 32.75 -51.36
N LEU B 105 -12.76 32.26 -50.15
CA LEU B 105 -11.81 31.47 -49.39
C LEU B 105 -12.06 29.98 -49.54
N ALA B 106 -13.24 29.61 -49.99
CA ALA B 106 -13.54 28.21 -50.26
C ALA B 106 -12.67 27.84 -51.45
N GLU B 107 -11.48 27.33 -51.17
CA GLU B 107 -10.66 26.67 -52.18
C GLU B 107 -11.18 25.25 -52.35
N LEU B 108 -10.40 24.37 -52.98
CA LEU B 108 -10.73 22.95 -52.95
C LEU B 108 -10.48 22.59 -51.49
N ALA B 109 -11.54 22.79 -50.70
CA ALA B 109 -11.44 22.89 -49.26
C ALA B 109 -12.65 22.35 -48.49
N THR B 110 -13.31 21.30 -48.99
CA THR B 110 -14.32 20.55 -48.23
C THR B 110 -13.93 19.08 -48.26
N LEU B 111 -13.46 18.65 -49.40
CA LEU B 111 -12.71 17.43 -49.55
C LEU B 111 -11.49 17.67 -50.40
N PHE B 112 -10.93 18.87 -50.35
CA PHE B 112 -9.94 19.24 -51.34
C PHE B 112 -8.56 18.68 -51.04
N VAL B 113 -8.48 17.69 -50.16
CA VAL B 113 -7.40 16.75 -50.28
C VAL B 113 -7.47 16.12 -51.66
N GLU B 114 -8.69 15.85 -52.15
CA GLU B 114 -8.85 15.41 -53.53
C GLU B 114 -8.32 16.45 -54.50
N VAL B 115 -8.20 17.67 -54.01
CA VAL B 115 -7.53 18.70 -54.84
C VAL B 115 -6.03 18.44 -54.66
N ILE B 116 -5.55 18.31 -53.42
CA ILE B 116 -4.09 18.18 -53.20
C ILE B 116 -3.69 16.84 -52.57
N LYS B 117 -4.20 16.51 -51.37
CA LYS B 117 -3.74 15.31 -50.62
C LYS B 117 -3.99 13.98 -51.37
N ARG B 118 -5.11 13.83 -52.06
CA ARG B 118 -5.46 12.52 -52.67
C ARG B 118 -4.38 12.11 -53.68
N GLY B 119 -3.80 13.06 -54.41
CA GLY B 119 -2.69 12.69 -55.31
C GLY B 119 -1.37 13.33 -54.93
N SER B 120 -1.38 14.43 -54.17
CA SER B 120 -0.12 15.16 -53.85
C SER B 120 0.04 15.42 -52.35
N LEU B 121 0.84 14.58 -51.68
CA LEU B 121 1.03 14.70 -50.21
C LEU B 121 2.40 14.12 -49.87
N SER B 122 2.77 14.13 -48.59
CA SER B 122 4.07 13.54 -48.17
C SER B 122 4.81 14.54 -47.28
N ASN B 123 4.36 15.79 -47.25
CA ASN B 123 4.96 16.77 -46.30
C ASN B 123 3.85 17.18 -45.33
N GLY B 124 4.01 16.91 -44.04
CA GLY B 124 2.94 17.21 -43.08
C GLY B 124 2.65 18.69 -42.92
N LYS B 125 3.69 19.52 -42.85
CA LYS B 125 3.51 20.98 -42.57
C LYS B 125 2.21 21.51 -43.18
N SER B 126 1.98 21.26 -44.47
CA SER B 126 0.82 21.87 -45.16
C SER B 126 -0.52 21.52 -44.51
N LEU B 127 -0.60 20.40 -43.78
CA LEU B 127 -1.92 19.94 -43.27
C LEU B 127 -2.58 21.01 -42.40
N GLU B 128 -1.82 21.68 -41.55
CA GLU B 128 -2.44 22.62 -40.57
C GLU B 128 -3.26 23.71 -41.27
N LEU B 129 -2.91 24.10 -42.48
CA LEU B 129 -3.59 25.24 -43.09
C LEU B 129 -5.01 24.86 -43.40
N PHE B 130 -5.24 23.58 -43.62
CA PHE B 130 -6.59 23.07 -43.72
C PHE B 130 -7.32 23.28 -42.42
N SER B 131 -6.62 23.09 -41.30
CA SER B 131 -7.24 23.33 -40.03
C SER B 131 -7.59 24.79 -39.90
N THR B 132 -6.72 25.64 -40.44
CA THR B 132 -6.91 27.07 -40.35
C THR B 132 -8.12 27.51 -41.13
N VAL B 133 -8.19 27.10 -42.40
CA VAL B 133 -9.32 27.46 -43.24
C VAL B 133 -10.59 26.84 -42.70
N LEU B 134 -10.50 25.63 -42.15
CA LEU B 134 -11.66 24.96 -41.63
C LEU B 134 -12.20 25.70 -40.42
N THR B 135 -11.34 25.91 -39.43
CA THR B 135 -11.66 26.77 -38.30
C THR B 135 -12.20 28.11 -38.77
N ALA B 136 -11.75 28.58 -39.94
CA ALA B 136 -12.32 29.75 -40.57
C ALA B 136 -13.83 29.63 -40.65
N LEU B 137 -14.33 28.48 -41.01
CA LEU B 137 -15.74 28.21 -40.75
C LEU B 137 -15.81 27.82 -39.28
N PHE B 156 -20.93 18.75 -43.49
CA PHE B 156 -20.60 19.99 -44.22
C PHE B 156 -19.86 19.61 -45.50
N LYS B 157 -18.67 20.18 -45.70
CA LYS B 157 -17.90 19.94 -46.95
C LYS B 157 -17.25 18.55 -46.94
N LYS B 158 -17.28 17.83 -45.82
CA LYS B 158 -16.52 16.56 -45.73
C LYS B 158 -17.26 15.42 -46.44
N GLN B 159 -17.39 15.50 -47.76
CA GLN B 159 -17.99 14.38 -48.55
C GLN B 159 -16.81 13.59 -49.10
N LEU B 160 -15.78 14.28 -49.58
CA LEU B 160 -14.53 13.58 -50.00
C LEU B 160 -14.02 12.79 -48.79
N ILE B 161 -14.25 13.30 -47.59
CA ILE B 161 -13.87 12.55 -46.36
C ILE B 161 -14.63 11.23 -46.36
N ASN B 162 -15.89 11.22 -46.84
CA ASN B 162 -16.70 9.97 -46.89
C ASN B 162 -16.06 8.92 -47.81
N THR B 163 -15.56 9.30 -48.98
CA THR B 163 -14.92 8.36 -49.94
C THR B 163 -13.49 8.13 -49.50
N LEU B 164 -12.89 9.11 -48.82
CA LEU B 164 -11.58 8.96 -48.28
C LEU B 164 -11.39 9.70 -46.94
N CYS B 165 -11.56 8.96 -45.84
CA CYS B 165 -10.85 9.34 -44.62
C CYS B 165 -9.35 9.16 -44.85
N SER B 166 -8.97 8.19 -45.66
CA SER B 166 -7.61 8.09 -46.19
C SER B 166 -7.60 7.50 -47.58
N SER B 167 -8.50 7.94 -48.46
CA SER B 167 -8.91 7.15 -49.64
C SER B 167 -7.77 6.85 -50.58
N LYS B 168 -6.61 7.42 -50.32
CA LYS B 168 -5.35 6.93 -50.84
C LYS B 168 -4.25 7.04 -49.81
N TRP B 169 -4.57 7.00 -48.52
CA TRP B 169 -3.56 7.17 -47.51
C TRP B 169 -2.67 5.92 -47.51
N ASP B 170 -1.71 5.95 -48.41
CA ASP B 170 -0.83 4.80 -48.44
C ASP B 170 0.10 4.83 -47.24
N PRO B 171 1.07 5.71 -47.21
CA PRO B 171 1.91 5.83 -46.01
C PRO B 171 1.56 7.03 -45.16
N GLN B 172 0.72 7.92 -45.68
CA GLN B 172 0.54 9.23 -45.08
C GLN B 172 -0.91 9.53 -44.71
N CYS B 173 -1.74 8.51 -44.63
CA CYS B 173 -3.07 8.65 -44.05
C CYS B 173 -3.11 8.14 -42.63
N VAL B 174 -1.94 7.98 -42.00
CA VAL B 174 -1.89 7.53 -40.62
C VAL B 174 -1.47 8.63 -39.65
N ILE B 175 -0.22 9.09 -39.74
CA ILE B 175 0.17 10.17 -38.85
C ILE B 175 -0.46 11.48 -39.30
N HIS B 176 -0.05 11.96 -40.49
CA HIS B 176 -0.28 13.33 -40.91
C HIS B 176 -1.76 13.67 -40.86
N LEU B 177 -2.62 12.78 -41.28
CA LEU B 177 -4.04 13.11 -41.29
C LEU B 177 -4.59 13.15 -39.88
N ALA B 178 -4.10 12.28 -39.00
CA ALA B 178 -4.61 12.29 -37.64
C ALA B 178 -4.15 13.54 -36.88
N ASN B 179 -2.83 13.77 -36.86
CA ASN B 179 -2.22 14.79 -36.00
C ASN B 179 -2.75 16.19 -36.29
N MET B 180 -3.55 16.36 -37.35
CA MET B 180 -4.42 17.51 -37.62
C MET B 180 -5.90 17.18 -37.46
N PHE B 181 -6.27 15.90 -37.56
CA PHE B 181 -7.62 15.49 -37.22
C PHE B 181 -7.92 15.81 -35.77
N ARG B 182 -6.87 16.03 -34.99
CA ARG B 182 -7.07 16.57 -33.67
C ARG B 182 -7.87 17.86 -33.74
N ASP B 183 -7.29 18.91 -34.36
CA ASP B 183 -7.85 20.26 -34.23
C ASP B 183 -9.12 20.43 -35.07
N ILE B 184 -9.18 19.77 -36.22
CA ILE B 184 -10.39 19.88 -37.05
C ILE B 184 -10.87 18.52 -37.53
N PRO B 185 -11.03 17.48 -36.62
CA PRO B 185 -11.62 16.17 -37.00
C PRO B 185 -13.06 15.84 -36.62
N LEU B 186 -13.61 14.80 -37.27
CA LEU B 186 -14.98 14.31 -36.93
C LEU B 186 -14.87 12.79 -36.71
N SER B 187 -15.33 12.28 -35.57
CA SER B 187 -15.11 10.84 -35.25
C SER B 187 -16.24 9.93 -35.73
N GLY B 188 -17.33 10.49 -36.24
CA GLY B 188 -18.46 9.60 -36.58
C GLY B 188 -18.02 8.59 -37.61
N GLU B 189 -17.27 9.02 -38.62
CA GLU B 189 -16.73 8.07 -39.62
C GLU B 189 -15.21 8.22 -39.63
N GLU B 190 -14.68 9.10 -38.78
CA GLU B 190 -13.24 9.37 -38.79
C GLU B 190 -12.52 8.40 -37.88
N LEU B 191 -13.15 8.10 -36.75
CA LEU B 191 -12.74 6.95 -35.95
C LEU B 191 -12.87 5.67 -36.74
N GLN B 192 -14.08 5.40 -37.25
CA GLN B 192 -14.31 4.15 -37.96
C GLN B 192 -13.40 4.03 -39.17
N PHE B 193 -13.18 5.14 -39.87
CA PHE B 193 -12.35 5.11 -41.06
C PHE B 193 -10.90 4.86 -40.71
N VAL B 194 -10.44 5.44 -39.60
CA VAL B 194 -9.13 5.09 -39.09
C VAL B 194 -9.06 3.60 -38.84
N VAL B 195 -10.12 3.04 -38.27
CA VAL B 195 -10.14 1.63 -37.91
C VAL B 195 -10.01 0.77 -39.14
N GLU B 196 -10.92 0.97 -40.09
CA GLU B 196 -10.93 0.19 -41.32
C GLU B 196 -9.62 0.30 -42.05
N LYS B 197 -8.99 1.46 -41.94
CA LYS B 197 -7.69 1.60 -42.57
C LYS B 197 -6.64 0.83 -41.81
N VAL B 198 -6.90 0.54 -40.54
CA VAL B 198 -5.83 0.03 -39.68
C VAL B 198 -5.31 -1.30 -40.18
N LEU B 199 -6.14 -2.03 -40.94
CA LEU B 199 -6.02 -3.48 -41.00
C LEU B 199 -4.81 -3.96 -41.80
N ARG B 200 -4.76 -3.62 -43.07
CA ARG B 200 -3.60 -3.98 -43.88
C ARG B 200 -3.01 -2.77 -44.56
N MET B 201 -3.79 -1.73 -44.73
CA MET B 201 -3.15 -0.47 -45.00
C MET B 201 -2.43 -0.01 -43.75
N PHE B 202 -3.16 0.47 -42.74
CA PHE B 202 -2.52 1.03 -41.52
C PHE B 202 -1.56 -0.01 -40.96
N SER B 203 -1.91 -1.30 -41.12
CA SER B 203 -1.09 -2.40 -40.56
C SER B 203 0.24 -2.50 -41.32
N LYS B 204 0.35 -1.80 -42.45
CA LYS B 204 1.57 -1.92 -43.28
C LYS B 204 2.77 -1.51 -42.43
N LEU B 205 2.63 -0.48 -41.60
CA LEU B 205 3.76 -0.13 -40.70
C LEU B 205 4.02 -1.32 -39.78
N ASP B 206 5.29 -1.72 -39.65
CA ASP B 206 5.62 -2.82 -38.69
C ASP B 206 6.11 -2.16 -37.40
N LEU B 207 5.32 -2.24 -36.34
CA LEU B 207 5.71 -1.59 -35.06
C LEU B 207 5.14 -0.17 -35.06
N GLN B 208 4.69 0.33 -36.22
CA GLN B 208 4.03 1.66 -36.26
C GLN B 208 2.53 1.38 -36.39
N GLU B 209 2.16 0.09 -36.48
CA GLU B 209 0.74 -0.29 -36.73
C GLU B 209 -0.14 0.14 -35.56
N ILE B 210 0.36 -0.01 -34.34
CA ILE B 210 -0.52 0.29 -33.18
C ILE B 210 0.14 1.29 -32.25
N PRO B 211 1.46 1.54 -32.34
CA PRO B 211 1.99 2.52 -31.39
C PRO B 211 1.57 3.93 -31.73
N PRO B 212 2.05 4.47 -32.84
CA PRO B 212 1.81 5.89 -33.09
C PRO B 212 0.36 6.18 -33.36
N LEU B 213 -0.24 5.46 -34.30
CA LEU B 213 -1.65 5.63 -34.57
C LEU B 213 -2.50 5.36 -33.35
N VAL B 214 -2.02 4.49 -32.46
CA VAL B 214 -2.80 4.17 -31.27
C VAL B 214 -2.81 5.35 -30.35
N TYR B 215 -1.65 5.99 -30.21
CA TYR B 215 -1.54 7.10 -29.28
C TYR B 215 -2.37 8.26 -29.76
N GLN B 216 -2.21 8.60 -31.03
CA GLN B 216 -3.06 9.61 -31.64
C GLN B 216 -4.51 9.18 -31.56
N LEU B 217 -4.78 7.88 -31.69
CA LEU B 217 -6.14 7.40 -31.74
C LEU B 217 -6.82 7.64 -30.41
N LEU B 218 -6.10 7.43 -29.33
CA LEU B 218 -6.69 7.60 -28.01
C LEU B 218 -6.89 9.07 -27.71
N LEU B 219 -5.84 9.87 -27.94
CA LEU B 219 -5.92 11.30 -27.66
C LEU B 219 -7.06 11.93 -28.43
N LEU B 220 -7.20 11.58 -29.70
CA LEU B 220 -8.36 12.00 -30.47
C LEU B 220 -9.60 11.37 -29.91
N SER B 221 -9.45 10.24 -29.21
CA SER B 221 -10.56 9.63 -28.52
C SER B 221 -11.02 10.49 -27.39
N ALA B 222 -10.17 11.41 -26.96
CA ALA B 222 -10.48 12.22 -25.79
C ALA B 222 -11.76 13.01 -25.98
N LYS B 223 -12.16 13.22 -27.23
CA LYS B 223 -13.52 13.67 -27.45
C LYS B 223 -14.50 12.62 -26.96
N GLY B 224 -14.27 11.37 -27.34
CA GLY B 224 -15.32 10.38 -27.13
C GLY B 224 -15.02 9.12 -27.92
N SER B 225 -16.09 8.41 -28.26
CA SER B 225 -15.94 7.09 -28.82
C SER B 225 -15.27 6.15 -27.83
N LYS B 226 -15.85 6.07 -26.63
CA LYS B 226 -15.43 5.06 -25.69
C LYS B 226 -15.68 3.67 -26.25
N LYS B 227 -16.90 3.40 -26.71
CA LYS B 227 -17.17 2.12 -27.32
C LYS B 227 -16.32 1.92 -28.55
N THR B 228 -16.56 2.70 -29.62
CA THR B 228 -16.02 2.38 -30.94
C THR B 228 -14.51 2.52 -30.99
N VAL B 229 -13.93 3.22 -30.02
CA VAL B 229 -12.48 3.39 -29.99
C VAL B 229 -11.88 2.42 -29.00
N LEU B 230 -12.72 1.88 -28.14
CA LEU B 230 -12.29 0.80 -27.25
C LEU B 230 -12.27 -0.53 -27.97
N GLU B 231 -13.45 -0.96 -28.47
CA GLU B 231 -13.67 -2.33 -28.97
C GLU B 231 -12.65 -2.73 -30.03
N GLY B 232 -12.12 -1.76 -30.74
CA GLY B 232 -11.31 -2.08 -31.89
C GLY B 232 -9.86 -2.39 -31.56
N ILE B 233 -9.26 -1.68 -30.60
CA ILE B 233 -7.84 -1.86 -30.31
C ILE B 233 -7.58 -3.31 -29.97
N ILE B 234 -8.47 -3.89 -29.18
CA ILE B 234 -8.40 -5.30 -28.80
C ILE B 234 -8.95 -6.20 -29.88
N SER B 235 -10.01 -5.77 -30.61
CA SER B 235 -10.55 -6.59 -31.68
C SER B 235 -9.50 -6.87 -32.74
N PHE B 236 -8.89 -5.83 -33.28
CA PHE B 236 -7.74 -5.98 -34.15
C PHE B 236 -6.65 -6.81 -33.49
N PHE B 237 -6.38 -6.57 -32.19
CA PHE B 237 -5.32 -7.31 -31.51
C PHE B 237 -5.64 -8.79 -31.51
N ASN B 238 -6.91 -9.13 -31.34
CA ASN B 238 -7.29 -10.51 -31.11
C ASN B 238 -7.43 -11.25 -32.43
N GLN B 239 -7.84 -10.55 -33.48
CA GLN B 239 -7.79 -11.16 -34.80
C GLN B 239 -6.36 -11.49 -35.17
N LEU B 240 -5.44 -10.56 -34.93
CA LEU B 240 -4.05 -10.82 -35.24
C LEU B 240 -3.55 -12.00 -34.45
N ASP B 241 -4.02 -12.12 -33.21
CA ASP B 241 -3.53 -13.22 -32.38
C ASP B 241 -4.11 -14.57 -32.80
N LYS B 242 -5.43 -14.64 -32.98
CA LYS B 242 -6.08 -15.90 -33.32
C LYS B 242 -5.53 -16.43 -34.61
N ARG B 243 -5.25 -15.55 -35.57
CA ARG B 243 -4.59 -15.98 -36.80
C ARG B 243 -3.19 -16.50 -36.53
N GLN B 244 -2.33 -15.69 -35.93
CA GLN B 244 -0.92 -16.07 -35.83
C GLN B 244 -0.71 -17.11 -34.73
N LYS B 245 -1.80 -17.58 -34.15
CA LYS B 245 -1.73 -18.76 -33.31
C LYS B 245 -2.27 -19.99 -34.04
N GLU B 246 -3.46 -19.89 -34.65
CA GLU B 246 -4.05 -21.04 -35.32
C GLU B 246 -3.32 -21.37 -36.62
N GLU B 247 -2.33 -20.57 -36.99
CA GLU B 247 -1.42 -20.97 -38.05
C GLU B 247 -0.15 -21.59 -37.47
N GLN B 248 -0.14 -21.85 -36.17
CA GLN B 248 1.01 -22.48 -35.52
C GLN B 248 1.32 -21.84 -34.17
N ALA B 259 8.11 -6.04 -27.34
CA ALA B 259 8.90 -6.48 -28.45
C ALA B 259 9.23 -7.92 -28.21
N THR B 260 8.91 -8.82 -29.14
CA THR B 260 9.26 -10.23 -28.96
C THR B 260 10.09 -10.85 -30.07
N VAL B 261 9.60 -10.90 -31.30
CA VAL B 261 10.20 -11.82 -32.27
C VAL B 261 9.46 -11.69 -33.60
N PRO B 262 9.95 -12.29 -34.69
CA PRO B 262 9.19 -12.22 -35.96
C PRO B 262 7.84 -12.89 -35.89
N LEU B 263 7.68 -13.82 -34.95
CA LEU B 263 6.39 -14.31 -34.47
C LEU B 263 6.15 -13.94 -33.01
N ASP B 264 6.92 -13.01 -32.47
CA ASP B 264 6.68 -12.43 -31.17
C ASP B 264 6.47 -10.93 -31.24
N GLN B 265 6.40 -10.36 -32.44
CA GLN B 265 6.09 -8.94 -32.58
C GLN B 265 4.74 -8.61 -32.00
N LEU B 266 3.93 -9.63 -31.73
CA LEU B 266 2.85 -9.49 -30.76
C LEU B 266 3.35 -8.87 -29.45
N ARG B 267 4.63 -9.06 -29.10
CA ARG B 267 5.18 -8.42 -27.90
C ARG B 267 5.17 -6.90 -28.01
N HIS B 268 5.69 -6.36 -29.10
CA HIS B 268 5.71 -4.92 -29.28
C HIS B 268 4.30 -4.37 -29.39
N VAL B 269 3.48 -4.99 -30.23
CA VAL B 269 2.12 -4.48 -30.43
C VAL B 269 1.34 -4.53 -29.12
N GLU B 270 1.54 -5.58 -28.33
CA GLU B 270 0.92 -5.64 -27.03
C GLU B 270 1.46 -4.54 -26.13
N GLY B 271 2.77 -4.32 -26.16
CA GLY B 271 3.37 -3.39 -25.22
C GLY B 271 2.85 -1.99 -25.42
N THR B 272 2.78 -1.58 -26.66
CA THR B 272 2.13 -0.32 -26.96
C THR B 272 0.70 -0.33 -26.48
N VAL B 273 -0.18 -1.11 -27.11
CA VAL B 273 -1.62 -0.89 -26.97
C VAL B 273 -2.04 -0.98 -25.51
N ILE B 274 -1.35 -1.81 -24.74
CA ILE B 274 -1.56 -1.88 -23.31
C ILE B 274 -1.10 -0.58 -22.66
N LEU B 275 0.21 -0.29 -22.71
CA LEU B 275 0.78 0.81 -21.94
C LEU B 275 0.05 2.11 -22.22
N HIS B 276 -0.44 2.26 -23.46
CA HIS B 276 -1.29 3.39 -23.81
C HIS B 276 -2.64 3.31 -23.09
N ILE B 277 -3.29 2.14 -23.10
CA ILE B 277 -4.59 2.07 -22.43
C ILE B 277 -4.42 2.31 -20.93
N VAL B 278 -3.33 1.80 -20.37
CA VAL B 278 -3.06 1.92 -18.94
C VAL B 278 -2.85 3.36 -18.57
N SER B 279 -1.90 4.05 -19.24
CA SER B 279 -1.53 5.42 -18.95
C SER B 279 -2.71 6.37 -19.08
N ALA B 280 -3.45 6.30 -20.17
CA ALA B 280 -4.63 7.14 -20.29
C ALA B 280 -5.82 6.62 -19.51
N ILE B 281 -5.64 5.56 -18.72
CA ILE B 281 -6.74 4.85 -18.06
C ILE B 281 -7.51 5.65 -17.01
N ASN B 282 -7.24 6.94 -16.86
CA ASN B 282 -7.81 7.69 -15.76
C ASN B 282 -9.34 7.76 -15.81
N LEU B 283 -9.91 8.44 -16.79
CA LEU B 283 -11.30 8.85 -16.68
C LEU B 283 -12.30 7.92 -17.34
N ASP B 284 -11.91 7.23 -18.41
CA ASP B 284 -12.83 6.42 -19.18
C ASP B 284 -12.57 4.93 -19.04
N GLN B 285 -11.61 4.52 -18.22
CA GLN B 285 -11.43 3.12 -17.91
C GLN B 285 -12.56 2.56 -17.05
N ASP B 286 -13.46 3.41 -16.59
CA ASP B 286 -14.74 2.92 -16.11
C ASP B 286 -15.56 2.37 -17.26
N ILE B 287 -15.31 2.84 -18.47
CA ILE B 287 -16.05 2.38 -19.64
C ILE B 287 -15.49 1.07 -20.16
N GLY B 288 -14.18 0.87 -20.02
CA GLY B 288 -13.58 -0.40 -20.41
C GLY B 288 -14.05 -1.55 -19.55
N GLU B 289 -14.10 -1.34 -18.24
CA GLU B 289 -14.79 -2.25 -17.36
C GLU B 289 -16.23 -2.45 -17.81
N GLU B 290 -16.96 -1.34 -17.99
CA GLU B 290 -18.38 -1.41 -18.31
C GLU B 290 -18.66 -2.22 -19.58
N LEU B 291 -17.86 -2.04 -20.62
CA LEU B 291 -18.11 -2.78 -21.84
C LEU B 291 -17.58 -4.21 -21.76
N ILE B 292 -16.27 -4.36 -21.51
CA ILE B 292 -15.61 -5.67 -21.64
C ILE B 292 -15.94 -6.57 -20.49
N LYS B 293 -16.86 -6.15 -19.64
CA LYS B 293 -17.68 -7.07 -18.88
C LYS B 293 -19.14 -6.67 -18.86
N HIS B 294 -19.63 -6.01 -19.90
CA HIS B 294 -21.08 -5.86 -20.03
C HIS B 294 -21.57 -6.42 -21.36
N LEU B 295 -20.66 -6.66 -22.28
CA LEU B 295 -21.01 -7.34 -23.51
C LEU B 295 -20.75 -8.83 -23.43
N LYS B 296 -19.49 -9.25 -23.23
CA LYS B 296 -19.16 -10.66 -23.28
C LYS B 296 -19.83 -11.42 -22.14
N THR B 297 -19.78 -10.86 -20.93
CA THR B 297 -20.36 -11.54 -19.79
C THR B 297 -21.86 -11.28 -19.70
N GLU B 298 -22.45 -10.71 -20.73
CA GLU B 298 -23.90 -10.60 -20.75
C GLU B 298 -24.51 -11.64 -21.67
N GLN B 299 -24.13 -11.62 -22.96
CA GLN B 299 -24.62 -12.61 -23.90
C GLN B 299 -23.87 -13.92 -23.74
N GLN B 300 -22.95 -13.99 -22.77
CA GLN B 300 -22.26 -15.14 -22.20
C GLN B 300 -21.20 -15.77 -23.07
N LYS B 301 -21.10 -15.38 -24.34
CA LYS B 301 -20.15 -15.96 -25.29
C LYS B 301 -18.78 -15.35 -25.13
N ASP B 302 -18.56 -14.69 -24.03
CA ASP B 302 -17.35 -14.04 -23.63
C ASP B 302 -16.17 -14.99 -23.53
N PRO B 303 -16.39 -16.30 -23.38
CA PRO B 303 -15.25 -17.23 -23.43
C PRO B 303 -14.46 -17.11 -24.71
N GLY B 304 -15.09 -16.61 -25.77
CA GLY B 304 -14.42 -16.14 -26.95
C GLY B 304 -14.37 -14.65 -27.11
N LYS B 305 -14.90 -13.87 -26.15
CA LYS B 305 -14.66 -12.43 -26.08
C LYS B 305 -14.02 -11.97 -24.78
N ALA B 306 -14.64 -12.24 -23.64
CA ALA B 306 -14.17 -11.70 -22.38
C ALA B 306 -13.06 -12.55 -21.79
N LEU B 307 -12.34 -13.26 -22.61
CA LEU B 307 -11.22 -13.97 -22.08
C LEU B 307 -10.06 -14.10 -23.02
N CYS B 308 -10.07 -13.43 -24.16
CA CYS B 308 -8.97 -13.63 -25.07
C CYS B 308 -7.70 -13.16 -24.39
N PRO B 309 -6.55 -13.74 -24.73
CA PRO B 309 -5.31 -13.25 -24.11
C PRO B 309 -5.14 -11.73 -24.13
N PHE B 310 -5.20 -11.10 -25.29
CA PHE B 310 -4.84 -9.70 -25.35
C PHE B 310 -6.02 -8.80 -25.04
N SER B 311 -7.04 -9.34 -24.37
CA SER B 311 -8.26 -8.59 -24.13
C SER B 311 -8.63 -8.66 -22.68
N VAL B 312 -7.77 -9.32 -21.92
CA VAL B 312 -7.83 -9.28 -20.47
C VAL B 312 -6.44 -9.02 -19.90
N SER B 313 -5.40 -9.24 -20.71
CA SER B 313 -4.06 -8.82 -20.33
C SER B 313 -4.10 -7.39 -19.84
N LEU B 314 -4.89 -6.56 -20.51
CA LEU B 314 -5.27 -5.25 -20.01
C LEU B 314 -6.05 -5.37 -18.72
N LEU B 315 -6.98 -6.34 -18.62
CA LEU B 315 -7.94 -6.34 -17.54
C LEU B 315 -7.24 -6.49 -16.21
N LEU B 316 -6.05 -7.06 -16.25
CA LEU B 316 -5.34 -7.39 -15.02
C LEU B 316 -3.87 -7.04 -15.13
N SER B 317 -3.55 -6.03 -15.92
CA SER B 317 -2.31 -5.30 -15.68
C SER B 317 -2.57 -3.81 -15.64
N THR B 318 -3.78 -3.40 -15.95
CA THR B 318 -4.24 -2.05 -15.74
C THR B 318 -5.14 -1.98 -14.53
N ALA B 319 -4.81 -2.76 -13.51
CA ALA B 319 -5.59 -2.90 -12.29
C ALA B 319 -4.74 -3.01 -11.04
N VAL B 320 -3.41 -3.00 -11.17
CA VAL B 320 -2.54 -2.98 -10.01
C VAL B 320 -2.49 -1.59 -9.41
N LYS B 321 -3.30 -0.67 -9.91
CA LYS B 321 -3.39 0.67 -9.36
C LYS B 321 -4.49 0.71 -8.32
N HIS B 322 -4.85 1.90 -7.90
CA HIS B 322 -5.59 2.01 -6.65
C HIS B 322 -7.07 1.79 -6.82
N ARG B 323 -7.63 2.24 -7.94
CA ARG B 323 -9.07 2.12 -8.10
C ARG B 323 -9.44 0.84 -8.83
N LEU B 324 -8.66 -0.22 -8.60
CA LEU B 324 -8.75 -1.38 -9.47
C LEU B 324 -8.94 -2.68 -8.69
N GLN B 325 -8.46 -2.74 -7.46
CA GLN B 325 -8.73 -3.89 -6.62
C GLN B 325 -10.22 -4.20 -6.59
N GLU B 326 -11.06 -3.19 -6.45
CA GLU B 326 -12.46 -3.41 -6.09
C GLU B 326 -13.31 -3.88 -7.27
N GLN B 327 -12.86 -3.65 -8.50
CA GLN B 327 -13.64 -4.14 -9.62
C GLN B 327 -12.97 -5.34 -10.26
N ILE B 328 -11.64 -5.28 -10.40
CA ILE B 328 -10.91 -6.35 -11.06
C ILE B 328 -10.96 -7.65 -10.26
N PHE B 329 -10.77 -7.60 -8.95
CA PHE B 329 -10.88 -8.80 -8.15
C PHE B 329 -12.25 -9.44 -8.35
N ASP B 330 -13.31 -8.64 -8.32
CA ASP B 330 -14.66 -9.22 -8.40
C ASP B 330 -14.95 -9.80 -9.77
N PHE B 331 -14.42 -9.16 -10.82
CA PHE B 331 -14.62 -9.68 -12.16
C PHE B 331 -13.98 -11.03 -12.31
N LEU B 332 -12.66 -11.12 -12.13
CA LEU B 332 -11.97 -12.40 -12.29
C LEU B 332 -12.55 -13.48 -11.38
N LYS B 333 -13.07 -13.10 -10.20
CA LYS B 333 -13.66 -14.07 -9.31
C LYS B 333 -14.90 -14.67 -9.93
N THR B 334 -15.89 -13.83 -10.25
CA THR B 334 -17.15 -14.36 -10.77
C THR B 334 -16.94 -15.08 -12.10
N SER B 335 -15.88 -14.71 -12.82
CA SER B 335 -15.56 -15.41 -14.05
C SER B 335 -15.10 -16.84 -13.76
N ILE B 336 -14.08 -17.01 -12.90
CA ILE B 336 -13.61 -18.36 -12.56
C ILE B 336 -14.75 -19.20 -12.03
N THR B 337 -15.67 -18.58 -11.29
CA THR B 337 -16.78 -19.28 -10.68
C THR B 337 -17.77 -19.78 -11.72
N ARG B 338 -18.38 -18.89 -12.51
CA ARG B 338 -19.40 -19.32 -13.47
C ARG B 338 -18.80 -20.21 -14.54
N SER B 339 -17.54 -19.96 -14.92
CA SER B 339 -16.89 -20.76 -15.92
C SER B 339 -16.72 -22.20 -15.48
N CYS B 340 -16.13 -22.46 -14.31
CA CYS B 340 -15.92 -23.85 -13.90
C CYS B 340 -17.23 -24.55 -13.60
N LYS B 341 -18.15 -23.86 -12.93
CA LYS B 341 -19.36 -24.51 -12.47
C LYS B 341 -20.38 -24.65 -13.59
N ASP B 342 -20.02 -24.21 -14.79
CA ASP B 342 -20.74 -24.68 -15.97
C ASP B 342 -19.97 -25.79 -16.69
N LEU B 343 -18.71 -25.53 -17.02
CA LEU B 343 -17.98 -26.43 -17.91
C LEU B 343 -17.54 -27.69 -17.19
N GLN B 344 -18.14 -27.97 -16.04
CA GLN B 344 -18.16 -29.35 -15.55
C GLN B 344 -19.56 -29.95 -15.62
N ILE B 345 -20.61 -29.14 -15.52
CA ILE B 345 -21.95 -29.68 -15.36
C ILE B 345 -22.48 -30.26 -16.66
N LEU B 346 -21.67 -30.24 -17.68
CA LEU B 346 -21.84 -31.03 -18.87
C LEU B 346 -20.58 -31.82 -19.17
N GLN B 347 -19.91 -32.32 -18.14
CA GLN B 347 -18.80 -33.24 -18.35
C GLN B 347 -19.21 -34.64 -17.95
N ALA B 348 -20.43 -34.78 -17.42
CA ALA B 348 -21.07 -36.07 -17.19
C ALA B 348 -22.33 -36.09 -18.03
N SER B 349 -22.20 -36.51 -19.29
CA SER B 349 -23.33 -36.55 -20.19
C SER B 349 -22.94 -37.15 -21.54
N LYS B 350 -23.92 -37.71 -22.20
CA LYS B 350 -23.88 -37.97 -23.63
C LYS B 350 -25.12 -37.46 -24.32
N PHE B 351 -26.28 -37.60 -23.69
CA PHE B 351 -27.51 -37.16 -24.33
C PHE B 351 -27.65 -35.65 -24.26
N LEU B 352 -26.70 -35.00 -23.62
CA LEU B 352 -26.46 -33.57 -23.72
C LEU B 352 -24.99 -33.16 -23.59
N GLN B 353 -24.06 -34.01 -24.01
CA GLN B 353 -22.65 -33.67 -23.82
C GLN B 353 -21.82 -34.14 -24.99
N ASP B 354 -22.46 -34.67 -26.02
CA ASP B 354 -21.73 -35.16 -27.19
C ASP B 354 -22.37 -34.71 -28.49
N LEU B 355 -23.68 -34.52 -28.51
CA LEU B 355 -24.36 -33.77 -29.56
C LEU B 355 -24.63 -32.34 -29.14
N CYS B 356 -23.59 -31.55 -28.94
CA CYS B 356 -23.64 -30.33 -28.14
C CYS B 356 -22.40 -29.48 -28.35
N PRO B 357 -22.31 -28.38 -27.65
CA PRO B 357 -21.38 -27.32 -28.05
C PRO B 357 -19.93 -27.64 -27.73
N GLN B 358 -19.10 -26.62 -27.88
CA GLN B 358 -17.76 -26.61 -27.33
C GLN B 358 -17.69 -25.67 -26.13
N GLN B 359 -16.56 -25.70 -25.44
CA GLN B 359 -16.32 -24.84 -24.30
C GLN B 359 -14.87 -24.36 -24.34
N TYR B 360 -14.68 -23.08 -24.04
CA TYR B 360 -13.34 -22.53 -23.85
C TYR B 360 -13.10 -22.31 -22.37
N ASP B 361 -11.98 -22.82 -21.89
CA ASP B 361 -11.76 -23.02 -20.46
C ASP B 361 -11.13 -21.77 -19.85
N VAL B 362 -11.89 -21.08 -19.00
CA VAL B 362 -11.41 -19.83 -18.39
C VAL B 362 -10.14 -20.09 -17.63
N THR B 363 -10.07 -21.22 -16.94
CA THR B 363 -8.84 -21.67 -16.33
C THR B 363 -7.75 -21.82 -17.37
N ALA B 364 -8.12 -22.29 -18.56
CA ALA B 364 -7.11 -22.41 -19.60
C ALA B 364 -6.69 -21.05 -20.09
N VAL B 365 -7.60 -20.07 -20.07
CA VAL B 365 -7.25 -18.72 -20.47
C VAL B 365 -6.19 -18.14 -19.53
N ILE B 366 -6.51 -18.09 -18.23
CA ILE B 366 -5.60 -17.52 -17.22
C ILE B 366 -4.28 -18.27 -17.22
N LEU B 367 -4.32 -19.58 -17.42
CA LEU B 367 -3.09 -20.34 -17.51
C LEU B 367 -2.39 -20.08 -18.83
N GLU B 368 -3.10 -19.59 -19.82
CA GLU B 368 -2.42 -19.15 -21.01
C GLU B 368 -1.66 -17.89 -20.71
N VAL B 369 -2.35 -16.94 -20.08
CA VAL B 369 -1.81 -15.60 -19.88
C VAL B 369 -0.54 -15.68 -19.06
N VAL B 370 -0.51 -16.64 -18.13
CA VAL B 370 0.72 -16.91 -17.39
C VAL B 370 1.81 -17.42 -18.33
N LYS B 371 1.41 -18.04 -19.43
CA LYS B 371 2.41 -18.53 -20.35
C LYS B 371 2.92 -17.40 -21.23
N ASN B 372 1.99 -16.60 -21.72
CA ASN B 372 2.32 -15.57 -22.71
C ASN B 372 3.07 -14.41 -22.08
N SER B 373 2.78 -14.08 -20.82
CA SER B 373 3.36 -12.89 -20.21
C SER B 373 4.81 -13.09 -19.80
N ALA B 374 5.48 -14.11 -20.32
CA ALA B 374 6.88 -14.25 -20.04
C ALA B 374 7.71 -13.24 -20.81
N PHE B 375 7.09 -12.46 -21.70
CA PHE B 375 7.83 -11.64 -22.65
C PHE B 375 8.35 -10.36 -22.02
N GLY B 376 7.67 -9.84 -21.01
CA GLY B 376 8.15 -8.62 -20.41
C GLY B 376 7.10 -7.68 -19.88
N TRP B 377 5.81 -7.99 -20.03
CA TRP B 377 4.77 -7.06 -19.63
C TRP B 377 4.74 -6.95 -18.11
N ASP B 378 5.72 -6.21 -17.57
CA ASP B 378 6.05 -6.25 -16.15
C ASP B 378 4.90 -5.79 -15.28
N HIS B 379 4.51 -4.53 -15.38
CA HIS B 379 3.36 -4.06 -14.63
C HIS B 379 2.06 -4.52 -15.25
N VAL B 380 2.13 -5.44 -16.20
CA VAL B 380 0.95 -6.17 -16.61
C VAL B 380 0.90 -7.53 -15.96
N THR B 381 2.03 -7.95 -15.38
CA THR B 381 2.20 -9.31 -14.87
C THR B 381 2.77 -9.33 -13.46
N GLN B 382 2.59 -8.24 -12.73
CA GLN B 382 2.68 -8.30 -11.28
C GLN B 382 1.30 -8.28 -10.68
N GLY B 383 0.31 -8.01 -11.50
CA GLY B 383 -1.05 -8.24 -11.07
C GLY B 383 -1.29 -9.69 -10.77
N LEU B 384 -0.45 -10.59 -11.32
CA LEU B 384 -0.58 -12.02 -11.06
C LEU B 384 -0.14 -12.38 -9.63
N VAL B 385 1.14 -12.19 -9.29
CA VAL B 385 1.68 -12.45 -7.97
C VAL B 385 0.79 -11.86 -6.91
N ASP B 386 0.25 -10.68 -7.17
CA ASP B 386 -0.79 -10.18 -6.29
C ASP B 386 -2.07 -11.02 -6.37
N LEU B 387 -2.43 -11.49 -7.56
CA LEU B 387 -3.62 -12.31 -7.68
C LEU B 387 -3.48 -13.60 -6.88
N GLY B 388 -2.27 -14.15 -6.87
CA GLY B 388 -2.03 -15.42 -6.18
C GLY B 388 -2.13 -15.26 -4.68
N PHE B 389 -1.21 -14.47 -4.09
CA PHE B 389 -1.23 -14.23 -2.65
C PHE B 389 -2.57 -13.68 -2.17
N SER B 390 -3.47 -13.25 -3.06
CA SER B 390 -4.75 -12.74 -2.60
C SER B 390 -5.94 -13.39 -3.29
N LEU B 391 -5.73 -14.53 -3.87
CA LEU B 391 -6.85 -15.42 -4.06
C LEU B 391 -6.59 -16.78 -3.45
N MET B 392 -5.43 -17.35 -3.78
CA MET B 392 -5.15 -18.76 -3.51
C MET B 392 -5.05 -19.03 -2.04
N GLU B 393 -4.92 -18.01 -1.23
CA GLU B 393 -5.33 -18.19 0.15
C GLU B 393 -6.80 -17.84 0.33
N SER B 394 -7.14 -16.58 0.24
CA SER B 394 -8.31 -16.10 0.96
C SER B 394 -9.59 -16.44 0.25
N TYR B 395 -9.52 -17.30 -0.76
CA TYR B 395 -10.68 -17.53 -1.60
C TYR B 395 -11.74 -18.38 -0.91
N GLU B 396 -11.35 -19.10 0.15
CA GLU B 396 -12.25 -20.03 0.84
C GLU B 396 -11.59 -21.37 1.17
N PRO B 416 -14.71 -25.69 -7.71
CA PRO B 416 -15.64 -25.39 -6.63
C PRO B 416 -14.98 -24.43 -5.65
N ALA B 417 -15.48 -24.33 -4.42
CA ALA B 417 -14.80 -23.49 -3.44
C ALA B 417 -13.44 -24.06 -3.11
N GLN B 418 -13.41 -25.33 -2.70
CA GLN B 418 -12.15 -26.06 -2.64
C GLN B 418 -11.48 -26.07 -4.00
N GLN B 419 -12.27 -26.11 -5.08
CA GLN B 419 -11.70 -26.01 -6.41
C GLN B 419 -11.12 -24.63 -6.66
N ALA B 420 -11.76 -23.59 -6.11
CA ALA B 420 -11.25 -22.25 -6.30
C ALA B 420 -9.88 -22.11 -5.68
N CYS B 421 -9.75 -22.48 -4.41
CA CYS B 421 -8.44 -22.46 -3.77
C CYS B 421 -7.46 -23.33 -4.53
N LYS B 422 -7.92 -24.50 -5.00
CA LYS B 422 -7.06 -25.39 -5.76
C LYS B 422 -6.56 -24.71 -7.00
N LEU B 423 -7.41 -23.88 -7.61
CA LEU B 423 -6.99 -23.12 -8.76
C LEU B 423 -5.93 -22.11 -8.37
N GLY B 424 -6.19 -21.38 -7.30
CA GLY B 424 -5.31 -20.27 -6.96
C GLY B 424 -3.91 -20.75 -6.69
N ALA B 425 -3.80 -22.00 -6.25
CA ALA B 425 -2.50 -22.62 -6.22
C ALA B 425 -1.81 -22.51 -7.57
N SER B 426 -2.57 -22.64 -8.65
CA SER B 426 -1.97 -22.62 -9.96
C SER B 426 -1.37 -21.26 -10.27
N ILE B 427 -2.16 -20.18 -10.09
CA ILE B 427 -1.70 -18.83 -10.45
C ILE B 427 -0.44 -18.48 -9.68
N LEU B 428 -0.47 -18.67 -8.35
CA LEU B 428 0.69 -18.35 -7.52
C LEU B 428 1.88 -19.25 -7.88
N LEU B 429 1.64 -20.55 -8.04
CA LEU B 429 2.72 -21.49 -8.24
C LEU B 429 3.34 -21.31 -9.61
N GLU B 430 2.51 -21.23 -10.66
CA GLU B 430 3.00 -21.04 -12.00
C GLU B 430 3.77 -19.74 -12.14
N THR B 431 3.22 -18.65 -11.59
CA THR B 431 3.92 -17.38 -11.62
C THR B 431 5.26 -17.49 -10.93
N PHE B 432 5.36 -18.33 -9.90
CA PHE B 432 6.68 -18.68 -9.39
C PHE B 432 7.44 -19.52 -10.40
N LYS B 433 6.71 -20.18 -11.29
CA LYS B 433 7.36 -21.06 -12.24
C LYS B 433 8.17 -20.28 -13.27
N VAL B 434 7.50 -19.46 -14.08
CA VAL B 434 8.05 -19.06 -15.39
C VAL B 434 9.01 -17.88 -15.29
N HIS B 435 8.51 -16.71 -14.90
CA HIS B 435 9.21 -15.43 -15.03
C HIS B 435 10.07 -15.13 -13.82
N GLU B 436 11.35 -15.48 -13.92
CA GLU B 436 12.45 -15.66 -12.95
C GLU B 436 12.92 -14.50 -12.09
N PRO B 437 12.62 -13.26 -12.43
CA PRO B 437 13.13 -12.16 -11.59
C PRO B 437 12.22 -11.71 -10.46
N ILE B 438 10.92 -12.00 -10.52
CA ILE B 438 9.95 -11.29 -9.70
C ILE B 438 9.20 -12.16 -8.70
N ARG B 439 9.87 -13.16 -8.08
CA ARG B 439 9.17 -14.08 -7.19
C ARG B 439 9.76 -14.12 -5.78
N SER B 440 10.98 -13.58 -5.62
CA SER B 440 11.60 -13.53 -4.31
C SER B 440 10.75 -12.80 -3.31
N ASP B 441 10.00 -11.79 -3.76
CA ASP B 441 9.04 -11.13 -2.87
C ASP B 441 7.76 -11.95 -2.75
N ILE B 442 7.50 -12.85 -3.70
CA ILE B 442 6.36 -13.75 -3.59
C ILE B 442 6.52 -14.62 -2.36
N LEU B 443 7.70 -15.22 -2.22
CA LEU B 443 7.96 -16.18 -1.13
C LEU B 443 7.89 -15.50 0.23
N GLU B 444 8.35 -14.26 0.30
CA GLU B 444 8.29 -13.51 1.53
C GLU B 444 6.88 -13.07 1.83
N GLN B 445 6.05 -12.89 0.80
CA GLN B 445 4.66 -12.63 1.11
C GLN B 445 4.06 -13.85 1.77
N VAL B 446 4.48 -15.03 1.32
CA VAL B 446 3.87 -16.29 1.76
C VAL B 446 4.22 -16.56 3.22
N LEU B 447 5.52 -16.58 3.53
CA LEU B 447 6.02 -17.05 4.83
C LEU B 447 5.30 -16.35 5.96
N ASN B 448 5.28 -15.04 5.94
CA ASN B 448 4.63 -14.28 6.99
C ASN B 448 3.15 -14.09 6.71
N ARG B 449 2.64 -14.66 5.62
CA ARG B 449 1.19 -14.73 5.50
C ARG B 449 0.68 -15.93 6.26
N VAL B 450 1.58 -16.86 6.55
CA VAL B 450 1.13 -18.17 7.02
C VAL B 450 1.96 -18.66 8.20
N LEU B 451 2.78 -17.80 8.80
CA LEU B 451 3.51 -18.18 10.01
C LEU B 451 3.16 -17.28 11.19
N THR B 452 2.04 -16.60 11.11
CA THR B 452 1.56 -15.74 12.17
C THR B 452 0.05 -15.60 12.24
N LYS B 453 -0.72 -16.68 12.21
CA LYS B 453 -2.16 -16.45 12.14
C LYS B 453 -2.97 -17.46 12.94
N ALA B 454 -4.30 -17.36 12.81
CA ALA B 454 -5.23 -18.29 13.42
C ALA B 454 -5.18 -19.64 12.71
N ALA B 455 -5.98 -20.58 13.20
CA ALA B 455 -5.71 -22.01 12.96
C ALA B 455 -6.07 -22.46 11.54
N SER B 456 -7.00 -21.76 10.89
CA SER B 456 -7.32 -22.08 9.50
C SER B 456 -6.10 -22.02 8.60
N PRO B 457 -5.05 -21.28 8.94
CA PRO B 457 -3.93 -21.13 8.01
C PRO B 457 -3.03 -22.33 7.99
N VAL B 458 -3.48 -23.46 8.45
CA VAL B 458 -2.65 -24.62 8.24
C VAL B 458 -2.77 -25.07 6.82
N SER B 459 -4.00 -25.26 6.35
CA SER B 459 -4.22 -26.15 5.22
C SER B 459 -3.79 -25.50 3.92
N HIS B 460 -4.48 -24.44 3.50
CA HIS B 460 -4.20 -23.84 2.21
C HIS B 460 -2.77 -23.36 2.13
N PHE B 461 -2.43 -22.37 2.95
CA PHE B 461 -1.11 -21.76 2.88
C PHE B 461 -0.03 -22.75 3.29
N ILE B 462 -0.37 -23.73 4.10
CA ILE B 462 0.62 -24.70 4.56
C ILE B 462 0.99 -25.61 3.42
N ASP B 463 -0.01 -26.07 2.69
CA ASP B 463 0.25 -26.86 1.51
C ASP B 463 0.93 -26.02 0.46
N LEU B 464 0.60 -24.75 0.39
CA LEU B 464 1.18 -23.90 -0.64
C LEU B 464 2.64 -23.61 -0.35
N LEU B 465 2.97 -23.43 0.93
CA LEU B 465 4.36 -23.23 1.31
C LEU B 465 5.13 -24.50 1.07
N SER B 466 4.49 -25.63 1.35
CA SER B 466 5.11 -26.91 1.10
C SER B 466 5.46 -27.03 -0.36
N ASN B 467 4.50 -26.77 -1.23
CA ASN B 467 4.70 -26.95 -2.66
C ASN B 467 5.65 -25.90 -3.20
N ILE B 468 5.61 -24.68 -2.65
CA ILE B 468 6.45 -23.60 -3.16
C ILE B 468 7.90 -23.88 -2.85
N VAL B 469 8.22 -24.08 -1.57
CA VAL B 469 9.58 -24.39 -1.17
C VAL B 469 10.01 -25.70 -1.78
N VAL B 470 9.07 -26.63 -1.95
CA VAL B 470 9.38 -27.94 -2.47
C VAL B 470 9.67 -27.85 -3.95
N SER B 471 9.00 -26.93 -4.63
CA SER B 471 9.30 -26.67 -6.02
C SER B 471 10.44 -25.69 -6.12
N ALA B 472 10.79 -25.06 -5.01
CA ALA B 472 11.93 -24.16 -4.99
C ALA B 472 13.21 -24.95 -5.17
N PRO B 473 13.78 -24.97 -6.36
CA PRO B 473 15.06 -25.65 -6.54
C PRO B 473 16.13 -24.77 -5.95
N LEU B 474 16.27 -24.82 -4.64
CA LEU B 474 17.20 -23.95 -3.92
C LEU B 474 16.85 -22.49 -4.14
N VAL B 475 15.55 -22.20 -4.17
CA VAL B 475 15.09 -20.84 -4.43
C VAL B 475 15.54 -19.92 -3.30
N LEU B 476 15.64 -20.45 -2.10
CA LEU B 476 16.31 -19.76 -1.01
C LEU B 476 17.68 -20.32 -0.76
N GLN B 477 18.17 -21.16 -1.67
CA GLN B 477 19.34 -22.02 -1.41
C GLN B 477 20.61 -21.22 -1.23
N ASN B 478 20.55 -19.92 -1.46
CA ASN B 478 21.51 -18.94 -0.99
C ASN B 478 20.82 -17.67 -0.52
N SER B 479 19.49 -17.68 -0.43
CA SER B 479 18.72 -16.53 0.03
C SER B 479 17.81 -16.97 1.17
N SER B 480 18.36 -16.98 2.37
CA SER B 480 17.63 -17.31 3.58
C SER B 480 17.99 -16.26 4.63
N SER B 481 17.25 -15.15 4.61
CA SER B 481 17.40 -14.08 5.57
C SER B 481 16.08 -13.57 6.11
N ARG B 482 14.96 -13.89 5.45
CA ARG B 482 13.67 -13.70 6.07
C ARG B 482 13.43 -14.79 7.11
N VAL B 483 14.00 -15.97 6.87
CA VAL B 483 13.73 -17.12 7.74
C VAL B 483 14.38 -16.93 9.09
N THR B 484 15.68 -16.60 9.12
CA THR B 484 16.45 -16.57 10.37
C THR B 484 15.86 -15.62 11.41
N GLU B 485 14.83 -14.86 11.04
CA GLU B 485 14.04 -14.13 12.02
C GLU B 485 12.58 -14.52 11.93
N THR B 486 12.22 -15.33 10.94
CA THR B 486 10.93 -16.00 11.06
C THR B 486 10.98 -17.03 12.17
N PHE B 487 12.06 -17.83 12.21
CA PHE B 487 12.15 -19.07 12.98
C PHE B 487 11.87 -18.86 14.44
N ASP B 488 12.18 -17.69 14.96
CA ASP B 488 12.00 -17.47 16.38
C ASP B 488 10.56 -17.16 16.71
N ASN B 489 9.70 -17.01 15.72
CA ASN B 489 8.39 -16.53 16.09
C ASN B 489 7.48 -17.64 16.55
N LEU B 490 7.97 -18.89 16.56
CA LEU B 490 7.10 -20.05 16.42
C LEU B 490 6.62 -20.58 17.76
N SER B 491 7.20 -20.08 18.85
CA SER B 491 6.94 -20.65 20.16
C SER B 491 5.55 -20.32 20.67
N PHE B 492 4.67 -19.84 19.82
CA PHE B 492 3.30 -19.65 20.23
C PHE B 492 2.30 -20.23 19.24
N LEU B 493 2.76 -21.02 18.28
CA LEU B 493 1.86 -21.53 17.28
C LEU B 493 1.02 -22.68 17.83
N PRO B 494 0.07 -23.18 17.08
CA PRO B 494 -0.79 -24.26 17.59
C PRO B 494 -0.03 -25.57 17.67
N ILE B 495 -0.78 -26.63 17.95
CA ILE B 495 -0.17 -27.93 18.21
C ILE B 495 0.31 -28.58 16.93
N ASP B 496 -0.50 -28.48 15.85
CA ASP B 496 -0.18 -29.16 14.59
C ASP B 496 0.74 -28.30 13.70
N THR B 497 0.60 -26.97 13.78
CA THR B 497 1.31 -26.09 12.86
C THR B 497 2.82 -26.18 13.01
N VAL B 498 3.31 -26.37 14.24
CA VAL B 498 4.76 -26.32 14.50
C VAL B 498 5.43 -27.49 13.81
N GLN B 499 4.70 -28.59 13.72
CA GLN B 499 5.20 -29.75 13.00
C GLN B 499 5.40 -29.43 11.54
N GLY B 500 4.33 -29.01 10.87
CA GLY B 500 4.42 -28.77 9.45
C GLY B 500 5.40 -27.69 9.08
N LEU B 501 5.52 -26.65 9.91
CA LEU B 501 6.56 -25.68 9.68
C LEU B 501 7.91 -26.36 9.68
N LEU B 502 8.15 -27.23 10.67
CA LEU B 502 9.42 -27.96 10.72
C LEU B 502 9.59 -28.81 9.47
N ARG B 503 8.53 -29.50 9.06
CA ARG B 503 8.64 -30.45 7.97
C ARG B 503 8.92 -29.73 6.67
N ALA B 504 8.15 -28.70 6.36
CA ALA B 504 8.29 -27.96 5.12
C ALA B 504 9.66 -27.36 5.00
N VAL B 505 10.11 -26.62 6.03
CA VAL B 505 11.48 -26.10 5.99
C VAL B 505 12.51 -27.21 5.90
N GLN B 506 12.12 -28.44 6.27
CA GLN B 506 13.01 -29.58 6.23
C GLN B 506 13.68 -29.81 4.89
N PRO B 507 13.15 -29.32 3.77
CA PRO B 507 13.99 -29.32 2.57
C PRO B 507 15.18 -28.43 2.74
N LEU B 508 14.95 -27.22 3.24
CA LEU B 508 15.98 -26.20 3.19
C LEU B 508 17.05 -26.47 4.23
N LEU B 509 16.71 -27.28 5.24
CA LEU B 509 17.63 -27.53 6.33
C LEU B 509 18.84 -28.29 5.84
N LYS B 510 18.73 -28.95 4.70
CA LYS B 510 19.83 -29.77 4.22
C LYS B 510 20.97 -28.91 3.68
N VAL B 511 20.75 -27.61 3.55
CA VAL B 511 21.68 -26.80 2.77
C VAL B 511 22.89 -26.39 3.60
N SER B 512 22.69 -25.55 4.61
CA SER B 512 23.79 -24.77 5.17
C SER B 512 23.64 -24.57 6.67
N MET B 513 24.77 -24.59 7.37
CA MET B 513 24.77 -24.53 8.83
C MET B 513 24.28 -23.19 9.35
N SER B 514 24.18 -22.20 8.48
CA SER B 514 23.57 -20.94 8.89
C SER B 514 22.08 -21.11 9.13
N VAL B 515 21.45 -22.09 8.51
CA VAL B 515 20.08 -22.37 8.90
C VAL B 515 20.08 -23.06 10.25
N ARG B 516 20.92 -24.07 10.41
CA ARG B 516 20.77 -24.99 11.53
C ARG B 516 21.43 -24.45 12.79
N ASP B 517 22.59 -23.81 12.65
CA ASP B 517 23.29 -23.30 13.83
C ASP B 517 22.49 -22.21 14.52
N SER B 518 21.46 -21.69 13.85
CA SER B 518 20.56 -20.71 14.46
C SER B 518 19.27 -21.36 14.90
N LEU B 519 18.83 -22.40 14.19
CA LEU B 519 17.68 -23.17 14.67
C LEU B 519 17.94 -23.77 16.05
N ILE B 520 19.10 -24.42 16.22
CA ILE B 520 19.38 -25.15 17.45
C ILE B 520 19.31 -24.21 18.64
N LEU B 521 19.80 -22.99 18.47
CA LEU B 521 19.82 -22.04 19.57
C LEU B 521 18.43 -21.52 19.88
N VAL B 522 17.70 -21.10 18.85
CA VAL B 522 16.40 -20.46 19.08
C VAL B 522 15.38 -21.48 19.54
N LEU B 523 15.78 -22.75 19.62
CA LEU B 523 14.96 -23.76 20.29
C LEU B 523 15.49 -24.14 21.67
N GLN B 524 16.79 -24.44 21.77
CA GLN B 524 17.47 -24.84 23.04
C GLN B 524 17.02 -23.92 24.15
N LYS B 525 17.02 -22.62 23.87
CA LYS B 525 16.65 -21.66 24.91
C LYS B 525 15.27 -22.02 25.45
N ALA B 526 14.38 -22.56 24.62
CA ALA B 526 13.03 -22.95 25.10
C ALA B 526 13.14 -24.05 26.15
N ILE B 527 14.03 -25.03 25.96
CA ILE B 527 14.04 -26.23 26.86
C ILE B 527 14.33 -25.85 28.33
N PHE B 528 15.31 -24.97 28.58
CA PHE B 528 15.70 -24.68 29.99
C PHE B 528 14.49 -24.10 30.71
N SER B 529 13.70 -23.30 30.01
CA SER B 529 12.52 -22.63 30.62
C SER B 529 11.26 -23.46 30.36
N ARG B 530 10.13 -22.80 30.09
CA ARG B 530 8.86 -23.56 30.00
C ARG B 530 9.00 -24.65 28.94
N GLN B 531 9.50 -24.36 27.72
CA GLN B 531 9.81 -25.41 26.69
C GLN B 531 8.68 -26.40 26.40
N LEU B 532 7.61 -25.92 25.78
CA LEU B 532 6.43 -26.78 25.50
C LEU B 532 6.68 -27.69 24.28
N ASP B 533 5.82 -28.67 24.04
CA ASP B 533 5.97 -29.72 23.00
C ASP B 533 6.85 -29.21 21.86
N ALA B 534 6.86 -27.90 21.61
CA ALA B 534 7.61 -27.36 20.44
C ALA B 534 9.10 -27.68 20.58
N ARG B 535 9.64 -27.58 21.78
CA ARG B 535 11.07 -27.95 21.98
C ARG B 535 11.21 -29.43 21.67
N LYS B 536 10.23 -30.23 22.08
CA LYS B 536 10.26 -31.68 21.74
C LYS B 536 10.08 -31.89 20.24
N ALA B 537 9.05 -31.30 19.62
CA ALA B 537 8.82 -31.59 18.19
C ALA B 537 10.12 -31.28 17.48
N ALA B 538 10.83 -30.26 17.98
CA ALA B 538 12.03 -29.87 17.29
C ALA B 538 13.20 -30.75 17.66
N VAL B 539 13.32 -31.12 18.94
CA VAL B 539 14.51 -31.91 19.35
C VAL B 539 14.50 -33.18 18.51
N ALA B 540 13.35 -33.87 18.48
CA ALA B 540 13.24 -35.14 17.74
C ALA B 540 13.43 -34.88 16.24
N GLY B 541 12.85 -33.81 15.70
CA GLY B 541 12.92 -33.59 14.25
C GLY B 541 14.35 -33.44 13.79
N PHE B 542 15.16 -32.66 14.53
CA PHE B 542 16.60 -32.57 14.19
C PHE B 542 17.22 -33.96 14.40
N LEU B 543 16.90 -34.61 15.51
CA LEU B 543 17.50 -35.94 15.82
C LEU B 543 17.00 -37.00 14.82
N LEU B 544 15.68 -37.10 14.62
CA LEU B 544 15.11 -38.16 13.74
C LEU B 544 15.34 -37.78 12.29
N LEU B 545 16.48 -37.15 12.02
CA LEU B 545 16.79 -36.67 10.65
C LEU B 545 18.27 -36.91 10.37
N LEU B 546 18.65 -36.91 9.10
CA LEU B 546 20.06 -37.14 8.71
C LEU B 546 20.91 -36.02 9.31
N ARG B 547 20.31 -34.86 9.54
CA ARG B 547 21.04 -33.73 10.17
C ARG B 547 21.53 -34.25 11.51
N ASN B 548 20.81 -35.24 12.07
CA ASN B 548 21.25 -35.85 13.36
C ASN B 548 22.64 -36.45 13.15
N PHE B 549 22.88 -37.09 12.01
CA PHE B 549 24.26 -37.59 11.77
C PHE B 549 25.20 -36.38 11.73
N LYS B 550 26.35 -36.47 12.40
CA LYS B 550 27.34 -35.36 12.39
C LYS B 550 26.63 -34.02 12.64
N GLU B 583 32.44 -33.92 20.88
CA GLU B 583 32.47 -33.83 19.43
C GLU B 583 31.15 -34.36 19.03
N ALA B 584 30.57 -35.13 19.93
CA ALA B 584 29.19 -35.55 19.85
C ALA B 584 28.39 -35.07 21.04
N PHE B 585 28.73 -33.89 21.55
CA PHE B 585 28.18 -33.40 22.80
C PHE B 585 26.67 -33.30 22.78
N CYS B 586 26.06 -33.23 21.59
CA CYS B 586 24.61 -33.14 21.45
C CYS B 586 23.88 -34.29 22.13
N LEU B 587 24.60 -35.36 22.46
CA LEU B 587 24.14 -36.28 23.50
C LEU B 587 23.74 -35.56 24.77
N GLU B 588 24.29 -34.37 25.01
CA GLU B 588 23.71 -33.47 25.98
C GLU B 588 22.21 -33.34 25.78
N ILE B 589 21.77 -32.80 24.64
CA ILE B 589 20.34 -32.59 24.44
C ILE B 589 19.64 -33.92 24.46
N LEU B 590 20.38 -34.95 24.05
CA LEU B 590 19.98 -36.34 24.25
C LEU B 590 19.76 -36.63 25.72
N GLY B 591 20.42 -35.87 26.59
CA GLY B 591 20.10 -35.94 28.00
C GLY B 591 18.97 -35.02 28.36
N SER B 592 18.84 -33.93 27.62
CA SER B 592 17.90 -32.89 27.99
C SER B 592 16.50 -33.42 27.93
N LEU B 593 16.26 -34.26 26.94
CA LEU B 593 15.00 -35.00 26.95
C LEU B 593 14.86 -35.80 28.23
N ARG B 594 15.93 -36.51 28.62
CA ARG B 594 15.84 -37.50 29.68
C ARG B 594 15.49 -36.86 30.99
N ARG B 595 15.71 -35.56 31.08
CA ARG B 595 15.13 -34.80 32.17
C ARG B 595 13.72 -34.37 31.83
N CYS B 596 13.43 -34.17 30.55
CA CYS B 596 12.06 -33.84 30.15
C CYS B 596 11.09 -34.93 30.53
N LEU B 597 11.60 -36.14 30.77
CA LEU B 597 10.80 -37.36 30.77
C LEU B 597 9.79 -37.41 31.91
N SER B 598 9.83 -36.45 32.82
CA SER B 598 8.87 -36.42 33.92
C SER B 598 7.94 -35.21 33.91
N GLN B 599 7.96 -34.40 32.83
CA GLN B 599 7.27 -33.11 32.88
C GLN B 599 5.76 -33.30 33.03
N GLN B 600 5.10 -33.76 32.00
CA GLN B 600 3.64 -33.83 32.00
C GLN B 600 3.28 -35.19 31.44
N ALA B 601 2.01 -35.35 31.07
CA ALA B 601 1.68 -36.52 30.27
C ALA B 601 2.16 -36.34 28.84
N ASP B 602 1.73 -35.23 28.22
CA ASP B 602 1.98 -34.92 26.81
C ASP B 602 3.44 -35.08 26.44
N VAL B 603 4.36 -34.46 27.18
CA VAL B 603 5.79 -34.69 26.96
C VAL B 603 6.11 -36.18 27.08
N ARG B 604 5.41 -36.88 27.98
CA ARG B 604 5.57 -38.32 28.08
C ARG B 604 5.27 -39.00 26.76
N LEU B 605 4.04 -38.84 26.26
CA LEU B 605 3.60 -39.50 25.01
C LEU B 605 4.50 -39.15 23.84
N MET B 606 4.96 -37.90 23.78
CA MET B 606 5.83 -37.48 22.71
C MET B 606 7.14 -38.23 22.75
N LEU B 607 7.87 -38.14 23.87
CA LEU B 607 9.18 -38.77 23.95
C LEU B 607 9.05 -40.24 23.65
N TYR B 608 7.91 -40.81 24.03
CA TYR B 608 7.64 -42.19 23.70
C TYR B 608 7.54 -42.35 22.21
N GLU B 609 6.50 -41.77 21.62
CA GLU B 609 6.09 -42.07 20.24
C GLU B 609 7.22 -41.88 19.27
N GLY B 610 8.19 -41.10 19.64
CA GLY B 610 9.27 -41.02 18.70
C GLY B 610 10.51 -41.70 19.12
N PHE B 611 10.52 -42.32 20.31
CA PHE B 611 11.66 -43.16 20.65
C PHE B 611 11.99 -44.13 19.53
N TYR B 612 10.96 -44.69 18.87
CA TYR B 612 11.20 -45.68 17.82
C TYR B 612 11.99 -45.08 16.68
N ASP B 613 11.41 -44.08 16.01
CA ASP B 613 12.02 -43.49 14.83
C ASP B 613 13.37 -42.95 15.16
N VAL B 614 13.48 -42.24 16.29
CA VAL B 614 14.77 -41.72 16.73
C VAL B 614 15.75 -42.86 16.84
N LEU B 615 15.25 -44.03 17.21
CA LEU B 615 16.08 -45.21 17.22
C LEU B 615 16.44 -45.61 15.81
N ARG B 616 15.45 -45.71 14.95
CA ARG B 616 15.60 -46.39 13.67
C ARG B 616 16.60 -45.67 12.81
N ARG B 617 16.62 -44.35 12.89
CA ARG B 617 17.71 -43.62 12.29
C ARG B 617 18.97 -43.77 13.14
N ASN B 618 18.81 -43.82 14.45
CA ASN B 618 19.93 -43.63 15.36
C ASN B 618 20.80 -44.88 15.34
N SER B 619 22.10 -44.68 15.27
CA SER B 619 23.02 -45.82 15.25
C SER B 619 23.89 -45.90 16.49
N GLN B 620 24.67 -44.87 16.80
CA GLN B 620 25.40 -44.90 18.04
C GLN B 620 24.45 -44.84 19.22
N LEU B 621 23.46 -43.97 19.15
CA LEU B 621 22.69 -43.57 20.32
C LEU B 621 21.68 -44.64 20.71
N ALA B 622 22.23 -45.76 21.19
CA ALA B 622 21.46 -46.93 21.57
C ALA B 622 21.50 -47.24 23.06
N SER B 623 22.67 -47.18 23.68
CA SER B 623 22.73 -47.44 25.11
C SER B 623 21.90 -46.44 25.88
N SER B 624 21.86 -45.20 25.39
CA SER B 624 21.16 -44.14 26.11
C SER B 624 19.66 -44.36 26.08
N ILE B 625 19.10 -44.63 24.90
CA ILE B 625 17.68 -44.93 24.80
C ILE B 625 17.37 -46.17 25.63
N MET B 626 18.32 -47.10 25.69
CA MET B 626 18.12 -48.27 26.52
C MET B 626 18.00 -47.90 28.00
N GLU B 627 19.09 -47.44 28.60
CA GLU B 627 19.13 -47.23 30.04
C GLU B 627 18.06 -46.23 30.46
N THR B 628 17.82 -45.22 29.61
CA THR B 628 16.78 -44.21 29.93
C THR B 628 15.47 -44.94 30.17
N LEU B 629 15.14 -45.87 29.27
CA LEU B 629 13.89 -46.65 29.42
C LEU B 629 14.00 -47.51 30.68
N LEU B 630 15.18 -48.07 30.95
CA LEU B 630 15.30 -49.01 32.09
C LEU B 630 14.92 -48.27 33.37
N SER B 631 15.36 -47.02 33.51
CA SER B 631 15.02 -46.22 34.72
C SER B 631 13.51 -46.00 34.78
N GLN B 632 12.88 -45.72 33.63
CA GLN B 632 11.43 -45.47 33.60
C GLN B 632 10.74 -46.76 34.03
N ILE B 633 11.25 -47.90 33.58
CA ILE B 633 10.62 -49.22 33.91
C ILE B 633 11.22 -49.85 35.18
N LYS B 634 12.35 -49.37 35.68
CA LYS B 634 12.88 -49.96 36.94
C LYS B 634 11.93 -49.56 38.06
N GLN B 635 11.03 -48.62 37.78
CA GLN B 635 10.09 -48.11 38.81
C GLN B 635 8.75 -48.81 38.63
N TYR B 636 8.72 -49.87 37.83
CA TYR B 636 7.43 -50.54 37.53
C TYR B 636 7.41 -52.01 37.97
N TYR B 637 6.31 -52.43 38.60
CA TYR B 637 6.15 -53.86 38.97
C TYR B 637 6.72 -54.12 40.38
N LEU B 638 6.24 -55.16 41.05
CA LEU B 638 6.84 -55.52 42.37
C LEU B 638 8.19 -56.16 42.03
N PRO B 639 9.32 -55.69 42.60
CA PRO B 639 10.62 -56.23 42.21
C PRO B 639 10.77 -57.72 42.53
N GLN B 640 10.26 -58.15 43.69
CA GLN B 640 10.38 -59.57 44.11
C GLN B 640 9.20 -60.39 43.58
N GLN B 641 9.44 -61.65 43.23
CA GLN B 641 8.37 -62.52 42.66
C GLN B 641 7.38 -62.88 43.79
N ASP B 642 6.18 -63.31 43.43
CA ASP B 642 5.21 -63.76 44.47
C ASP B 642 4.35 -62.58 44.92
N LEU B 643 4.59 -61.38 44.37
CA LEU B 643 3.68 -60.24 44.67
C LEU B 643 2.32 -60.62 44.10
N LEU B 644 1.23 -60.29 44.79
CA LEU B 644 -0.11 -60.76 44.33
C LEU B 644 -0.39 -60.23 42.92
N PRO B 645 -0.08 -58.96 42.60
CA PRO B 645 -0.26 -58.56 41.20
C PRO B 645 1.15 -58.26 40.66
N PRO B 646 1.54 -58.85 39.51
CA PRO B 646 2.90 -58.66 39.02
C PRO B 646 2.97 -57.15 38.81
N LEU B 647 1.87 -56.57 38.33
CA LEU B 647 1.81 -55.11 38.12
C LEU B 647 0.41 -54.63 38.54
N LYS B 648 0.27 -53.35 38.83
CA LYS B 648 -1.07 -52.79 39.18
C LYS B 648 -1.33 -51.50 38.39
N LEU B 649 -2.58 -51.05 38.35
CA LEU B 649 -2.91 -49.76 37.70
C LEU B 649 -2.01 -48.72 38.37
N GLU B 650 -1.77 -48.84 39.67
CA GLU B 650 -0.82 -47.92 40.35
C GLU B 650 0.41 -48.73 40.79
N GLY B 651 0.69 -49.86 40.13
CA GLY B 651 1.81 -50.73 40.54
C GLY B 651 3.04 -50.60 39.66
N CYS B 652 3.03 -49.70 38.68
CA CYS B 652 4.18 -49.61 37.73
C CYS B 652 4.92 -48.28 37.84
N ILE B 653 4.72 -47.53 38.92
CA ILE B 653 5.34 -46.17 38.98
C ILE B 653 4.66 -45.35 37.87
N MET B 654 5.44 -44.92 36.87
CA MET B 654 4.82 -44.21 35.71
C MET B 654 5.86 -43.93 34.63
N ALA B 655 5.48 -43.21 33.58
CA ALA B 655 6.44 -42.81 32.54
C ALA B 655 6.76 -41.34 32.77
N GLN B 656 5.73 -40.49 32.91
CA GLN B 656 5.96 -39.03 33.08
C GLN B 656 5.35 -38.50 34.38
N GLY B 657 4.05 -38.75 34.64
CA GLY B 657 3.38 -38.19 35.84
C GLY B 657 2.86 -39.28 36.76
N ASP B 658 1.70 -39.88 36.47
CA ASP B 658 1.20 -41.02 37.27
C ASP B 658 0.12 -40.83 38.33
N GLN B 659 -0.24 -39.61 38.72
CA GLN B 659 -1.23 -39.50 39.77
C GLN B 659 -2.61 -39.11 39.28
N ILE B 660 -2.73 -37.89 38.75
CA ILE B 660 -4.03 -37.39 38.30
C ILE B 660 -4.04 -37.22 36.78
N PHE B 661 -2.83 -37.12 36.23
CA PHE B 661 -2.62 -37.06 34.76
C PHE B 661 -1.80 -38.33 34.51
N LEU B 662 -2.42 -39.31 33.87
CA LEU B 662 -1.72 -40.60 33.64
C LEU B 662 -0.25 -40.35 33.35
N GLN B 663 0.62 -41.22 33.87
CA GLN B 663 2.06 -41.12 33.54
C GLN B 663 2.16 -41.78 32.16
N GLU B 664 3.35 -42.16 31.72
CA GLU B 664 3.34 -42.76 30.36
C GLU B 664 2.25 -43.82 30.44
N PRO B 665 1.31 -43.88 29.49
CA PRO B 665 0.19 -44.82 29.64
C PRO B 665 0.85 -46.16 29.89
N LEU B 666 0.32 -46.95 30.82
CA LEU B 666 1.05 -48.19 31.18
C LEU B 666 1.24 -49.00 29.91
N ALA B 667 0.23 -49.08 29.06
CA ALA B 667 0.43 -49.79 27.78
C ALA B 667 1.50 -49.05 26.98
N HIS B 668 1.41 -47.72 26.93
CA HIS B 668 2.36 -46.95 26.08
C HIS B 668 3.75 -47.15 26.64
N LEU B 669 3.92 -46.89 27.93
CA LEU B 669 5.25 -46.99 28.55
C LEU B 669 5.82 -48.33 28.08
N LEU B 670 4.94 -49.32 27.98
CA LEU B 670 5.40 -50.67 27.60
C LEU B 670 5.47 -50.78 26.08
N CYS B 671 4.63 -50.07 25.34
CA CYS B 671 4.66 -50.31 23.90
C CYS B 671 5.95 -49.80 23.32
N CYS B 672 6.38 -48.63 23.80
CA CYS B 672 7.73 -48.18 23.55
C CYS B 672 8.70 -49.26 23.99
N ILE B 673 8.42 -49.87 25.16
CA ILE B 673 9.28 -50.93 25.69
C ILE B 673 9.30 -52.09 24.74
N GLN B 674 8.18 -52.34 24.05
CA GLN B 674 8.07 -53.54 23.17
C GLN B 674 8.86 -53.37 21.87
N HIS B 675 8.49 -52.38 21.05
CA HIS B 675 9.16 -52.19 19.74
C HIS B 675 10.62 -51.87 20.04
N CYS B 676 10.87 -51.06 21.07
CA CYS B 676 12.25 -50.78 21.50
C CYS B 676 12.85 -52.10 22.00
N LEU B 677 12.05 -52.92 22.68
CA LEU B 677 12.55 -54.24 23.15
C LEU B 677 12.93 -55.04 21.91
N ALA B 678 12.06 -55.03 20.89
CA ALA B 678 12.43 -55.68 19.62
C ALA B 678 13.58 -54.86 19.05
N TRP B 679 13.69 -53.61 19.50
CA TRP B 679 14.72 -52.70 18.92
C TRP B 679 16.16 -53.18 19.08
N TYR B 680 16.59 -53.57 20.27
CA TYR B 680 18.04 -53.86 20.47
C TYR B 680 18.49 -54.93 19.48
N LYS B 681 17.70 -55.98 19.33
CA LYS B 681 18.05 -57.05 18.36
C LYS B 681 16.81 -57.25 17.50
N SER B 682 16.82 -56.75 16.27
CA SER B 682 15.66 -57.02 15.38
C SER B 682 14.69 -55.84 15.33
N THR B 683 14.98 -54.73 16.02
CA THR B 683 14.10 -53.54 15.85
C THR B 683 14.93 -52.36 15.34
N VAL B 684 15.80 -51.82 16.20
CA VAL B 684 16.72 -50.75 15.71
C VAL B 684 17.85 -51.47 14.98
N HIS B 685 18.51 -52.42 15.67
CA HIS B 685 19.60 -53.22 15.04
C HIS B 685 19.09 -54.65 14.89
N LEU B 686 19.20 -55.24 13.69
CA LEU B 686 18.57 -56.56 13.47
C LEU B 686 19.16 -57.56 14.46
N CYS B 687 20.46 -57.48 14.71
CA CYS B 687 21.04 -58.36 15.75
C CYS B 687 21.95 -57.50 16.61
N LYS B 688 22.32 -56.32 16.10
CA LYS B 688 23.30 -55.49 16.85
C LYS B 688 24.51 -56.40 17.11
N GLY B 689 24.89 -57.20 16.11
CA GLY B 689 25.98 -58.18 16.32
C GLY B 689 27.25 -57.45 16.70
N ALA B 690 27.49 -56.31 16.05
CA ALA B 690 28.67 -55.49 16.41
C ALA B 690 28.56 -54.98 17.85
N GLU B 691 27.37 -54.53 18.29
CA GLU B 691 27.29 -53.90 19.63
C GLU B 691 26.02 -54.24 20.44
N ASP B 692 24.84 -53.79 20.00
CA ASP B 692 23.60 -53.90 20.83
C ASP B 692 23.22 -55.34 21.21
N GLU B 693 23.30 -56.29 20.28
CA GLU B 693 23.03 -57.70 20.64
C GLU B 693 24.37 -58.44 20.75
N GLU B 694 25.48 -57.70 20.61
CA GLU B 694 26.81 -58.37 20.60
C GLU B 694 27.00 -59.08 21.93
N GLU B 695 27.45 -60.34 21.88
CA GLU B 695 27.71 -61.12 23.11
C GLU B 695 26.43 -61.15 23.98
N GLU B 696 25.27 -61.39 23.36
CA GLU B 696 24.02 -61.50 24.16
C GLU B 696 23.87 -60.22 24.98
N GLU B 697 23.99 -59.06 24.34
CA GLU B 697 23.93 -57.76 25.06
C GLU B 697 22.60 -57.61 25.79
N ASP B 698 21.50 -58.10 25.20
CA ASP B 698 20.15 -58.05 25.84
C ASP B 698 20.24 -57.80 27.35
N VAL B 699 21.17 -58.41 28.07
CA VAL B 699 21.21 -58.26 29.53
C VAL B 699 20.96 -56.82 29.95
N GLY B 700 21.76 -55.89 29.43
CA GLY B 700 21.61 -54.49 29.80
C GLY B 700 20.27 -53.89 29.42
N PHE B 701 20.00 -53.76 28.11
CA PHE B 701 18.77 -53.12 27.68
C PHE B 701 17.52 -53.92 28.04
N GLU B 702 17.58 -55.26 27.94
CA GLU B 702 16.41 -56.07 28.21
C GLU B 702 16.66 -57.43 28.87
N GLN B 703 17.76 -57.68 29.57
CA GLN B 703 17.74 -58.85 30.42
C GLN B 703 16.71 -58.64 31.49
N ASN B 704 16.81 -57.51 32.18
CA ASN B 704 15.75 -57.06 33.08
C ASN B 704 14.44 -56.94 32.32
N PHE B 705 14.53 -56.65 31.04
CA PHE B 705 13.34 -56.67 30.20
C PHE B 705 12.72 -58.06 30.16
N GLU B 706 13.43 -59.04 29.62
CA GLU B 706 12.86 -60.34 29.36
C GLU B 706 12.42 -61.00 30.65
N GLU B 707 13.19 -60.77 31.72
CA GLU B 707 12.74 -61.16 33.05
C GLU B 707 11.38 -60.55 33.35
N MET B 708 11.24 -59.24 33.13
CA MET B 708 9.95 -58.60 33.38
C MET B 708 8.93 -59.09 32.39
N LEU B 709 9.39 -59.58 31.26
CA LEU B 709 8.48 -60.04 30.25
C LEU B 709 7.77 -61.28 30.74
N GLU B 710 8.55 -62.34 30.97
CA GLU B 710 8.00 -63.58 31.50
C GLU B 710 7.20 -63.32 32.77
N SER B 711 7.64 -62.32 33.55
CA SER B 711 6.88 -61.88 34.70
C SER B 711 5.48 -61.42 34.31
N VAL B 712 5.39 -60.33 33.55
CA VAL B 712 4.11 -59.62 33.37
C VAL B 712 3.07 -60.53 32.72
N THR B 713 3.53 -61.54 31.99
CA THR B 713 2.64 -62.59 31.54
C THR B 713 2.23 -63.48 32.71
N ARG B 714 3.20 -64.19 33.31
CA ARG B 714 2.89 -65.29 34.22
C ARG B 714 2.03 -64.81 35.37
N ARG B 715 2.25 -63.58 35.80
CA ARG B 715 1.41 -62.98 36.83
C ARG B 715 0.04 -62.59 36.33
N MET B 716 -0.33 -62.99 35.12
CA MET B 716 -1.63 -62.59 34.60
C MET B 716 -2.77 -63.30 35.32
N ILE B 717 -2.44 -64.25 36.20
CA ILE B 717 -3.44 -64.78 37.10
C ILE B 717 -3.89 -63.65 38.02
N LYS B 718 -5.15 -63.68 38.42
CA LYS B 718 -5.67 -62.64 39.28
C LYS B 718 -6.95 -62.09 38.71
N SER B 735 -5.46 -41.05 38.86
CA SER B 735 -6.87 -40.64 38.94
C SER B 735 -7.72 -41.32 37.86
N SER B 736 -8.64 -42.19 38.27
CA SER B 736 -9.59 -42.82 37.35
C SER B 736 -10.78 -43.35 38.13
N GLY B 737 -11.94 -42.73 37.94
CA GLY B 737 -13.13 -43.19 38.64
C GLY B 737 -13.62 -44.52 38.13
N VAL B 738 -14.21 -44.54 36.96
CA VAL B 738 -14.54 -45.82 36.35
C VAL B 738 -13.67 -45.96 35.11
N GLY B 739 -13.89 -45.06 34.15
CA GLY B 739 -13.30 -45.22 32.84
C GLY B 739 -11.80 -45.25 32.87
N VAL B 740 -11.17 -44.10 33.15
CA VAL B 740 -9.72 -43.92 33.01
C VAL B 740 -8.95 -44.97 33.80
N LYS B 741 -9.45 -45.31 34.99
CA LYS B 741 -8.98 -46.47 35.74
C LYS B 741 -8.98 -47.71 34.87
N ASN B 742 -10.14 -48.11 34.37
CA ASN B 742 -10.22 -49.32 33.55
C ASN B 742 -9.37 -49.24 32.30
N ASN B 743 -9.71 -48.35 31.37
CA ASN B 743 -9.18 -48.41 30.02
C ASN B 743 -7.82 -47.74 29.88
N ILE B 744 -7.20 -47.31 30.99
CA ILE B 744 -5.84 -46.80 30.96
C ILE B 744 -4.97 -47.47 32.01
N TYR B 745 -5.41 -47.46 33.26
CA TYR B 745 -4.73 -48.29 34.24
C TYR B 745 -4.89 -49.75 33.88
N ALA B 746 -6.10 -50.30 34.02
CA ALA B 746 -6.29 -51.66 33.59
C ALA B 746 -6.19 -51.76 32.10
N ILE B 747 -6.29 -50.62 31.41
CA ILE B 747 -5.89 -50.56 30.03
C ILE B 747 -4.40 -50.86 29.90
N GLN B 748 -3.61 -50.60 30.92
CA GLN B 748 -2.24 -51.06 30.88
C GLN B 748 -2.20 -52.57 30.89
N VAL B 749 -3.28 -53.19 31.37
CA VAL B 749 -3.44 -54.61 31.17
C VAL B 749 -4.05 -54.92 29.79
N MET B 750 -4.95 -54.06 29.33
CA MET B 750 -5.50 -54.22 27.99
C MET B 750 -4.35 -54.27 27.01
N GLY B 751 -3.52 -53.26 27.07
CA GLY B 751 -2.30 -53.30 26.32
C GLY B 751 -1.26 -54.19 26.96
N ILE B 752 -1.49 -54.66 28.17
CA ILE B 752 -0.60 -55.67 28.72
C ILE B 752 -0.70 -56.91 27.87
N CYS B 753 -1.91 -57.25 27.50
CA CYS B 753 -2.12 -58.30 26.53
C CYS B 753 -1.84 -57.80 25.12
N GLU B 754 -1.99 -56.50 24.89
CA GLU B 754 -1.59 -55.94 23.62
C GLU B 754 -0.10 -56.20 23.37
N VAL B 755 0.77 -55.53 24.14
CA VAL B 755 2.21 -55.73 24.03
C VAL B 755 2.57 -57.18 24.32
N LEU B 756 1.73 -57.89 25.07
CA LEU B 756 1.98 -59.29 25.29
C LEU B 756 1.92 -60.06 23.99
N ILE B 757 0.82 -59.91 23.24
CA ILE B 757 0.58 -60.69 22.03
C ILE B 757 1.79 -60.64 21.15
N GLU B 758 2.40 -59.48 21.06
CA GLU B 758 3.68 -59.38 20.41
C GLU B 758 4.71 -60.22 21.13
N TYR B 759 4.92 -59.96 22.43
CA TYR B 759 6.06 -60.52 23.17
C TYR B 759 6.05 -62.05 23.11
N ASN B 760 5.00 -62.66 23.66
CA ASN B 760 4.84 -64.10 23.55
C ASN B 760 4.73 -64.56 22.11
N PHE B 761 3.65 -64.21 21.41
CA PHE B 761 3.27 -64.94 20.21
C PHE B 761 4.14 -64.57 19.03
N LYS B 762 5.13 -63.74 19.24
CA LYS B 762 6.20 -63.60 18.28
C LYS B 762 7.53 -64.01 18.87
N ILE B 763 7.54 -64.41 20.14
CA ILE B 763 8.79 -64.70 20.81
C ILE B 763 9.30 -66.10 20.48
N GLY B 764 8.71 -66.75 19.48
CA GLY B 764 8.97 -68.17 19.19
C GLY B 764 7.75 -69.08 19.05
N ASN B 765 6.63 -68.51 18.59
CA ASN B 765 5.31 -69.09 18.82
C ASN B 765 4.96 -70.23 17.87
N PHE B 766 5.96 -70.88 17.31
CA PHE B 766 5.77 -72.27 16.91
C PHE B 766 5.27 -73.10 18.09
N SER B 767 5.91 -72.98 19.25
CA SER B 767 5.66 -73.88 20.37
C SER B 767 4.31 -73.64 21.01
N LYS B 768 3.68 -74.72 21.48
CA LYS B 768 2.29 -74.64 21.93
C LYS B 768 2.14 -73.89 23.23
N ASN B 769 3.26 -73.70 23.95
CA ASN B 769 3.21 -72.96 25.20
C ASN B 769 2.69 -71.54 24.97
N LYS B 770 3.41 -70.74 24.18
CA LYS B 770 3.06 -69.33 24.00
C LYS B 770 1.64 -69.20 23.44
N PHE B 771 1.22 -70.16 22.62
CA PHE B 771 -0.14 -70.13 22.09
C PHE B 771 -1.16 -70.34 23.20
N GLU B 772 -0.89 -71.29 24.10
CA GLU B 772 -1.76 -71.44 25.26
C GLU B 772 -1.81 -70.14 26.04
N ASP B 773 -0.67 -69.45 26.08
CA ASP B 773 -0.60 -68.20 26.84
C ASP B 773 -1.44 -67.11 26.20
N VAL B 774 -1.34 -66.99 24.88
CA VAL B 774 -2.14 -66.01 24.17
C VAL B 774 -3.61 -66.29 24.41
N LEU B 775 -3.98 -67.57 24.42
CA LEU B 775 -5.34 -67.93 24.74
C LEU B 775 -5.73 -67.41 26.12
N GLY B 776 -4.82 -67.55 27.07
CA GLY B 776 -5.09 -67.02 28.38
C GLY B 776 -5.31 -65.53 28.35
N LEU B 777 -4.38 -64.81 27.73
CA LEU B 777 -4.40 -63.35 27.81
C LEU B 777 -5.66 -62.82 27.18
N PHE B 778 -6.07 -63.41 26.06
CA PHE B 778 -7.29 -62.99 25.40
C PHE B 778 -8.49 -63.34 26.26
N THR B 779 -8.38 -64.42 27.05
CA THR B 779 -9.41 -64.71 28.03
C THR B 779 -9.52 -63.55 29.00
N CYS B 780 -8.38 -63.01 29.38
CA CYS B 780 -8.37 -61.90 30.32
C CYS B 780 -8.95 -60.64 29.68
N TYR B 781 -8.52 -60.35 28.47
CA TYR B 781 -8.97 -59.15 27.79
C TYR B 781 -10.47 -59.18 27.60
N ASN B 782 -10.98 -60.32 27.14
CA ASN B 782 -12.42 -60.47 26.97
C ASN B 782 -13.13 -60.39 28.30
N LYS B 783 -12.45 -60.82 29.37
CA LYS B 783 -12.97 -60.58 30.70
C LYS B 783 -13.10 -59.09 30.96
N LEU B 784 -12.15 -58.30 30.47
CA LEU B 784 -12.22 -56.87 30.69
C LEU B 784 -13.40 -56.26 29.95
N SER B 785 -13.84 -56.88 28.86
CA SER B 785 -14.95 -56.36 28.07
C SER B 785 -16.22 -56.54 28.90
N GLU B 786 -16.31 -55.73 29.93
CA GLU B 786 -17.43 -55.76 30.85
C GLU B 786 -18.08 -54.41 30.95
N ILE B 787 -17.34 -53.33 30.73
CA ILE B 787 -17.93 -52.00 30.71
C ILE B 787 -18.74 -51.82 29.44
N LEU B 788 -18.53 -52.69 28.48
CA LEU B 788 -19.34 -52.81 27.28
C LEU B 788 -19.07 -54.21 26.76
N LYS B 789 -19.38 -54.41 25.48
CA LYS B 789 -18.83 -55.53 24.72
C LYS B 789 -18.07 -55.04 23.49
N GLU B 790 -17.22 -55.93 22.94
CA GLU B 790 -16.40 -55.64 21.77
C GLU B 790 -16.31 -56.88 20.86
N LYS B 791 -15.77 -56.70 19.64
CA LYS B 791 -15.82 -57.77 18.65
C LYS B 791 -14.78 -57.61 17.54
N ALA B 792 -14.96 -58.41 16.48
CA ALA B 792 -14.18 -58.47 15.24
C ALA B 792 -14.71 -57.66 14.07
N GLY B 793 -14.35 -58.06 12.84
CA GLY B 793 -15.04 -57.54 11.66
C GLY B 793 -15.62 -58.55 10.68
N LYS B 794 -16.90 -58.36 10.32
CA LYS B 794 -17.62 -59.29 9.45
C LYS B 794 -18.58 -58.64 8.46
N ASN B 795 -18.61 -57.33 8.34
CA ASN B 795 -19.49 -56.67 7.39
C ASN B 795 -18.69 -55.60 6.65
N LYS B 796 -19.36 -54.86 5.78
CA LYS B 796 -18.77 -53.77 5.02
C LYS B 796 -17.96 -52.86 5.92
N SER B 797 -16.78 -52.45 5.44
CA SER B 797 -15.76 -51.73 6.22
C SER B 797 -15.47 -50.30 5.74
N THR B 798 -16.51 -49.51 5.47
CA THR B 798 -16.31 -48.10 5.22
C THR B 798 -16.21 -47.31 6.51
N LEU B 799 -16.00 -48.00 7.64
CA LEU B 799 -15.68 -47.32 8.90
C LEU B 799 -14.47 -47.95 9.59
N GLY B 800 -14.38 -49.29 9.58
CA GLY B 800 -13.45 -49.99 10.44
C GLY B 800 -13.93 -51.26 11.11
N ASN B 801 -14.09 -51.17 12.44
CA ASN B 801 -14.77 -52.15 13.32
C ASN B 801 -15.58 -51.42 14.40
N ARG B 802 -16.38 -52.18 15.16
CA ARG B 802 -17.53 -51.60 15.88
C ARG B 802 -17.15 -50.85 17.16
N ILE B 803 -16.08 -51.27 17.85
CA ILE B 803 -15.66 -50.61 19.09
C ILE B 803 -14.21 -50.94 19.35
N ALA B 804 -13.42 -49.93 19.71
CA ALA B 804 -11.99 -50.17 19.85
C ALA B 804 -11.10 -49.00 20.27
N ARG B 805 -9.81 -49.26 20.34
CA ARG B 805 -8.78 -48.25 20.50
C ARG B 805 -7.57 -48.80 19.76
N SER B 806 -6.41 -48.26 20.11
CA SER B 806 -5.15 -48.66 19.53
C SER B 806 -4.94 -50.16 19.59
N PHE B 807 -4.24 -50.66 18.62
CA PHE B 807 -3.99 -52.07 18.47
C PHE B 807 -2.52 -52.33 18.63
N LEU B 808 -2.11 -53.51 18.21
CA LEU B 808 -0.71 -53.92 18.10
C LEU B 808 -0.08 -53.24 16.89
N SER B 809 0.99 -53.83 16.36
CA SER B 809 1.86 -53.18 15.40
C SER B 809 1.20 -52.98 14.04
N MET B 810 2.03 -52.72 13.03
CA MET B 810 1.47 -52.31 11.74
C MET B 810 1.57 -53.41 10.70
N GLY B 811 2.49 -54.36 10.91
CA GLY B 811 2.43 -55.61 10.17
C GLY B 811 1.71 -56.69 10.94
N PHE B 812 0.95 -56.29 11.94
CA PHE B 812 0.34 -57.27 12.81
C PHE B 812 -0.97 -57.72 12.24
N VAL B 813 -1.76 -56.81 11.70
CA VAL B 813 -2.89 -57.22 10.89
C VAL B 813 -2.44 -58.22 9.83
N SER B 814 -1.26 -58.02 9.25
CA SER B 814 -0.73 -58.97 8.28
C SER B 814 -0.45 -60.33 8.90
N THR B 815 0.52 -60.44 9.81
CA THR B 815 0.97 -61.75 10.31
C THR B 815 -0.17 -62.53 10.93
N LEU B 816 -0.96 -61.88 11.78
CA LEU B 816 -2.07 -62.56 12.48
C LEU B 816 -3.19 -62.89 11.48
N LEU B 817 -3.60 -61.93 10.65
CA LEU B 817 -4.75 -62.15 9.71
C LEU B 817 -4.40 -63.22 8.68
N THR B 818 -3.17 -63.25 8.18
CA THR B 818 -2.80 -64.18 7.07
C THR B 818 -2.15 -65.48 7.56
N ALA B 819 -2.13 -65.75 8.87
CA ALA B 819 -1.58 -67.04 9.35
C ALA B 819 -2.66 -67.83 10.10
N LEU B 820 -3.36 -67.20 11.04
CA LEU B 820 -4.37 -67.89 11.86
C LEU B 820 -5.77 -67.55 11.34
N PHE B 821 -5.87 -66.92 10.17
CA PHE B 821 -7.18 -66.54 9.59
C PHE B 821 -7.42 -67.33 8.29
N ARG B 822 -6.66 -68.40 8.08
CA ARG B 822 -6.74 -69.15 6.81
C ARG B 822 -5.50 -68.78 5.99
N ASP B 823 -5.14 -69.61 5.00
CA ASP B 823 -3.90 -69.36 4.21
C ASP B 823 -2.71 -69.98 4.95
N ASN B 824 -2.96 -70.69 6.06
CA ASN B 824 -1.85 -71.26 6.87
C ASN B 824 -2.10 -72.75 7.17
N ALA B 825 -1.88 -73.64 6.19
CA ALA B 825 -1.99 -75.10 6.42
C ALA B 825 -0.59 -75.69 6.29
N GLN B 826 -0.18 -76.56 7.22
CA GLN B 826 1.20 -77.03 7.18
C GLN B 826 1.44 -78.04 8.29
N SER B 827 2.71 -78.34 8.57
CA SER B 827 3.02 -79.35 9.58
C SER B 827 2.51 -78.97 10.96
N HIS B 828 3.06 -77.91 11.55
CA HIS B 828 2.81 -77.68 12.98
C HIS B 828 1.45 -77.05 13.26
N GLU B 829 0.39 -77.64 12.72
CA GLU B 829 -0.89 -76.99 12.75
C GLU B 829 -1.58 -77.17 14.09
N GLU B 830 -0.87 -77.68 15.09
CA GLU B 830 -1.53 -78.06 16.33
C GLU B 830 -2.10 -76.86 17.06
N SER B 831 -1.21 -75.97 17.53
CA SER B 831 -1.68 -74.80 18.25
C SER B 831 -2.60 -73.99 17.37
N LEU B 832 -2.21 -73.82 16.11
CA LEU B 832 -2.98 -73.01 15.17
C LEU B 832 -4.39 -73.55 15.00
N ALA B 833 -4.60 -74.83 15.34
CA ALA B 833 -5.95 -75.33 15.46
C ALA B 833 -6.50 -75.05 16.84
N VAL B 834 -5.65 -75.12 17.87
CA VAL B 834 -6.13 -74.97 19.24
C VAL B 834 -6.68 -73.58 19.45
N LEU B 835 -5.84 -72.59 19.22
CA LEU B 835 -6.33 -71.23 19.04
C LEU B 835 -7.22 -71.12 17.81
N ARG B 836 -6.92 -71.90 16.76
CA ARG B 836 -7.72 -71.88 15.55
C ARG B 836 -9.14 -72.25 15.88
N SER B 837 -9.32 -73.10 16.89
CA SER B 837 -10.63 -73.38 17.43
C SER B 837 -11.04 -72.35 18.46
N SER B 838 -10.45 -71.16 18.42
CA SER B 838 -10.96 -70.11 19.28
C SER B 838 -12.41 -69.83 18.95
N THR B 839 -12.70 -69.27 17.78
CA THR B 839 -14.07 -69.03 17.37
C THR B 839 -14.78 -67.96 18.21
N GLU B 840 -14.07 -67.38 19.15
CA GLU B 840 -14.49 -66.13 19.75
C GLU B 840 -13.31 -65.18 19.83
N PHE B 841 -12.11 -65.74 19.73
CA PHE B 841 -10.89 -64.96 19.89
C PHE B 841 -10.05 -65.04 18.64
N MET B 842 -10.69 -65.41 17.53
CA MET B 842 -10.19 -65.07 16.21
C MET B 842 -11.21 -64.19 15.48
N ARG B 843 -12.46 -64.63 15.40
CA ARG B 843 -13.51 -63.82 14.79
C ARG B 843 -13.92 -62.67 15.69
N TYR B 844 -13.13 -62.42 16.72
CA TYR B 844 -13.11 -61.10 17.33
C TYR B 844 -11.76 -60.43 17.09
N ALA B 845 -10.75 -61.20 16.71
CA ALA B 845 -9.42 -60.65 16.58
C ALA B 845 -9.16 -60.27 15.14
N VAL B 846 -10.20 -59.83 14.47
CA VAL B 846 -10.06 -59.38 13.09
C VAL B 846 -10.60 -57.97 12.97
N SER B 847 -11.34 -57.51 13.98
CA SER B 847 -11.69 -56.10 14.01
C SER B 847 -10.46 -55.23 14.11
N VAL B 848 -9.37 -55.77 14.67
CA VAL B 848 -8.11 -55.06 14.76
C VAL B 848 -7.64 -54.70 13.38
N ALA B 849 -7.68 -55.65 12.45
CA ALA B 849 -7.31 -55.37 11.06
C ALA B 849 -8.36 -54.54 10.35
N LEU B 850 -9.64 -54.83 10.57
CA LEU B 850 -10.71 -54.08 9.92
C LEU B 850 -10.71 -52.62 10.36
N GLN B 851 -10.20 -52.33 11.55
CA GLN B 851 -10.23 -50.96 12.07
C GLN B 851 -8.94 -50.20 11.76
N LYS B 852 -7.79 -50.87 11.87
CA LYS B 852 -6.54 -50.31 11.37
C LYS B 852 -6.73 -49.84 9.94
N VAL B 853 -7.45 -50.61 9.12
CA VAL B 853 -7.71 -50.22 7.73
C VAL B 853 -8.79 -49.14 7.64
N GLN B 854 -9.85 -49.24 8.44
CA GLN B 854 -10.94 -48.29 8.30
C GLN B 854 -10.59 -46.93 8.89
N GLN B 855 -9.40 -46.78 9.40
CA GLN B 855 -8.92 -45.45 9.71
C GLN B 855 -7.75 -45.05 8.82
N LEU B 856 -6.89 -46.01 8.44
CA LEU B 856 -5.55 -45.67 7.95
C LEU B 856 -5.58 -45.14 6.54
N GLU B 857 -6.77 -44.83 6.06
CA GLU B 857 -7.03 -43.92 4.97
C GLU B 857 -8.28 -43.12 5.19
N GLU B 858 -8.71 -42.95 6.43
CA GLU B 858 -9.77 -41.98 6.67
C GLU B 858 -9.19 -40.73 7.32
N MET B 859 -7.97 -40.85 7.84
CA MET B 859 -7.34 -39.75 8.55
C MET B 859 -5.88 -39.54 8.22
N GLY B 860 -5.32 -40.27 7.27
CA GLY B 860 -4.08 -39.84 6.70
C GLY B 860 -2.89 -40.68 7.02
N GLN B 861 -2.75 -41.18 8.23
CA GLN B 861 -1.62 -42.05 8.54
C GLN B 861 -1.90 -42.78 9.85
N THR B 862 -2.10 -44.09 9.76
CA THR B 862 -2.57 -44.91 10.87
C THR B 862 -1.36 -45.31 11.68
N ASP B 863 -1.52 -45.38 13.01
CA ASP B 863 -0.43 -45.11 13.95
C ASP B 863 0.20 -46.39 14.48
N GLY B 864 1.38 -46.70 13.97
CA GLY B 864 2.10 -47.87 14.39
C GLY B 864 3.49 -47.83 13.85
N PRO B 865 4.43 -48.45 14.55
CA PRO B 865 5.83 -48.12 14.34
C PRO B 865 6.32 -48.56 12.99
N ASP B 866 6.74 -47.59 12.19
CA ASP B 866 6.96 -47.71 10.74
C ASP B 866 5.67 -47.66 9.92
N GLY B 867 4.79 -46.71 10.25
CA GLY B 867 3.48 -46.60 9.68
C GLY B 867 3.09 -45.25 9.14
N GLN B 868 3.98 -44.55 8.47
CA GLN B 868 3.64 -43.37 7.68
C GLN B 868 4.15 -43.40 6.26
N ASN B 869 5.35 -43.96 6.01
CA ASN B 869 6.00 -43.89 4.71
C ASN B 869 5.16 -44.61 3.66
N PRO B 870 4.54 -43.89 2.71
CA PRO B 870 3.35 -44.41 1.98
C PRO B 870 3.55 -45.69 1.17
N GLU B 871 4.78 -46.10 0.88
CA GLU B 871 4.97 -47.43 0.28
C GLU B 871 4.71 -48.54 1.29
N LYS B 872 5.19 -48.38 2.53
CA LYS B 872 4.97 -49.40 3.55
C LYS B 872 3.58 -49.28 4.14
N MET B 873 2.88 -48.22 3.83
CA MET B 873 1.44 -48.29 3.96
C MET B 873 0.87 -49.09 2.82
N PHE B 874 1.50 -49.03 1.64
CA PHE B 874 0.90 -49.64 0.45
C PHE B 874 0.92 -51.16 0.51
N GLN B 875 2.12 -51.73 0.54
CA GLN B 875 2.32 -53.18 0.40
C GLN B 875 1.48 -53.95 1.40
N ASN B 876 1.46 -53.51 2.65
CA ASN B 876 0.52 -54.06 3.62
C ASN B 876 -0.92 -53.78 3.22
N LEU B 877 -1.17 -52.62 2.59
CA LEU B 877 -2.53 -52.25 2.24
C LEU B 877 -3.09 -53.22 1.22
N CYS B 878 -2.21 -53.99 0.58
CA CYS B 878 -2.65 -54.97 -0.42
C CYS B 878 -2.63 -56.42 0.11
N LYS B 879 -1.62 -56.77 0.91
CA LYS B 879 -1.53 -58.11 1.48
C LYS B 879 -2.74 -58.42 2.33
N ILE B 880 -3.25 -57.41 3.02
CA ILE B 880 -4.47 -57.61 3.78
C ILE B 880 -5.63 -57.95 2.87
N THR B 881 -5.63 -57.43 1.65
CA THR B 881 -6.79 -57.61 0.76
C THR B 881 -6.81 -59.01 0.17
N ARG B 882 -5.66 -59.47 -0.33
CA ARG B 882 -5.56 -60.84 -0.86
C ARG B 882 -5.93 -61.88 0.18
N VAL B 883 -5.36 -61.77 1.39
CA VAL B 883 -5.64 -62.77 2.41
C VAL B 883 -7.04 -62.59 2.97
N LEU B 884 -7.66 -61.45 2.75
CA LEU B 884 -9.06 -61.37 3.08
C LEU B 884 -9.85 -62.21 2.12
N LEU B 885 -9.41 -62.22 0.87
CA LEU B 885 -10.19 -62.91 -0.17
C LEU B 885 -10.12 -64.43 -0.06
N TRP B 886 -8.91 -64.99 0.01
CA TRP B 886 -8.73 -66.43 -0.23
C TRP B 886 -9.26 -67.29 0.91
N ARG B 887 -10.02 -66.69 1.81
CA ARG B 887 -10.77 -67.33 2.85
C ARG B 887 -12.06 -66.59 3.08
N TYR B 888 -12.33 -65.57 2.29
CA TYR B 888 -13.70 -65.12 2.09
C TYR B 888 -14.14 -65.41 0.68
N THR B 889 -13.27 -65.99 -0.11
CA THR B 889 -13.63 -66.61 -1.37
C THR B 889 -13.11 -68.03 -1.50
N SER B 890 -12.99 -68.76 -0.39
CA SER B 890 -12.61 -70.16 -0.39
C SER B 890 -13.32 -70.93 0.70
N ILE B 891 -14.52 -70.52 1.10
CA ILE B 891 -15.24 -71.19 2.16
C ILE B 891 -16.60 -70.57 2.36
N ILE B 906 -19.86 -63.45 11.42
CA ILE B 906 -18.46 -63.67 11.72
C ILE B 906 -17.86 -64.25 10.49
N SER B 907 -18.68 -64.29 9.44
CA SER B 907 -18.29 -64.93 8.20
C SER B 907 -18.12 -63.96 7.05
N LEU B 908 -18.64 -62.74 7.14
CA LEU B 908 -18.46 -61.80 6.06
C LEU B 908 -17.20 -60.95 6.25
N LEU B 909 -16.15 -61.50 6.82
CA LEU B 909 -15.08 -60.62 7.31
C LEU B 909 -14.10 -60.24 6.23
N CYS B 910 -13.38 -61.22 5.68
CA CYS B 910 -12.31 -60.91 4.74
C CYS B 910 -12.88 -60.43 3.41
N LEU B 911 -14.20 -60.17 3.34
CA LEU B 911 -14.92 -59.59 2.21
C LEU B 911 -16.05 -58.65 2.63
N GLU B 912 -16.05 -58.17 3.86
CA GLU B 912 -16.67 -56.90 4.16
C GLU B 912 -15.60 -55.89 4.53
N GLY B 913 -14.36 -56.32 4.51
CA GLY B 913 -13.33 -55.33 4.36
C GLY B 913 -13.25 -54.77 2.96
N LEU B 914 -14.27 -55.02 2.12
CA LEU B 914 -14.17 -54.77 0.68
C LEU B 914 -14.70 -53.39 0.29
N LEU B 915 -15.88 -53.00 0.80
CA LEU B 915 -16.30 -51.61 0.71
C LEU B 915 -15.16 -50.69 1.11
N ARG B 916 -14.39 -51.09 2.13
CA ARG B 916 -13.36 -50.25 2.71
C ARG B 916 -12.07 -50.34 1.93
N ILE B 917 -11.58 -51.54 1.65
CA ILE B 917 -10.35 -51.71 0.89
C ILE B 917 -10.48 -50.97 -0.43
N PHE B 918 -11.67 -50.99 -1.03
CA PHE B 918 -11.86 -50.38 -2.34
C PHE B 918 -12.00 -48.87 -2.26
N ASN B 919 -13.03 -48.37 -1.56
CA ASN B 919 -13.26 -46.94 -1.47
C ASN B 919 -12.00 -46.23 -1.05
N THR B 920 -11.34 -46.74 -0.01
CA THR B 920 -10.14 -46.06 0.44
C THR B 920 -8.90 -46.66 -0.19
N MET B 921 -9.05 -47.40 -1.29
CA MET B 921 -7.87 -47.77 -2.05
C MET B 921 -7.86 -47.05 -3.36
N GLN B 922 -8.98 -46.44 -3.72
CA GLN B 922 -9.18 -45.76 -5.00
C GLN B 922 -9.41 -44.26 -4.85
N GLN B 923 -10.21 -43.83 -3.87
CA GLN B 923 -10.57 -42.41 -3.77
C GLN B 923 -9.54 -41.62 -2.99
N LEU B 924 -8.98 -42.20 -1.94
CA LEU B 924 -7.94 -41.49 -1.21
C LEU B 924 -6.59 -41.79 -1.81
N TYR B 925 -6.56 -42.53 -2.90
CA TYR B 925 -5.35 -42.67 -3.67
C TYR B 925 -5.80 -43.30 -4.97
N ALA B 926 -5.58 -42.60 -6.09
CA ALA B 926 -5.99 -43.07 -7.41
C ALA B 926 -4.82 -43.48 -8.29
N ALA B 927 -3.73 -42.70 -8.25
CA ALA B 927 -2.57 -42.96 -9.16
C ALA B 927 -2.15 -44.43 -9.15
N ARG B 928 -2.70 -45.24 -8.24
CA ARG B 928 -2.28 -46.65 -8.13
C ARG B 928 -3.38 -47.60 -8.60
N ILE B 929 -4.43 -47.09 -9.26
CA ILE B 929 -5.57 -47.98 -9.61
C ILE B 929 -5.02 -49.10 -10.49
N PRO B 930 -4.15 -48.81 -11.47
CA PRO B 930 -3.55 -49.89 -12.25
C PRO B 930 -2.62 -50.78 -11.41
N GLN B 931 -1.82 -50.16 -10.53
CA GLN B 931 -0.83 -50.95 -9.75
C GLN B 931 -1.51 -51.96 -8.82
N PHE B 932 -2.60 -51.57 -8.15
CA PHE B 932 -3.22 -52.48 -7.15
C PHE B 932 -4.44 -53.20 -7.75
N LEU B 933 -5.01 -52.65 -8.83
CA LEU B 933 -6.24 -53.25 -9.44
C LEU B 933 -5.87 -54.64 -9.96
N GLN B 934 -4.71 -54.74 -10.61
CA GLN B 934 -4.21 -56.06 -11.05
C GLN B 934 -3.84 -56.88 -9.82
N ALA B 935 -3.35 -56.25 -8.75
CA ALA B 935 -2.83 -57.00 -7.58
C ALA B 935 -3.90 -57.92 -6.96
N LEU B 936 -5.15 -57.48 -6.92
CA LEU B 936 -6.23 -58.34 -6.38
C LEU B 936 -6.24 -59.61 -7.22
N ASP B 937 -6.01 -59.47 -8.53
CA ASP B 937 -5.94 -60.64 -9.44
C ASP B 937 -5.07 -61.73 -8.79
N ILE B 938 -5.58 -62.95 -8.72
CA ILE B 938 -4.88 -64.08 -8.11
C ILE B 938 -3.55 -64.29 -8.82
N THR B 939 -2.46 -63.89 -8.17
CA THR B 939 -1.07 -64.10 -8.56
C THR B 939 -0.47 -63.10 -9.56
N ASP B 940 -1.11 -61.97 -9.84
CA ASP B 940 -0.60 -61.06 -10.85
C ASP B 940 -0.76 -59.61 -10.42
N GLY B 941 -0.65 -58.69 -11.39
CA GLY B 941 -0.98 -57.30 -11.21
C GLY B 941 -0.10 -56.51 -10.27
N GLU B 945 -2.88 -53.13 -19.75
CA GLU B 945 -2.70 -52.65 -18.35
C GLU B 945 -3.46 -51.33 -18.17
N ALA B 946 -4.62 -51.37 -17.52
CA ALA B 946 -5.42 -50.14 -17.27
C ALA B 946 -6.83 -50.54 -16.82
N ASP B 947 -7.75 -49.59 -16.73
CA ASP B 947 -9.15 -49.95 -16.40
C ASP B 947 -9.69 -50.83 -17.54
N ILE B 948 -9.38 -50.48 -18.78
CA ILE B 948 -9.77 -51.33 -19.94
C ILE B 948 -8.62 -52.29 -20.25
N ASN B 949 -7.37 -51.81 -20.19
CA ASN B 949 -6.19 -52.64 -20.52
C ASN B 949 -6.14 -53.80 -19.53
N VAL B 950 -6.44 -53.52 -18.26
CA VAL B 950 -6.51 -54.60 -17.22
C VAL B 950 -8.01 -54.85 -17.07
N THR B 951 -8.80 -54.43 -18.07
CA THR B 951 -10.27 -54.64 -18.07
C THR B 951 -10.54 -56.13 -18.03
N GLU B 952 -9.71 -56.94 -18.68
CA GLU B 952 -9.89 -58.41 -18.53
C GLU B 952 -9.69 -58.72 -17.05
N LYS B 953 -8.66 -58.15 -16.41
CA LYS B 953 -8.49 -58.33 -14.95
C LYS B 953 -9.66 -57.67 -14.25
N ALA B 954 -10.04 -56.47 -14.69
CA ALA B 954 -11.19 -55.75 -14.09
C ALA B 954 -12.47 -56.54 -14.32
N ALA B 955 -12.67 -57.08 -15.54
CA ALA B 955 -13.84 -57.93 -15.82
C ALA B 955 -13.75 -59.24 -15.04
N PHE B 956 -12.56 -59.85 -15.02
CA PHE B 956 -12.37 -61.10 -14.24
C PHE B 956 -12.62 -60.74 -12.78
N GLN B 957 -12.08 -59.60 -12.36
CA GLN B 957 -12.30 -59.15 -11.00
C GLN B 957 -13.75 -58.76 -10.78
N ILE B 958 -14.37 -58.07 -11.74
CA ILE B 958 -15.79 -57.79 -11.63
C ILE B 958 -16.56 -59.09 -11.65
N ARG B 959 -15.98 -60.10 -12.27
CA ARG B 959 -16.71 -61.33 -12.49
C ARG B 959 -16.71 -62.20 -11.27
N GLN B 960 -15.61 -62.21 -10.51
CA GLN B 960 -15.56 -63.07 -9.34
C GLN B 960 -16.67 -62.71 -8.39
N PHE B 961 -16.80 -61.42 -8.12
CA PHE B 961 -17.94 -60.93 -7.39
C PHE B 961 -19.23 -61.10 -8.18
N GLN B 962 -19.14 -61.15 -9.51
CA GLN B 962 -20.35 -61.36 -10.28
C GLN B 962 -20.96 -62.69 -9.93
N ARG B 963 -20.23 -63.76 -10.20
CA ARG B 963 -20.68 -65.10 -9.94
C ARG B 963 -21.01 -65.29 -8.48
N SER B 964 -20.32 -64.56 -7.60
CA SER B 964 -20.77 -64.49 -6.22
C SER B 964 -22.16 -63.89 -6.13
N LEU B 965 -22.42 -62.84 -6.92
CA LEU B 965 -23.69 -62.14 -6.82
C LEU B 965 -24.79 -63.04 -7.32
N VAL B 966 -24.44 -63.87 -8.29
CA VAL B 966 -25.39 -64.80 -8.85
C VAL B 966 -25.69 -65.90 -7.86
N ASN B 967 -24.63 -66.45 -7.24
CA ASN B 967 -24.80 -67.52 -6.27
C ASN B 967 -25.70 -67.05 -5.15
N GLN B 968 -25.50 -65.82 -4.72
CA GLN B 968 -26.34 -65.27 -3.66
C GLN B 968 -27.76 -65.04 -4.17
N LEU B 969 -27.89 -64.44 -5.35
CA LEU B 969 -29.20 -63.98 -5.79
C LEU B 969 -30.09 -65.15 -6.09
N SER B 970 -29.56 -66.14 -6.79
CA SER B 970 -30.32 -67.35 -7.02
C SER B 970 -30.45 -68.15 -5.74
N SER B 971 -29.49 -67.97 -4.83
CA SER B 971 -29.57 -68.68 -3.56
C SER B 971 -30.70 -68.13 -2.70
N ALA B 972 -30.59 -66.85 -2.30
CA ALA B 972 -31.59 -66.24 -1.42
C ALA B 972 -31.22 -64.80 -1.05
N GLU B 973 -32.25 -64.05 -0.67
CA GLU B 973 -32.15 -62.73 -0.05
C GLU B 973 -32.85 -62.70 1.31
N ASP B 974 -34.00 -63.37 1.42
CA ASP B 974 -34.50 -63.71 2.74
C ASP B 974 -33.95 -65.06 3.20
N ASP B 975 -33.64 -65.94 2.25
CA ASP B 975 -32.90 -67.16 2.57
C ASP B 975 -31.43 -66.86 2.79
N PHE B 976 -30.96 -65.72 2.29
CA PHE B 976 -29.75 -65.09 2.77
C PHE B 976 -30.15 -63.94 3.70
N ASN B 977 -29.18 -63.13 4.09
CA ASN B 977 -29.53 -61.95 4.85
C ASN B 977 -29.79 -60.79 3.91
N SER B 978 -30.49 -59.77 4.40
CA SER B 978 -30.44 -58.50 3.71
C SER B 978 -29.02 -57.98 3.69
N LYS B 979 -28.23 -58.35 4.72
CA LYS B 979 -26.82 -58.01 4.78
C LYS B 979 -26.08 -58.45 3.54
N GLU B 980 -26.39 -59.65 3.03
CA GLU B 980 -25.83 -60.05 1.74
C GLU B 980 -26.23 -59.09 0.62
N THR B 981 -27.43 -58.52 0.71
CA THR B 981 -27.89 -57.64 -0.35
C THR B 981 -27.15 -56.31 -0.32
N GLN B 982 -27.00 -55.72 0.87
CA GLN B 982 -26.24 -54.50 0.98
C GLN B 982 -24.83 -54.71 0.49
N LEU B 983 -24.22 -55.82 0.86
CA LEU B 983 -22.84 -56.05 0.46
C LEU B 983 -22.72 -56.21 -1.05
N LEU B 984 -23.65 -56.94 -1.68
CA LEU B 984 -23.51 -57.20 -3.11
C LEU B 984 -23.72 -55.94 -3.96
N ILE B 985 -24.84 -55.23 -3.75
CA ILE B 985 -25.10 -54.01 -4.51
C ILE B 985 -23.98 -52.99 -4.29
N THR B 986 -23.40 -52.96 -3.08
CA THR B 986 -22.38 -51.94 -2.79
C THR B 986 -21.05 -52.30 -3.39
N ILE B 987 -20.64 -53.56 -3.27
CA ILE B 987 -19.40 -54.00 -3.89
C ILE B 987 -19.47 -53.76 -5.38
N LEU B 988 -20.66 -53.90 -5.96
CA LEU B 988 -20.79 -53.69 -7.40
C LEU B 988 -20.76 -52.20 -7.76
N SER B 989 -21.55 -51.38 -7.08
CA SER B 989 -21.67 -49.98 -7.47
C SER B 989 -20.37 -49.24 -7.25
N THR B 990 -19.44 -49.83 -6.51
CA THR B 990 -18.15 -49.17 -6.33
C THR B 990 -17.03 -49.93 -7.02
N LEU B 991 -17.40 -50.95 -7.79
CA LEU B 991 -16.43 -51.70 -8.64
C LEU B 991 -16.65 -51.28 -10.10
N SER B 992 -17.82 -50.74 -10.42
CA SER B 992 -18.17 -50.33 -11.82
C SER B 992 -17.30 -49.18 -12.36
N LYS B 993 -16.89 -48.22 -11.52
CA LYS B 993 -16.17 -47.00 -11.99
C LYS B 993 -14.86 -47.33 -12.71
N LEU B 994 -14.21 -48.44 -12.39
CA LEU B 994 -12.88 -48.74 -12.99
C LEU B 994 -12.97 -48.85 -14.52
N LEU B 995 -14.03 -49.45 -15.07
CA LEU B 995 -14.14 -49.73 -16.53
C LEU B 995 -14.03 -48.47 -17.41
N ASP B 996 -13.62 -48.63 -18.67
CA ASP B 996 -13.49 -47.48 -19.62
C ASP B 996 -14.88 -46.98 -20.00
N PRO B 997 -15.04 -45.75 -20.54
CA PRO B 997 -16.39 -45.25 -20.81
C PRO B 997 -17.10 -46.19 -21.78
N GLY B 998 -16.40 -46.67 -22.81
CA GLY B 998 -16.98 -47.67 -23.73
C GLY B 998 -16.00 -48.81 -23.92
N SER B 999 -15.61 -49.10 -25.17
CA SER B 999 -14.54 -50.12 -25.42
C SER B 999 -15.10 -51.54 -25.45
N GLN B 1000 -16.41 -51.71 -25.20
CA GLN B 1000 -17.04 -53.05 -25.29
C GLN B 1000 -16.98 -53.76 -23.95
N GLN B 1001 -16.07 -53.36 -23.05
CA GLN B 1001 -16.12 -53.94 -21.69
C GLN B 1001 -17.42 -53.44 -21.09
N PHE B 1002 -17.70 -52.14 -21.29
CA PHE B 1002 -19.00 -51.57 -20.84
C PHE B 1002 -20.10 -52.23 -21.66
N LEU B 1003 -19.84 -52.47 -22.94
CA LEU B 1003 -20.84 -53.11 -23.84
C LEU B 1003 -21.33 -54.40 -23.19
N GLN B 1004 -20.43 -55.37 -23.01
CA GLN B 1004 -20.83 -56.60 -22.34
C GLN B 1004 -21.22 -56.31 -20.89
N PHE B 1005 -20.60 -55.30 -20.29
CA PHE B 1005 -20.94 -54.91 -18.92
C PHE B 1005 -22.39 -54.45 -18.80
N LEU B 1006 -22.72 -53.34 -19.47
CA LEU B 1006 -24.07 -52.80 -19.44
C LEU B 1006 -25.07 -53.86 -19.81
N THR B 1007 -24.67 -54.75 -20.73
CA THR B 1007 -25.51 -55.90 -21.04
C THR B 1007 -25.75 -56.73 -19.81
N TRP B 1008 -24.68 -57.07 -19.09
CA TRP B 1008 -24.81 -58.00 -17.98
C TRP B 1008 -25.64 -57.39 -16.87
N THR B 1009 -25.52 -56.09 -16.70
CA THR B 1009 -26.29 -55.41 -15.67
C THR B 1009 -27.76 -55.41 -16.03
N VAL B 1010 -28.06 -55.17 -17.32
CA VAL B 1010 -29.44 -55.21 -17.78
C VAL B 1010 -29.99 -56.60 -17.59
N LYS B 1011 -29.17 -57.60 -17.88
CA LYS B 1011 -29.61 -58.98 -17.74
C LYS B 1011 -29.87 -59.33 -16.30
N ILE B 1012 -28.85 -59.18 -15.45
CA ILE B 1012 -28.93 -59.55 -14.05
C ILE B 1012 -30.06 -58.81 -13.37
N CYS B 1013 -30.39 -57.62 -13.85
CA CYS B 1013 -31.55 -56.93 -13.34
C CYS B 1013 -32.83 -57.33 -14.05
N LYS B 1014 -32.73 -58.03 -15.18
CA LYS B 1014 -33.83 -58.08 -16.15
C LYS B 1014 -35.11 -58.62 -15.54
N GLU B 1015 -35.16 -59.90 -15.24
CA GLU B 1015 -36.44 -60.48 -14.88
C GLU B 1015 -36.54 -61.01 -13.46
N ASN B 1016 -35.66 -61.94 -13.08
CA ASN B 1016 -35.85 -62.73 -11.88
C ASN B 1016 -35.68 -61.90 -10.62
N ALA B 1017 -36.80 -61.64 -9.96
CA ALA B 1017 -36.91 -60.53 -9.04
C ALA B 1017 -37.48 -60.98 -7.70
N LEU B 1018 -36.86 -60.49 -6.61
CA LEU B 1018 -37.25 -60.79 -5.23
C LEU B 1018 -37.44 -59.49 -4.47
N GLU B 1019 -38.21 -59.56 -3.39
CA GLU B 1019 -38.92 -58.39 -2.88
C GLU B 1019 -38.46 -58.04 -1.47
N ASP B 1020 -37.15 -58.00 -1.26
CA ASP B 1020 -36.58 -57.61 0.01
C ASP B 1020 -36.91 -56.19 0.45
N LEU B 1021 -37.26 -55.32 -0.49
CA LEU B 1021 -37.55 -53.91 -0.28
C LEU B 1021 -36.31 -53.09 -0.02
N SER B 1022 -35.16 -53.73 0.17
CA SER B 1022 -33.92 -53.06 0.49
C SER B 1022 -32.77 -53.64 -0.33
N CYS B 1023 -33.03 -54.74 -1.02
CA CYS B 1023 -32.23 -55.05 -2.19
C CYS B 1023 -32.78 -54.35 -3.44
N CYS B 1024 -34.10 -54.12 -3.48
CA CYS B 1024 -34.73 -53.64 -4.71
C CYS B 1024 -34.39 -52.18 -4.98
N LYS B 1025 -34.42 -51.34 -3.94
CA LYS B 1025 -34.03 -49.95 -4.11
C LYS B 1025 -32.61 -49.87 -4.62
N GLY B 1026 -31.73 -50.70 -4.08
CA GLY B 1026 -30.37 -50.71 -4.53
C GLY B 1026 -30.22 -51.18 -5.95
N LEU B 1027 -31.06 -52.13 -6.38
CA LEU B 1027 -30.98 -52.61 -7.74
C LEU B 1027 -31.49 -51.57 -8.75
N LEU B 1028 -32.73 -51.11 -8.56
CA LEU B 1028 -33.33 -50.12 -9.46
C LEU B 1028 -32.48 -48.87 -9.55
N THR B 1029 -31.99 -48.37 -8.41
CA THR B 1029 -31.28 -47.09 -8.43
C THR B 1029 -29.77 -47.27 -8.43
N LEU B 1030 -29.29 -48.50 -8.59
CA LEU B 1030 -27.88 -48.69 -8.85
C LEU B 1030 -27.70 -49.34 -10.20
N LEU B 1031 -28.79 -49.41 -10.95
CA LEU B 1031 -28.69 -49.58 -12.39
C LEU B 1031 -29.23 -48.37 -13.14
N PHE B 1032 -30.17 -47.62 -12.53
CA PHE B 1032 -30.85 -46.54 -13.24
C PHE B 1032 -29.89 -45.44 -13.63
N SER B 1033 -28.69 -45.47 -13.08
CA SER B 1033 -27.56 -44.71 -13.57
C SER B 1033 -26.39 -45.61 -13.87
N LEU B 1034 -26.67 -46.78 -14.41
CA LEU B 1034 -25.63 -47.79 -14.60
C LEU B 1034 -24.65 -47.37 -15.67
N HIS B 1035 -23.64 -48.18 -15.86
CA HIS B 1035 -22.44 -47.74 -16.56
C HIS B 1035 -22.60 -47.46 -18.04
N VAL B 1042 -22.48 -44.20 -23.21
CA VAL B 1042 -23.83 -44.83 -23.29
C VAL B 1042 -24.82 -43.78 -23.78
N SER B 1043 -26.05 -44.20 -24.08
CA SER B 1043 -27.09 -43.26 -24.61
C SER B 1043 -27.83 -42.60 -23.45
N LEU B 1044 -28.90 -41.86 -23.74
CA LEU B 1044 -29.70 -41.24 -22.66
C LEU B 1044 -30.56 -42.38 -22.12
N LEU B 1045 -29.94 -43.27 -21.36
CA LEU B 1045 -30.64 -44.49 -20.89
C LEU B 1045 -31.86 -44.10 -20.08
N ARG B 1046 -31.77 -43.01 -19.31
CA ARG B 1046 -32.92 -42.67 -18.43
C ARG B 1046 -34.14 -42.50 -19.33
N GLU B 1047 -33.98 -41.85 -20.48
CA GLU B 1047 -35.11 -41.73 -21.42
C GLU B 1047 -35.49 -43.11 -21.98
N LEU B 1048 -34.49 -43.91 -22.40
CA LEU B 1048 -34.80 -45.19 -23.08
C LEU B 1048 -35.50 -46.20 -22.16
N ALA B 1049 -34.99 -46.41 -20.94
CA ALA B 1049 -35.56 -47.44 -20.04
C ALA B 1049 -36.63 -46.76 -19.20
N GLN B 1050 -36.85 -45.47 -19.45
CA GLN B 1050 -37.79 -44.71 -18.64
C GLN B 1050 -39.21 -45.13 -18.91
N ASP B 1051 -39.53 -45.55 -20.13
CA ASP B 1051 -40.92 -45.67 -20.50
C ASP B 1051 -41.58 -46.85 -19.79
N ILE B 1052 -41.20 -48.06 -20.16
CA ILE B 1052 -41.86 -49.24 -19.60
C ILE B 1052 -41.38 -49.47 -18.18
N HIS B 1053 -40.10 -49.15 -17.92
CA HIS B 1053 -39.58 -49.14 -16.56
C HIS B 1053 -40.36 -48.16 -15.69
N ALA B 1054 -40.84 -47.09 -16.29
CA ALA B 1054 -41.91 -46.37 -15.64
C ALA B 1054 -43.22 -47.13 -15.81
N CYS B 1055 -43.49 -47.57 -17.04
CA CYS B 1055 -44.82 -48.07 -17.36
C CYS B 1055 -45.17 -49.32 -16.57
N LEU B 1056 -44.15 -50.12 -16.20
CA LEU B 1056 -44.36 -51.25 -15.31
C LEU B 1056 -45.02 -50.78 -14.03
N GLY B 1057 -44.60 -49.64 -13.52
CA GLY B 1057 -45.33 -48.99 -12.46
C GLY B 1057 -46.52 -48.25 -13.00
N ASP B 1058 -47.35 -48.93 -13.78
CA ASP B 1058 -48.62 -48.38 -14.27
C ASP B 1058 -49.62 -48.47 -13.12
N ILE B 1059 -50.91 -48.34 -13.40
CA ILE B 1059 -51.85 -48.14 -12.31
C ILE B 1059 -52.05 -49.48 -11.62
N ASP B 1060 -51.20 -49.75 -10.63
CA ASP B 1060 -50.92 -51.10 -10.13
C ASP B 1060 -50.22 -51.94 -11.19
N GLN B 1061 -49.76 -51.31 -12.26
CA GLN B 1061 -49.44 -51.82 -13.59
C GLN B 1061 -50.65 -52.06 -14.48
N ASP B 1062 -51.86 -52.26 -13.91
CA ASP B 1062 -53.18 -52.15 -14.56
C ASP B 1062 -53.35 -52.76 -15.97
N VAL B 1063 -52.48 -53.68 -16.39
CA VAL B 1063 -52.31 -53.97 -17.81
C VAL B 1063 -51.87 -55.39 -18.14
N GLU B 1064 -51.59 -55.64 -19.42
CA GLU B 1064 -50.83 -56.81 -19.80
C GLU B 1064 -49.41 -56.70 -19.24
N ILE B 1065 -48.81 -57.86 -18.96
CA ILE B 1065 -47.62 -57.88 -18.12
C ILE B 1065 -46.41 -57.38 -18.87
N GLU B 1066 -45.71 -56.42 -18.27
CA GLU B 1066 -44.44 -55.92 -18.76
C GLU B 1066 -43.33 -56.75 -18.12
N SER B 1067 -42.11 -56.29 -18.29
CA SER B 1067 -40.98 -56.97 -17.68
C SER B 1067 -40.89 -56.59 -16.21
N ALA B 1151 -43.41 -53.09 -4.10
CA ALA B 1151 -44.31 -51.96 -4.02
C ALA B 1151 -43.75 -50.74 -4.75
N GLY B 1152 -44.52 -49.65 -4.75
CA GLY B 1152 -44.14 -48.48 -5.52
C GLY B 1152 -43.73 -47.30 -4.66
N SER B 1153 -44.18 -47.27 -3.40
CA SER B 1153 -43.78 -46.22 -2.48
C SER B 1153 -42.27 -46.23 -2.30
N CYS B 1154 -41.68 -47.41 -2.17
CA CYS B 1154 -40.22 -47.50 -2.12
C CYS B 1154 -39.62 -47.39 -3.52
N VAL B 1155 -40.44 -47.15 -4.54
CA VAL B 1155 -39.94 -47.20 -5.92
C VAL B 1155 -40.27 -45.94 -6.71
N ASP B 1156 -41.51 -45.45 -6.58
CA ASP B 1156 -41.90 -44.27 -7.34
C ASP B 1156 -41.04 -43.08 -6.97
N SER B 1157 -40.77 -42.92 -5.68
CA SER B 1157 -39.74 -41.98 -5.25
C SER B 1157 -38.40 -42.35 -5.87
N LEU B 1158 -38.13 -43.64 -6.02
CA LEU B 1158 -36.82 -44.07 -6.49
C LEU B 1158 -36.61 -43.71 -7.96
N LEU B 1159 -37.68 -43.39 -8.66
CA LEU B 1159 -37.57 -43.08 -10.09
C LEU B 1159 -37.79 -41.60 -10.38
N ARG B 1160 -38.57 -40.93 -9.53
CA ARG B 1160 -38.86 -39.53 -9.78
C ARG B 1160 -37.57 -38.72 -9.83
N SER B 1161 -36.52 -39.24 -9.21
CA SER B 1161 -35.24 -38.53 -9.20
C SER B 1161 -34.54 -38.63 -10.54
N LEU B 1162 -34.66 -39.77 -11.21
CA LEU B 1162 -34.16 -39.85 -12.56
C LEU B 1162 -34.92 -38.88 -13.45
N SER B 1163 -36.22 -38.72 -13.19
CA SER B 1163 -37.00 -37.74 -13.94
C SER B 1163 -36.52 -36.30 -13.67
N LYS B 1164 -36.16 -36.02 -12.43
CA LYS B 1164 -35.68 -34.69 -12.07
C LYS B 1164 -34.37 -34.37 -12.77
N THR B 1165 -33.38 -35.25 -12.64
CA THR B 1165 -32.05 -34.99 -13.26
C THR B 1165 -32.23 -34.60 -14.72
N TYR B 1166 -32.95 -35.40 -15.52
CA TYR B 1166 -33.03 -35.14 -16.98
C TYR B 1166 -33.66 -33.79 -17.34
N ALA B 1167 -34.77 -33.43 -16.69
CA ALA B 1167 -35.43 -32.17 -17.09
C ALA B 1167 -34.44 -31.04 -16.81
N ILE B 1168 -33.78 -31.13 -15.65
CA ILE B 1168 -32.85 -30.04 -15.24
C ILE B 1168 -31.72 -29.97 -16.27
N LEU B 1169 -31.19 -31.13 -16.68
CA LEU B 1169 -30.03 -31.13 -17.61
C LEU B 1169 -30.47 -30.48 -18.92
N THR B 1170 -31.66 -30.84 -19.40
CA THR B 1170 -32.13 -30.29 -20.70
C THR B 1170 -32.26 -28.77 -20.57
N SER B 1171 -32.86 -28.29 -19.47
CA SER B 1171 -33.06 -26.82 -19.31
C SER B 1171 -31.70 -26.12 -19.24
N LEU B 1172 -30.74 -26.69 -18.51
CA LEU B 1172 -29.41 -26.07 -18.34
C LEU B 1172 -28.68 -25.99 -19.68
N ILE B 1173 -28.79 -27.04 -20.50
CA ILE B 1173 -27.99 -27.02 -21.76
C ILE B 1173 -28.75 -26.18 -22.78
N LYS B 1174 -30.04 -25.95 -22.51
CA LYS B 1174 -30.85 -25.21 -23.47
C LYS B 1174 -30.70 -23.72 -23.28
N HIS B 1175 -29.92 -23.30 -22.28
CA HIS B 1175 -29.62 -21.89 -22.10
C HIS B 1175 -28.58 -21.43 -23.10
N TYR B 1176 -27.79 -22.37 -23.63
CA TYR B 1176 -26.98 -22.05 -24.78
C TYR B 1176 -27.84 -21.91 -26.03
N ILE B 1177 -29.16 -22.12 -25.90
CA ILE B 1177 -30.06 -22.13 -27.05
C ILE B 1177 -31.09 -21.01 -26.96
N GLN B 1178 -31.23 -20.40 -25.78
CA GLN B 1178 -31.91 -19.11 -25.75
C GLN B 1178 -31.17 -18.12 -26.63
N ALA B 1179 -29.88 -17.92 -26.34
CA ALA B 1179 -29.00 -17.18 -27.25
C ALA B 1179 -28.46 -18.08 -28.36
N CYS B 1180 -29.13 -19.21 -28.62
CA CYS B 1180 -28.82 -20.07 -29.76
C CYS B 1180 -30.12 -20.51 -30.41
N ARG B 1181 -30.61 -19.71 -31.35
CA ARG B 1181 -31.96 -19.89 -31.89
C ARG B 1181 -32.13 -21.21 -32.64
N SER B 1182 -31.20 -21.54 -33.55
CA SER B 1182 -31.25 -22.81 -34.27
C SER B 1182 -29.88 -23.15 -34.87
N THR B 1183 -29.15 -24.05 -34.23
CA THR B 1183 -27.98 -24.63 -34.86
C THR B 1183 -28.41 -25.78 -35.76
N SER B 1184 -27.42 -26.60 -36.15
CA SER B 1184 -27.74 -27.89 -36.75
C SER B 1184 -28.00 -28.95 -35.68
N ASN B 1185 -28.07 -28.54 -34.44
CA ASN B 1185 -28.44 -29.36 -33.30
C ASN B 1185 -29.50 -28.69 -32.43
N THR B 1186 -30.63 -28.28 -33.01
CA THR B 1186 -31.60 -27.52 -32.25
C THR B 1186 -32.88 -28.32 -32.01
N VAL B 1187 -33.10 -29.37 -32.78
CA VAL B 1187 -34.35 -30.14 -32.65
C VAL B 1187 -34.46 -30.96 -31.38
N PRO B 1188 -33.36 -31.32 -30.70
CA PRO B 1188 -33.46 -32.27 -29.58
C PRO B 1188 -34.32 -31.79 -28.44
N GLY B 1189 -34.48 -30.49 -28.27
CA GLY B 1189 -35.44 -29.99 -27.31
C GLY B 1189 -36.87 -30.37 -27.66
N ARG B 1190 -37.22 -30.27 -28.95
CA ARG B 1190 -38.55 -30.69 -29.39
C ARG B 1190 -38.67 -32.20 -29.30
N LEU B 1191 -37.54 -32.90 -29.35
CA LEU B 1191 -37.56 -34.36 -29.32
C LEU B 1191 -37.66 -34.93 -27.90
N GLU B 1192 -36.63 -34.71 -27.06
CA GLU B 1192 -36.51 -35.40 -25.77
C GLU B 1192 -37.67 -35.06 -24.85
N LYS B 1193 -38.22 -33.87 -25.00
CA LYS B 1193 -39.39 -33.49 -24.24
C LYS B 1193 -40.63 -34.27 -24.68
N LEU B 1194 -40.61 -34.83 -25.88
CA LEU B 1194 -41.72 -35.68 -26.29
C LEU B 1194 -41.76 -36.96 -25.45
N VAL B 1195 -40.63 -37.67 -25.38
CA VAL B 1195 -40.55 -38.86 -24.55
C VAL B 1195 -40.82 -38.49 -23.10
N LYS B 1196 -40.39 -37.29 -22.71
CA LYS B 1196 -40.69 -36.81 -21.37
C LYS B 1196 -42.19 -36.64 -21.16
N LEU B 1197 -42.88 -36.08 -22.14
CA LEU B 1197 -44.31 -35.84 -21.96
C LEU B 1197 -45.06 -37.15 -21.92
N SER B 1198 -44.64 -38.12 -22.75
CA SER B 1198 -45.29 -39.42 -22.73
C SER B 1198 -45.07 -40.11 -21.40
N GLY B 1199 -43.82 -40.08 -20.91
CA GLY B 1199 -43.51 -40.72 -19.65
C GLY B 1199 -44.24 -40.08 -18.50
N SER B 1200 -44.46 -38.77 -18.59
CA SER B 1200 -45.25 -38.11 -17.57
C SER B 1200 -46.72 -38.34 -17.81
N HIS B 1201 -47.08 -38.93 -18.95
CA HIS B 1201 -48.49 -39.15 -19.23
C HIS B 1201 -49.10 -40.12 -18.23
N LEU B 1202 -48.69 -41.38 -18.27
CA LEU B 1202 -49.36 -42.40 -17.48
C LEU B 1202 -48.90 -42.35 -16.03
N THR B 1203 -47.59 -42.39 -15.82
CA THR B 1203 -47.04 -42.11 -14.49
C THR B 1203 -47.61 -40.82 -13.95
N PRO B 1204 -47.92 -39.82 -14.75
CA PRO B 1204 -48.78 -38.74 -14.24
C PRO B 1204 -50.22 -39.14 -14.08
N GLN B 1205 -50.79 -39.89 -15.00
CA GLN B 1205 -52.22 -40.12 -14.98
C GLN B 1205 -52.62 -41.47 -14.39
N CYS B 1206 -51.88 -41.96 -13.40
CA CYS B 1206 -51.96 -43.38 -13.09
C CYS B 1206 -53.01 -43.68 -12.04
N TYR B 1207 -53.12 -42.83 -11.01
CA TYR B 1207 -53.69 -43.26 -9.74
C TYR B 1207 -55.18 -43.57 -9.84
N SER B 1208 -55.84 -43.11 -10.89
CA SER B 1208 -57.29 -43.28 -10.98
C SER B 1208 -57.66 -44.72 -11.34
N PHE B 1209 -56.68 -45.55 -11.65
CA PHE B 1209 -56.94 -46.94 -12.03
C PHE B 1209 -55.65 -47.63 -12.43
N THR B 1250 -50.34 -41.33 0.63
CA THR B 1250 -50.37 -39.94 1.05
C THR B 1250 -49.09 -39.24 0.65
N LYS B 1251 -47.95 -39.86 0.99
CA LYS B 1251 -46.66 -39.25 0.73
C LYS B 1251 -46.36 -39.01 -0.73
N PRO B 1252 -47.00 -39.71 -1.68
CA PRO B 1252 -46.51 -39.67 -3.06
C PRO B 1252 -46.82 -38.39 -3.81
N ILE B 1253 -47.99 -37.79 -3.59
CA ILE B 1253 -48.33 -36.55 -4.28
C ILE B 1253 -47.33 -35.44 -4.01
N PRO B 1254 -46.58 -35.46 -2.89
CA PRO B 1254 -45.64 -34.36 -2.62
C PRO B 1254 -44.48 -34.27 -3.59
N ASN B 1255 -43.73 -35.35 -3.78
CA ASN B 1255 -42.79 -35.38 -4.88
C ASN B 1255 -43.52 -35.25 -6.21
N LEU B 1256 -44.74 -35.79 -6.26
CA LEU B 1256 -45.54 -35.70 -7.46
C LEU B 1256 -45.92 -34.28 -7.77
N ILE B 1257 -46.48 -33.57 -6.80
CA ILE B 1257 -46.84 -32.17 -7.00
C ILE B 1257 -45.60 -31.35 -7.34
N PHE B 1258 -44.47 -31.67 -6.73
CA PHE B 1258 -43.26 -30.90 -7.00
C PHE B 1258 -42.80 -31.09 -8.44
N ALA B 1259 -42.76 -32.35 -8.90
CA ALA B 1259 -42.40 -32.60 -10.29
C ALA B 1259 -43.40 -31.96 -11.23
N ILE B 1260 -44.68 -31.92 -10.84
CA ILE B 1260 -45.72 -31.36 -11.70
C ILE B 1260 -45.54 -29.85 -11.82
N GLU B 1261 -45.09 -29.22 -10.74
CA GLU B 1261 -44.72 -27.82 -10.80
C GLU B 1261 -43.54 -27.60 -11.74
N GLN B 1262 -42.48 -28.39 -11.57
CA GLN B 1262 -41.30 -28.23 -12.41
C GLN B 1262 -41.63 -28.48 -13.87
N TYR B 1263 -42.59 -29.35 -14.14
CA TYR B 1263 -42.89 -29.74 -15.51
C TYR B 1263 -43.75 -28.72 -16.20
N GLU B 1264 -44.78 -28.20 -15.49
CA GLU B 1264 -45.48 -27.04 -16.00
C GLU B 1264 -44.51 -25.88 -16.24
N LYS B 1265 -43.48 -25.79 -15.41
CA LYS B 1265 -42.47 -24.75 -15.59
C LYS B 1265 -41.69 -24.95 -16.88
N PHE B 1266 -41.19 -26.16 -17.10
CA PHE B 1266 -40.47 -26.42 -18.33
C PHE B 1266 -41.35 -26.18 -19.54
N LEU B 1267 -42.66 -26.45 -19.39
CA LEU B 1267 -43.59 -26.28 -20.50
C LEU B 1267 -43.77 -24.81 -20.85
N ILE B 1268 -44.04 -23.97 -19.85
CA ILE B 1268 -44.13 -22.54 -20.10
C ILE B 1268 -42.81 -22.01 -20.65
N HIS B 1269 -41.70 -22.52 -20.12
CA HIS B 1269 -40.38 -22.02 -20.52
C HIS B 1269 -40.04 -22.45 -21.94
N LEU B 1270 -40.68 -23.50 -22.42
CA LEU B 1270 -40.63 -23.78 -23.85
C LEU B 1270 -41.61 -22.90 -24.61
N SER B 1271 -42.63 -22.38 -23.90
CA SER B 1271 -43.80 -21.77 -24.56
C SER B 1271 -43.44 -20.56 -25.42
N LYS B 1272 -42.30 -19.92 -25.15
CA LYS B 1272 -41.89 -18.77 -25.96
C LYS B 1272 -40.39 -18.68 -26.19
N LYS B 1273 -39.71 -19.79 -26.45
CA LYS B 1273 -38.25 -19.82 -26.35
C LYS B 1273 -37.55 -18.93 -27.38
N SER B 1274 -37.68 -19.25 -28.65
CA SER B 1274 -36.80 -18.63 -29.61
C SER B 1274 -35.49 -19.37 -29.58
#